data_3BN0
# 
_entry.id   3BN0 
# 
_audit_conform.dict_name       mmcif_pdbx.dic 
_audit_conform.dict_version    5.388 
_audit_conform.dict_location   http://mmcif.pdb.org/dictionaries/ascii/mmcif_pdbx.dic 
# 
loop_
_database_2.database_id 
_database_2.database_code 
_database_2.pdbx_database_accession 
_database_2.pdbx_DOI 
PDB   3BN0         pdb_00003bn0 10.2210/pdb3bn0/pdb 
RCSB  RCSB045718   ?            ?                   
WWPDB D_1000045718 ?            ?                   
# 
loop_
_pdbx_audit_revision_history.ordinal 
_pdbx_audit_revision_history.data_content_type 
_pdbx_audit_revision_history.major_revision 
_pdbx_audit_revision_history.minor_revision 
_pdbx_audit_revision_history.revision_date 
1 'Structure model' 1 0 2008-05-27 
2 'Structure model' 1 1 2011-07-13 
3 'Structure model' 1 2 2024-03-13 
# 
_pdbx_audit_revision_details.ordinal             1 
_pdbx_audit_revision_details.revision_ordinal    1 
_pdbx_audit_revision_details.data_content_type   'Structure model' 
_pdbx_audit_revision_details.provider            repository 
_pdbx_audit_revision_details.type                'Initial release' 
_pdbx_audit_revision_details.description         ? 
_pdbx_audit_revision_details.details             ? 
# 
loop_
_pdbx_audit_revision_group.ordinal 
_pdbx_audit_revision_group.revision_ordinal 
_pdbx_audit_revision_group.data_content_type 
_pdbx_audit_revision_group.group 
1 2 'Structure model' 'Non-polymer description'   
2 2 'Structure model' 'Version format compliance' 
3 3 'Structure model' 'Data collection'           
4 3 'Structure model' 'Database references'       
5 3 'Structure model' 'Derived calculations'      
# 
loop_
_pdbx_audit_revision_category.ordinal 
_pdbx_audit_revision_category.revision_ordinal 
_pdbx_audit_revision_category.data_content_type 
_pdbx_audit_revision_category.category 
1 3 'Structure model' chem_comp_atom 
2 3 'Structure model' chem_comp_bond 
3 3 'Structure model' database_2     
4 3 'Structure model' struct_site    
# 
loop_
_pdbx_audit_revision_item.ordinal 
_pdbx_audit_revision_item.revision_ordinal 
_pdbx_audit_revision_item.data_content_type 
_pdbx_audit_revision_item.item 
1 3 'Structure model' '_database_2.pdbx_DOI'                
2 3 'Structure model' '_database_2.pdbx_database_accession' 
3 3 'Structure model' '_struct_site.pdbx_auth_asym_id'      
4 3 'Structure model' '_struct_site.pdbx_auth_comp_id'      
5 3 'Structure model' '_struct_site.pdbx_auth_seq_id'       
# 
_pdbx_database_status.status_code                     REL 
_pdbx_database_status.entry_id                        3BN0 
_pdbx_database_status.recvd_initial_deposition_date   2007-12-13 
_pdbx_database_status.deposit_site                    RCSB 
_pdbx_database_status.process_site                    PDBJ 
_pdbx_database_status.status_code_sf                  REL 
_pdbx_database_status.status_code_mr                  ? 
_pdbx_database_status.SG_entry                        ? 
_pdbx_database_status.pdb_format_compatible           Y 
_pdbx_database_status.status_code_cs                  ? 
_pdbx_database_status.status_code_nmr_data            ? 
_pdbx_database_status.methods_development_category    ? 
# 
_pdbx_database_related.db_name        PDB 
_pdbx_database_related.db_id          1emw 
_pdbx_database_related.details        'SOLUTION STRUCTURE OF THE RIBOSOMAL PROTEIN S16 FROM THERMUS THERMOPHILUS' 
_pdbx_database_related.content_type   unspecified 
# 
loop_
_audit_author.name 
_audit_author.pdbx_ordinal 
'Pylypenko, O.' 1 
'Rak, A.'       2 
# 
_citation.id                        primary 
_citation.title                     
'Extreme temperature tolerance of a hyperthermophilic protein coupled to residual structure in the unfolded state' 
_citation.journal_abbrev            J.Mol.Biol. 
_citation.journal_volume            379 
_citation.page_first                845 
_citation.page_last                 858 
_citation.year                      2008 
_citation.journal_id_ASTM           JMOBAK 
_citation.country                   UK 
_citation.journal_id_ISSN           0022-2836 
_citation.journal_id_CSD            0070 
_citation.book_publisher            ? 
_citation.pdbx_database_id_PubMed   18471828 
_citation.pdbx_database_id_DOI      10.1016/j.jmb.2008.04.007 
# 
loop_
_citation_author.citation_id 
_citation_author.name 
_citation_author.ordinal 
_citation_author.identifier_ORCID 
primary 'Wallgren, M.'       1 ? 
primary 'Aden, J.'           2 ? 
primary 'Pylypenko, O.'      3 ? 
primary 'Mikaelsson, T.'     4 ? 
primary 'Johansson, L.B.-A.' 5 ? 
primary 'Rak, A.'            6 ? 
primary 'Wolf-Watz, M.'      7 ? 
# 
loop_
_entity.id 
_entity.type 
_entity.src_method 
_entity.pdbx_description 
_entity.formula_weight 
_entity.pdbx_number_of_molecules 
_entity.pdbx_ec 
_entity.pdbx_mutation 
_entity.pdbx_fragment 
_entity.details 
1 polymer     man '30S ribosomal protein S16' 13067.429 1  ? ? ? ? 
2 non-polymer syn GLYCEROL                    92.094    1  ? ? ? ? 
3 water       nat water                       18.015    71 ? ? ? ? 
# 
_entity_poly.entity_id                      1 
_entity_poly.type                           'polypeptide(L)' 
_entity_poly.nstd_linkage                   no 
_entity_poly.nstd_monomer                   no 
_entity_poly.pdbx_seq_one_letter_code       
;MAVRIRLAKFGRKHHPIYRIVVMDAKSPREGKYIDILGTYDPKRKVLINVYPEKVKEWVLKGVELSHRAKAILWNHGILK
EVVPEGYEMKRVGDYYVFEKRESKKSKGGEAA
;
_entity_poly.pdbx_seq_one_letter_code_can   
;MAVRIRLAKFGRKHHPIYRIVVMDAKSPREGKYIDILGTYDPKRKVLINVYPEKVKEWVLKGVELSHRAKAILWNHGILK
EVVPEGYEMKRVGDYYVFEKRESKKSKGGEAA
;
_entity_poly.pdbx_strand_id                 A 
_entity_poly.pdbx_target_identifier         ? 
# 
loop_
_pdbx_entity_nonpoly.entity_id 
_pdbx_entity_nonpoly.name 
_pdbx_entity_nonpoly.comp_id 
2 GLYCEROL GOL 
3 water    HOH 
# 
loop_
_entity_poly_seq.entity_id 
_entity_poly_seq.num 
_entity_poly_seq.mon_id 
_entity_poly_seq.hetero 
1 1   MET n 
1 2   ALA n 
1 3   VAL n 
1 4   ARG n 
1 5   ILE n 
1 6   ARG n 
1 7   LEU n 
1 8   ALA n 
1 9   LYS n 
1 10  PHE n 
1 11  GLY n 
1 12  ARG n 
1 13  LYS n 
1 14  HIS n 
1 15  HIS n 
1 16  PRO n 
1 17  ILE n 
1 18  TYR n 
1 19  ARG n 
1 20  ILE n 
1 21  VAL n 
1 22  VAL n 
1 23  MET n 
1 24  ASP n 
1 25  ALA n 
1 26  LYS n 
1 27  SER n 
1 28  PRO n 
1 29  ARG n 
1 30  GLU n 
1 31  GLY n 
1 32  LYS n 
1 33  TYR n 
1 34  ILE n 
1 35  ASP n 
1 36  ILE n 
1 37  LEU n 
1 38  GLY n 
1 39  THR n 
1 40  TYR n 
1 41  ASP n 
1 42  PRO n 
1 43  LYS n 
1 44  ARG n 
1 45  LYS n 
1 46  VAL n 
1 47  LEU n 
1 48  ILE n 
1 49  ASN n 
1 50  VAL n 
1 51  TYR n 
1 52  PRO n 
1 53  GLU n 
1 54  LYS n 
1 55  VAL n 
1 56  LYS n 
1 57  GLU n 
1 58  TRP n 
1 59  VAL n 
1 60  LEU n 
1 61  LYS n 
1 62  GLY n 
1 63  VAL n 
1 64  GLU n 
1 65  LEU n 
1 66  SER n 
1 67  HIS n 
1 68  ARG n 
1 69  ALA n 
1 70  LYS n 
1 71  ALA n 
1 72  ILE n 
1 73  LEU n 
1 74  TRP n 
1 75  ASN n 
1 76  HIS n 
1 77  GLY n 
1 78  ILE n 
1 79  LEU n 
1 80  LYS n 
1 81  GLU n 
1 82  VAL n 
1 83  VAL n 
1 84  PRO n 
1 85  GLU n 
1 86  GLY n 
1 87  TYR n 
1 88  GLU n 
1 89  MET n 
1 90  LYS n 
1 91  ARG n 
1 92  VAL n 
1 93  GLY n 
1 94  ASP n 
1 95  TYR n 
1 96  TYR n 
1 97  VAL n 
1 98  PHE n 
1 99  GLU n 
1 100 LYS n 
1 101 ARG n 
1 102 GLU n 
1 103 SER n 
1 104 LYS n 
1 105 LYS n 
1 106 SER n 
1 107 LYS n 
1 108 GLY n 
1 109 GLY n 
1 110 GLU n 
1 111 ALA n 
1 112 ALA n 
# 
_entity_src_gen.entity_id                          1 
_entity_src_gen.pdbx_src_id                        1 
_entity_src_gen.pdbx_alt_source_flag               sample 
_entity_src_gen.pdbx_seq_type                      ? 
_entity_src_gen.pdbx_beg_seq_num                   ? 
_entity_src_gen.pdbx_end_seq_num                   ? 
_entity_src_gen.gene_src_common_name               ? 
_entity_src_gen.gene_src_genus                     ? 
_entity_src_gen.pdbx_gene_src_gene                 rpsP 
_entity_src_gen.gene_src_species                   ? 
_entity_src_gen.gene_src_strain                    ? 
_entity_src_gen.gene_src_tissue                    ? 
_entity_src_gen.gene_src_tissue_fraction           ? 
_entity_src_gen.gene_src_details                   ? 
_entity_src_gen.pdbx_gene_src_fragment             ? 
_entity_src_gen.pdbx_gene_src_scientific_name      'Aquifex aeolicus' 
_entity_src_gen.pdbx_gene_src_ncbi_taxonomy_id     63363 
_entity_src_gen.pdbx_gene_src_variant              ? 
_entity_src_gen.pdbx_gene_src_cell_line            ? 
_entity_src_gen.pdbx_gene_src_atcc                 ? 
_entity_src_gen.pdbx_gene_src_organ                ? 
_entity_src_gen.pdbx_gene_src_organelle            ? 
_entity_src_gen.pdbx_gene_src_cell                 ? 
_entity_src_gen.pdbx_gene_src_cellular_location    ? 
_entity_src_gen.host_org_common_name               ? 
_entity_src_gen.pdbx_host_org_scientific_name      'Escherichia coli' 
_entity_src_gen.pdbx_host_org_ncbi_taxonomy_id     562 
_entity_src_gen.host_org_genus                     ? 
_entity_src_gen.pdbx_host_org_gene                 ? 
_entity_src_gen.pdbx_host_org_organ                ? 
_entity_src_gen.host_org_species                   ? 
_entity_src_gen.pdbx_host_org_tissue               ? 
_entity_src_gen.pdbx_host_org_tissue_fraction      ? 
_entity_src_gen.pdbx_host_org_strain               'RosettaTM 2 (DE3)' 
_entity_src_gen.pdbx_host_org_variant              ? 
_entity_src_gen.pdbx_host_org_cell_line            ? 
_entity_src_gen.pdbx_host_org_atcc                 ? 
_entity_src_gen.pdbx_host_org_culture_collection   ? 
_entity_src_gen.pdbx_host_org_cell                 ? 
_entity_src_gen.pdbx_host_org_organelle            ? 
_entity_src_gen.pdbx_host_org_cellular_location    ? 
_entity_src_gen.pdbx_host_org_vector_type          plasmid 
_entity_src_gen.pdbx_host_org_vector               ? 
_entity_src_gen.host_org_details                   ? 
_entity_src_gen.expression_system_id               ? 
_entity_src_gen.plasmid_name                       pET-3a 
_entity_src_gen.plasmid_details                    ? 
_entity_src_gen.pdbx_description                   ? 
# 
loop_
_chem_comp.id 
_chem_comp.type 
_chem_comp.mon_nstd_flag 
_chem_comp.name 
_chem_comp.pdbx_synonyms 
_chem_comp.formula 
_chem_comp.formula_weight 
ALA 'L-peptide linking' y ALANINE         ?                               'C3 H7 N O2'     89.093  
ARG 'L-peptide linking' y ARGININE        ?                               'C6 H15 N4 O2 1' 175.209 
ASN 'L-peptide linking' y ASPARAGINE      ?                               'C4 H8 N2 O3'    132.118 
ASP 'L-peptide linking' y 'ASPARTIC ACID' ?                               'C4 H7 N O4'     133.103 
GLU 'L-peptide linking' y 'GLUTAMIC ACID' ?                               'C5 H9 N O4'     147.129 
GLY 'peptide linking'   y GLYCINE         ?                               'C2 H5 N O2'     75.067  
GOL non-polymer         . GLYCEROL        'GLYCERIN; PROPANE-1,2,3-TRIOL' 'C3 H8 O3'       92.094  
HIS 'L-peptide linking' y HISTIDINE       ?                               'C6 H10 N3 O2 1' 156.162 
HOH non-polymer         . WATER           ?                               'H2 O'           18.015  
ILE 'L-peptide linking' y ISOLEUCINE      ?                               'C6 H13 N O2'    131.173 
LEU 'L-peptide linking' y LEUCINE         ?                               'C6 H13 N O2'    131.173 
LYS 'L-peptide linking' y LYSINE          ?                               'C6 H15 N2 O2 1' 147.195 
MET 'L-peptide linking' y METHIONINE      ?                               'C5 H11 N O2 S'  149.211 
PHE 'L-peptide linking' y PHENYLALANINE   ?                               'C9 H11 N O2'    165.189 
PRO 'L-peptide linking' y PROLINE         ?                               'C5 H9 N O2'     115.130 
SER 'L-peptide linking' y SERINE          ?                               'C3 H7 N O3'     105.093 
THR 'L-peptide linking' y THREONINE       ?                               'C4 H9 N O3'     119.119 
TRP 'L-peptide linking' y TRYPTOPHAN      ?                               'C11 H12 N2 O2'  204.225 
TYR 'L-peptide linking' y TYROSINE        ?                               'C9 H11 N O3'    181.189 
VAL 'L-peptide linking' y VALINE          ?                               'C5 H11 N O2'    117.146 
# 
loop_
_pdbx_poly_seq_scheme.asym_id 
_pdbx_poly_seq_scheme.entity_id 
_pdbx_poly_seq_scheme.seq_id 
_pdbx_poly_seq_scheme.mon_id 
_pdbx_poly_seq_scheme.ndb_seq_num 
_pdbx_poly_seq_scheme.pdb_seq_num 
_pdbx_poly_seq_scheme.auth_seq_num 
_pdbx_poly_seq_scheme.pdb_mon_id 
_pdbx_poly_seq_scheme.auth_mon_id 
_pdbx_poly_seq_scheme.pdb_strand_id 
_pdbx_poly_seq_scheme.pdb_ins_code 
_pdbx_poly_seq_scheme.hetero 
A 1 1   MET 1   1   ?   ?   ?   A . n 
A 1 2   ALA 2   2   2   ALA ALA A . n 
A 1 3   VAL 3   3   3   VAL VAL A . n 
A 1 4   ARG 4   4   4   ARG ARG A . n 
A 1 5   ILE 5   5   5   ILE ILE A . n 
A 1 6   ARG 6   6   6   ARG ARG A . n 
A 1 7   LEU 7   7   7   LEU LEU A . n 
A 1 8   ALA 8   8   8   ALA ALA A . n 
A 1 9   LYS 9   9   9   LYS LYS A . n 
A 1 10  PHE 10  10  10  PHE PHE A . n 
A 1 11  GLY 11  11  11  GLY GLY A . n 
A 1 12  ARG 12  12  12  ARG ARG A . n 
A 1 13  LYS 13  13  13  LYS LYS A . n 
A 1 14  HIS 14  14  14  HIS HIS A . n 
A 1 15  HIS 15  15  15  HIS HIS A . n 
A 1 16  PRO 16  16  16  PRO PRO A . n 
A 1 17  ILE 17  17  17  ILE ILE A . n 
A 1 18  TYR 18  18  18  TYR TYR A . n 
A 1 19  ARG 19  19  19  ARG ARG A . n 
A 1 20  ILE 20  20  20  ILE ILE A . n 
A 1 21  VAL 21  21  21  VAL VAL A . n 
A 1 22  VAL 22  22  22  VAL VAL A . n 
A 1 23  MET 23  23  23  MET MET A . n 
A 1 24  ASP 24  24  24  ASP ASP A . n 
A 1 25  ALA 25  25  25  ALA ALA A . n 
A 1 26  LYS 26  26  ?   ?   ?   A . n 
A 1 27  SER 27  27  ?   ?   ?   A . n 
A 1 28  PRO 28  28  ?   ?   ?   A . n 
A 1 29  ARG 29  29  ?   ?   ?   A . n 
A 1 30  GLU 30  30  ?   ?   ?   A . n 
A 1 31  GLY 31  31  ?   ?   ?   A . n 
A 1 32  LYS 32  32  32  LYS LYS A . n 
A 1 33  TYR 33  33  33  TYR TYR A . n 
A 1 34  ILE 34  34  34  ILE ILE A . n 
A 1 35  ASP 35  35  35  ASP ASP A . n 
A 1 36  ILE 36  36  36  ILE ILE A . n 
A 1 37  LEU 37  37  37  LEU LEU A . n 
A 1 38  GLY 38  38  38  GLY GLY A . n 
A 1 39  THR 39  39  39  THR THR A . n 
A 1 40  TYR 40  40  40  TYR TYR A . n 
A 1 41  ASP 41  41  41  ASP ASP A . n 
A 1 42  PRO 42  42  42  PRO PRO A . n 
A 1 43  LYS 43  43  43  LYS LYS A . n 
A 1 44  ARG 44  44  44  ARG ARG A . n 
A 1 45  LYS 45  45  45  LYS LYS A . n 
A 1 46  VAL 46  46  46  VAL VAL A . n 
A 1 47  LEU 47  47  47  LEU LEU A . n 
A 1 48  ILE 48  48  48  ILE ILE A . n 
A 1 49  ASN 49  49  49  ASN ASN A . n 
A 1 50  VAL 50  50  50  VAL VAL A . n 
A 1 51  TYR 51  51  51  TYR TYR A . n 
A 1 52  PRO 52  52  52  PRO PRO A . n 
A 1 53  GLU 53  53  53  GLU GLU A . n 
A 1 54  LYS 54  54  54  LYS LYS A . n 
A 1 55  VAL 55  55  55  VAL VAL A . n 
A 1 56  LYS 56  56  56  LYS LYS A . n 
A 1 57  GLU 57  57  57  GLU GLU A . n 
A 1 58  TRP 58  58  58  TRP TRP A . n 
A 1 59  VAL 59  59  59  VAL VAL A . n 
A 1 60  LEU 60  60  60  LEU LEU A . n 
A 1 61  LYS 61  61  61  LYS LYS A . n 
A 1 62  GLY 62  62  62  GLY GLY A . n 
A 1 63  VAL 63  63  63  VAL VAL A . n 
A 1 64  GLU 64  64  64  GLU GLU A . n 
A 1 65  LEU 65  65  65  LEU LEU A . n 
A 1 66  SER 66  66  66  SER SER A . n 
A 1 67  HIS 67  67  67  HIS HIS A . n 
A 1 68  ARG 68  68  68  ARG ARG A . n 
A 1 69  ALA 69  69  69  ALA ALA A . n 
A 1 70  LYS 70  70  70  LYS LYS A . n 
A 1 71  ALA 71  71  71  ALA ALA A . n 
A 1 72  ILE 72  72  72  ILE ILE A . n 
A 1 73  LEU 73  73  73  LEU LEU A . n 
A 1 74  TRP 74  74  74  TRP TRP A . n 
A 1 75  ASN 75  75  75  ASN ASN A . n 
A 1 76  HIS 76  76  76  HIS HIS A . n 
A 1 77  GLY 77  77  77  GLY GLY A . n 
A 1 78  ILE 78  78  78  ILE ILE A . n 
A 1 79  LEU 79  79  79  LEU LEU A . n 
A 1 80  LYS 80  80  80  LYS LYS A . n 
A 1 81  GLU 81  81  81  GLU GLU A . n 
A 1 82  VAL 82  82  82  VAL VAL A . n 
A 1 83  VAL 83  83  83  VAL VAL A . n 
A 1 84  PRO 84  84  84  PRO PRO A . n 
A 1 85  GLU 85  85  85  GLU ALA A . n 
A 1 86  GLY 86  86  86  GLY GLY A . n 
A 1 87  TYR 87  87  87  TYR TYR A . n 
A 1 88  GLU 88  88  88  GLU GLU A . n 
A 1 89  MET 89  89  89  MET MET A . n 
A 1 90  LYS 90  90  90  LYS LYS A . n 
A 1 91  ARG 91  91  91  ARG ARG A . n 
A 1 92  VAL 92  92  92  VAL VAL A . n 
A 1 93  GLY 93  93  93  GLY GLY A . n 
A 1 94  ASP 94  94  94  ASP ASP A . n 
A 1 95  TYR 95  95  95  TYR TYR A . n 
A 1 96  TYR 96  96  96  TYR TYR A . n 
A 1 97  VAL 97  97  97  VAL VAL A . n 
A 1 98  PHE 98  98  98  PHE PHE A . n 
A 1 99  GLU 99  99  99  GLU GLU A . n 
A 1 100 LYS 100 100 100 LYS LYS A . n 
A 1 101 ARG 101 101 101 ARG ARG A . n 
A 1 102 GLU 102 102 102 GLU ALA A . n 
A 1 103 SER 103 103 ?   ?   ?   A . n 
A 1 104 LYS 104 104 ?   ?   ?   A . n 
A 1 105 LYS 105 105 ?   ?   ?   A . n 
A 1 106 SER 106 106 ?   ?   ?   A . n 
A 1 107 LYS 107 107 ?   ?   ?   A . n 
A 1 108 GLY 108 108 ?   ?   ?   A . n 
A 1 109 GLY 109 109 ?   ?   ?   A . n 
A 1 110 GLU 110 110 ?   ?   ?   A . n 
A 1 111 ALA 111 111 ?   ?   ?   A . n 
A 1 112 ALA 112 112 ?   ?   ?   A . n 
# 
loop_
_pdbx_nonpoly_scheme.asym_id 
_pdbx_nonpoly_scheme.entity_id 
_pdbx_nonpoly_scheme.mon_id 
_pdbx_nonpoly_scheme.ndb_seq_num 
_pdbx_nonpoly_scheme.pdb_seq_num 
_pdbx_nonpoly_scheme.auth_seq_num 
_pdbx_nonpoly_scheme.pdb_mon_id 
_pdbx_nonpoly_scheme.auth_mon_id 
_pdbx_nonpoly_scheme.pdb_strand_id 
_pdbx_nonpoly_scheme.pdb_ins_code 
B 2 GOL 1  200 200 GOL GOL A . 
C 3 HOH 1  201 1   HOH HOH A . 
C 3 HOH 2  202 2   HOH HOH A . 
C 3 HOH 3  203 3   HOH HOH A . 
C 3 HOH 4  204 4   HOH HOH A . 
C 3 HOH 5  205 5   HOH HOH A . 
C 3 HOH 6  206 6   HOH HOH A . 
C 3 HOH 7  207 7   HOH HOH A . 
C 3 HOH 8  208 8   HOH HOH A . 
C 3 HOH 9  209 9   HOH HOH A . 
C 3 HOH 10 210 10  HOH HOH A . 
C 3 HOH 11 211 11  HOH HOH A . 
C 3 HOH 12 212 12  HOH HOH A . 
C 3 HOH 13 213 13  HOH HOH A . 
C 3 HOH 14 214 14  HOH HOH A . 
C 3 HOH 15 215 15  HOH HOH A . 
C 3 HOH 16 216 16  HOH HOH A . 
C 3 HOH 17 217 17  HOH HOH A . 
C 3 HOH 18 218 18  HOH HOH A . 
C 3 HOH 19 219 19  HOH HOH A . 
C 3 HOH 20 220 20  HOH HOH A . 
C 3 HOH 21 221 21  HOH HOH A . 
C 3 HOH 22 222 22  HOH HOH A . 
C 3 HOH 23 223 23  HOH HOH A . 
C 3 HOH 24 224 24  HOH HOH A . 
C 3 HOH 25 225 26  HOH HOH A . 
C 3 HOH 26 226 27  HOH HOH A . 
C 3 HOH 27 227 28  HOH HOH A . 
C 3 HOH 28 228 30  HOH HOH A . 
C 3 HOH 29 229 31  HOH HOH A . 
C 3 HOH 30 230 32  HOH HOH A . 
C 3 HOH 31 231 33  HOH HOH A . 
C 3 HOH 32 232 34  HOH HOH A . 
C 3 HOH 33 233 35  HOH HOH A . 
C 3 HOH 34 234 36  HOH HOH A . 
C 3 HOH 35 235 37  HOH HOH A . 
C 3 HOH 36 236 39  HOH HOH A . 
C 3 HOH 37 237 40  HOH HOH A . 
C 3 HOH 38 238 42  HOH HOH A . 
C 3 HOH 39 239 43  HOH HOH A . 
C 3 HOH 40 240 44  HOH HOH A . 
C 3 HOH 41 241 45  HOH HOH A . 
C 3 HOH 42 242 49  HOH HOH A . 
C 3 HOH 43 243 50  HOH HOH A . 
C 3 HOH 44 244 51  HOH HOH A . 
C 3 HOH 45 245 53  HOH HOH A . 
C 3 HOH 46 246 54  HOH HOH A . 
C 3 HOH 47 247 55  HOH HOH A . 
C 3 HOH 48 248 56  HOH HOH A . 
C 3 HOH 49 249 59  HOH HOH A . 
C 3 HOH 50 250 64  HOH HOH A . 
C 3 HOH 51 251 65  HOH HOH A . 
C 3 HOH 52 252 66  HOH HOH A . 
C 3 HOH 53 253 67  HOH HOH A . 
C 3 HOH 54 254 68  HOH HOH A . 
C 3 HOH 55 255 69  HOH HOH A . 
C 3 HOH 56 256 70  HOH HOH A . 
C 3 HOH 57 257 72  HOH HOH A . 
C 3 HOH 58 258 73  HOH HOH A . 
C 3 HOH 59 259 74  HOH HOH A . 
C 3 HOH 60 260 75  HOH HOH A . 
C 3 HOH 61 261 77  HOH HOH A . 
C 3 HOH 62 262 78  HOH HOH A . 
C 3 HOH 63 263 79  HOH HOH A . 
C 3 HOH 64 264 80  HOH HOH A . 
C 3 HOH 65 265 81  HOH HOH A . 
C 3 HOH 66 266 82  HOH HOH A . 
C 3 HOH 67 267 83  HOH HOH A . 
C 3 HOH 68 268 84  HOH HOH A . 
C 3 HOH 69 269 85  HOH HOH A . 
C 3 HOH 70 270 86  HOH HOH A . 
C 3 HOH 71 271 87  HOH HOH A . 
# 
loop_
_pdbx_unobs_or_zero_occ_atoms.id 
_pdbx_unobs_or_zero_occ_atoms.PDB_model_num 
_pdbx_unobs_or_zero_occ_atoms.polymer_flag 
_pdbx_unobs_or_zero_occ_atoms.occupancy_flag 
_pdbx_unobs_or_zero_occ_atoms.auth_asym_id 
_pdbx_unobs_or_zero_occ_atoms.auth_comp_id 
_pdbx_unobs_or_zero_occ_atoms.auth_seq_id 
_pdbx_unobs_or_zero_occ_atoms.PDB_ins_code 
_pdbx_unobs_or_zero_occ_atoms.auth_atom_id 
_pdbx_unobs_or_zero_occ_atoms.label_alt_id 
_pdbx_unobs_or_zero_occ_atoms.label_asym_id 
_pdbx_unobs_or_zero_occ_atoms.label_comp_id 
_pdbx_unobs_or_zero_occ_atoms.label_seq_id 
_pdbx_unobs_or_zero_occ_atoms.label_atom_id 
1 1 Y 1 A GLU 85  ? CG  ? A GLU 85  CG  
2 1 Y 1 A GLU 85  ? CD  ? A GLU 85  CD  
3 1 Y 1 A GLU 85  ? OE1 ? A GLU 85  OE1 
4 1 Y 1 A GLU 85  ? OE2 ? A GLU 85  OE2 
5 1 Y 1 A GLU 102 ? CG  ? A GLU 102 CG  
6 1 Y 1 A GLU 102 ? CD  ? A GLU 102 CD  
7 1 Y 1 A GLU 102 ? OE1 ? A GLU 102 OE1 
8 1 Y 1 A GLU 102 ? OE2 ? A GLU 102 OE2 
# 
loop_
_software.name 
_software.classification 
_software.version 
_software.citation_id 
_software.pdbx_ordinal 
REFMAC refinement       5.2.0005 ? 1 
XDS    'data scaling'   .        ? 2 
XDS    'data reduction' .        ? 3 
CNS    phasing          .        ? 4 
# 
_cell.entry_id           3BN0 
_cell.length_a           54.500 
_cell.length_b           54.500 
_cell.length_c           74.900 
_cell.angle_alpha        90.00 
_cell.angle_beta         90.00 
_cell.angle_gamma        120.00 
_cell.Z_PDB              6 
_cell.pdbx_unique_axis   ? 
_cell.length_a_esd       ? 
_cell.length_b_esd       ? 
_cell.length_c_esd       ? 
_cell.angle_alpha_esd    ? 
_cell.angle_beta_esd     ? 
_cell.angle_gamma_esd    ? 
# 
_symmetry.entry_id                         3BN0 
_symmetry.space_group_name_H-M             'P 31 2 1' 
_symmetry.pdbx_full_space_group_name_H-M   ? 
_symmetry.cell_setting                     ? 
_symmetry.Int_Tables_number                152 
_symmetry.space_group_name_Hall            ? 
# 
_exptl.entry_id          3BN0 
_exptl.method            'X-RAY DIFFRACTION' 
_exptl.crystals_number   1 
# 
_exptl_crystal.id                    1 
_exptl_crystal.density_meas          ? 
_exptl_crystal.density_Matthews      2.46 
_exptl_crystal.density_percent_sol   49.95 
_exptl_crystal.description           ? 
_exptl_crystal.F_000                 ? 
_exptl_crystal.preparation           ? 
# 
_exptl_crystal_grow.crystal_id      1 
_exptl_crystal_grow.method          'VAPOR DIFFUSION, HANGING DROP' 
_exptl_crystal_grow.temp            293 
_exptl_crystal_grow.temp_details    ? 
_exptl_crystal_grow.pH              7 
_exptl_crystal_grow.pdbx_details    '20% PEG 2000 MME, 100mM Tris pH 6-7, VAPOR DIFFUSION, HANGING DROP, temperature 293K' 
_exptl_crystal_grow.pdbx_pH_range   . 
# 
_diffrn.id                     1 
_diffrn.ambient_temp           100 
_diffrn.ambient_temp_details   ? 
_diffrn.crystal_id             1 
# 
_diffrn_detector.diffrn_id              1 
_diffrn_detector.detector               CCD 
_diffrn_detector.type                   'MARMOSAIC 225 mm CCD' 
_diffrn_detector.pdbx_collection_date   ? 
_diffrn_detector.details                ? 
# 
_diffrn_radiation.diffrn_id                        1 
_diffrn_radiation.wavelength_id                    1 
_diffrn_radiation.pdbx_monochromatic_or_laue_m_l   M 
_diffrn_radiation.monochromator                    ? 
_diffrn_radiation.pdbx_diffrn_protocol             'SINGLE WAVELENGTH' 
_diffrn_radiation.pdbx_scattering_type             x-ray 
# 
_diffrn_radiation_wavelength.id           1 
_diffrn_radiation_wavelength.wavelength   0.97919 
_diffrn_radiation_wavelength.wt           1.0 
# 
_diffrn_source.diffrn_id                   1 
_diffrn_source.source                      SYNCHROTRON 
_diffrn_source.type                        'SLS BEAMLINE X10SA' 
_diffrn_source.pdbx_synchrotron_site       SLS 
_diffrn_source.pdbx_synchrotron_beamline   X10SA 
_diffrn_source.pdbx_wavelength             ? 
_diffrn_source.pdbx_wavelength_list        0.97919 
# 
_reflns.entry_id                     3BN0 
_reflns.observed_criterion_sigma_F   -3 
_reflns.observed_criterion_sigma_I   -3 
_reflns.d_resolution_high            2.0 
_reflns.d_resolution_low             10.0 
_reflns.number_all                   9015 
_reflns.number_obs                   9015 
_reflns.percent_possible_obs         99.1 
_reflns.pdbx_Rmerge_I_obs            0.058 
_reflns.pdbx_Rsym_value              0.041 
_reflns.pdbx_netI_over_sigmaI        17.55 
_reflns.B_iso_Wilson_estimate        37 
_reflns.pdbx_redundancy              3.5 
_reflns.R_free_details               ? 
_reflns.limit_h_max                  ? 
_reflns.limit_h_min                  ? 
_reflns.limit_k_max                  ? 
_reflns.limit_k_min                  ? 
_reflns.limit_l_max                  ? 
_reflns.limit_l_min                  ? 
_reflns.observed_criterion_F_max     ? 
_reflns.observed_criterion_F_min     ? 
_reflns.pdbx_chi_squared             ? 
_reflns.pdbx_scaling_rejects         ? 
_reflns.pdbx_ordinal                 1 
_reflns.pdbx_diffrn_id               1 
# 
_reflns_shell.d_res_high             2.0 
_reflns_shell.d_res_low              2.1 
_reflns_shell.percent_possible_all   99.8 
_reflns_shell.Rmerge_I_obs           0.25 
_reflns_shell.pdbx_Rsym_value        0.197 
_reflns_shell.meanI_over_sigI_obs    5.71 
_reflns_shell.pdbx_redundancy        3.6 
_reflns_shell.percent_possible_obs   ? 
_reflns_shell.number_unique_all      ? 
_reflns_shell.number_measured_all    ? 
_reflns_shell.number_measured_obs    ? 
_reflns_shell.number_unique_obs      ? 
_reflns_shell.pdbx_chi_squared       ? 
_reflns_shell.pdbx_ordinal           1 
_reflns_shell.pdbx_diffrn_id         1 
# 
_refine.entry_id                                 3BN0 
_refine.ls_number_reflns_obs                     8461 
_refine.ls_number_reflns_all                     8461 
_refine.pdbx_ls_sigma_I                          ? 
_refine.pdbx_ls_sigma_F                          0 
_refine.pdbx_data_cutoff_high_absF               ? 
_refine.pdbx_data_cutoff_low_absF                ? 
_refine.pdbx_data_cutoff_high_rms_absF           ? 
_refine.ls_d_res_low                             8.00 
_refine.ls_d_res_high                            2.00 
_refine.ls_percent_reflns_obs                    100.00 
_refine.ls_R_factor_obs                          0.24099 
_refine.ls_R_factor_all                          0.24099 
_refine.ls_R_factor_R_work                       0.23845 
_refine.ls_R_factor_R_free                       0.28787 
_refine.ls_R_factor_R_free_error                 ? 
_refine.ls_R_factor_R_free_error_details         ? 
_refine.ls_percent_reflns_R_free                 5.0 
_refine.ls_number_reflns_R_free                  445 
_refine.ls_number_parameters                     ? 
_refine.ls_number_restraints                     ? 
_refine.occupancy_min                            ? 
_refine.occupancy_max                            ? 
_refine.correlation_coeff_Fo_to_Fc               0.938 
_refine.correlation_coeff_Fo_to_Fc_free          0.900 
_refine.B_iso_mean                               37.438 
_refine.aniso_B[1][1]                            ? 
_refine.aniso_B[2][2]                            ? 
_refine.aniso_B[3][3]                            ? 
_refine.aniso_B[1][2]                            ? 
_refine.aniso_B[1][3]                            ? 
_refine.aniso_B[2][3]                            ? 
_refine.solvent_model_details                    ? 
_refine.solvent_model_param_ksol                 ? 
_refine.solvent_model_param_bsol                 ? 
_refine.pdbx_solvent_vdw_probe_radii             ? 
_refine.pdbx_solvent_ion_probe_radii             ? 
_refine.pdbx_solvent_shrinkage_radii             ? 
_refine.pdbx_ls_cross_valid_method               THROUGHOUT 
_refine.details                                  ? 
_refine.pdbx_starting_model                      ? 
_refine.pdbx_method_to_determine_struct          SAD 
_refine.pdbx_isotropic_thermal_model             ? 
_refine.pdbx_stereochemistry_target_values       'MAXIMUM LIKELIHOOD' 
_refine.pdbx_stereochem_target_val_spec_case     ? 
_refine.pdbx_R_Free_selection_details            RANDOM 
_refine.pdbx_overall_ESU_R                       0.207 
_refine.pdbx_overall_ESU_R_Free                  0.190 
_refine.overall_SU_ML                            0.168 
_refine.overall_SU_B                             6.011 
_refine.ls_redundancy_reflns_obs                 ? 
_refine.B_iso_min                                ? 
_refine.B_iso_max                                ? 
_refine.overall_SU_R_Cruickshank_DPI             ? 
_refine.overall_SU_R_free                        ? 
_refine.ls_wR_factor_R_free                      ? 
_refine.ls_wR_factor_R_work                      ? 
_refine.overall_FOM_free_R_set                   ? 
_refine.overall_FOM_work_R_set                   ? 
_refine.pdbx_overall_phase_error                 ? 
_refine.pdbx_refine_id                           'X-RAY DIFFRACTION' 
_refine.pdbx_diffrn_id                           1 
_refine.pdbx_TLS_residual_ADP_flag               ? 
_refine.pdbx_overall_SU_R_free_Cruickshank_DPI   ? 
_refine.pdbx_overall_SU_R_Blow_DPI               ? 
_refine.pdbx_overall_SU_R_free_Blow_DPI          ? 
# 
_refine_hist.pdbx_refine_id                   'X-RAY DIFFRACTION' 
_refine_hist.cycle_id                         LAST 
_refine_hist.pdbx_number_atoms_protein        792 
_refine_hist.pdbx_number_atoms_nucleic_acid   0 
_refine_hist.pdbx_number_atoms_ligand         6 
_refine_hist.number_atoms_solvent             71 
_refine_hist.number_atoms_total               869 
_refine_hist.d_res_high                       2.00 
_refine_hist.d_res_low                        8.00 
# 
loop_
_refine_ls_restr.type 
_refine_ls_restr.dev_ideal 
_refine_ls_restr.dev_ideal_target 
_refine_ls_restr.weight 
_refine_ls_restr.number 
_refine_ls_restr.pdbx_refine_id 
_refine_ls_restr.pdbx_restraint_function 
r_bond_refined_d         0.013  0.022  ? 840  'X-RAY DIFFRACTION' ? 
r_angle_refined_deg      1.450  1.966  ? 1129 'X-RAY DIFFRACTION' ? 
r_dihedral_angle_1_deg   6.805  5.000  ? 93   'X-RAY DIFFRACTION' ? 
r_dihedral_angle_2_deg   25.839 21.081 ? 37   'X-RAY DIFFRACTION' ? 
r_dihedral_angle_3_deg   16.919 15.000 ? 166  'X-RAY DIFFRACTION' ? 
r_dihedral_angle_4_deg   20.250 15.000 ? 9    'X-RAY DIFFRACTION' ? 
r_chiral_restr           0.115  0.200  ? 125  'X-RAY DIFFRACTION' ? 
r_gen_planes_refined     0.005  0.020  ? 599  'X-RAY DIFFRACTION' ? 
r_nbd_refined            0.213  0.200  ? 357  'X-RAY DIFFRACTION' ? 
r_nbtor_refined          0.309  0.200  ? 559  'X-RAY DIFFRACTION' ? 
r_xyhbond_nbd_refined    0.144  0.200  ? 59   'X-RAY DIFFRACTION' ? 
r_symmetry_vdw_refined   0.162  0.200  ? 20   'X-RAY DIFFRACTION' ? 
r_symmetry_hbond_refined 0.167  0.200  ? 14   'X-RAY DIFFRACTION' ? 
r_mcbond_it              0.994  1.500  ? 491  'X-RAY DIFFRACTION' ? 
r_mcangle_it             1.648  2.000  ? 781  'X-RAY DIFFRACTION' ? 
r_scbond_it              1.948  3.000  ? 405  'X-RAY DIFFRACTION' ? 
r_scangle_it             2.882  4.500  ? 348  'X-RAY DIFFRACTION' ? 
# 
_refine_ls_shell.pdbx_total_number_of_bins_used   20 
_refine_ls_shell.d_res_high                       2.001 
_refine_ls_shell.d_res_low                        2.049 
_refine_ls_shell.number_reflns_R_work             583 
_refine_ls_shell.R_factor_R_work                  0.31 
_refine_ls_shell.percent_reflns_obs               100.00 
_refine_ls_shell.R_factor_R_free                  0.322 
_refine_ls_shell.R_factor_R_free_error            ? 
_refine_ls_shell.percent_reflns_R_free            ? 
_refine_ls_shell.number_reflns_R_free             31 
_refine_ls_shell.number_reflns_all                ? 
_refine_ls_shell.R_factor_all                     ? 
_refine_ls_shell.number_reflns_obs                ? 
_refine_ls_shell.redundancy_reflns_obs            ? 
_refine_ls_shell.pdbx_refine_id                   'X-RAY DIFFRACTION' 
# 
_struct.entry_id                  3BN0 
_struct.title                     'The ribosomal protein S16 from Aquifex aeolicus' 
_struct.pdbx_model_details        ? 
_struct.pdbx_CASP_flag            ? 
_struct.pdbx_model_type_details   ? 
# 
_struct_keywords.entry_id        3BN0 
_struct_keywords.pdbx_keywords   RIBOSOME 
_struct_keywords.text            'ribosomal protein, Ribonucleoprotein, RIBOSOME' 
# 
loop_
_struct_asym.id 
_struct_asym.pdbx_blank_PDB_chainid_flag 
_struct_asym.pdbx_modified 
_struct_asym.entity_id 
_struct_asym.details 
A N N 1 ? 
B N N 2 ? 
C N N 3 ? 
# 
_struct_ref.id                         1 
_struct_ref.db_name                    UNP 
_struct_ref.db_code                    RS16_AQUAE 
_struct_ref.pdbx_db_accession          O66523 
_struct_ref.entity_id                  1 
_struct_ref.pdbx_seq_one_letter_code   
;MAVRIRLAKFGRKHHPIYRIVVMDAKSPREGKYIDILGTYDPKRKVLINVYPEKVKEWVLKGVELSHRAKAILWNHGILK
EVVPEGYEMKRVGDYYVFEKRESKKSKGGEAA
;
_struct_ref.pdbx_align_begin           1 
_struct_ref.pdbx_db_isoform            ? 
# 
_struct_ref_seq.align_id                      1 
_struct_ref_seq.ref_id                        1 
_struct_ref_seq.pdbx_PDB_id_code              3BN0 
_struct_ref_seq.pdbx_strand_id                A 
_struct_ref_seq.seq_align_beg                 1 
_struct_ref_seq.pdbx_seq_align_beg_ins_code   ? 
_struct_ref_seq.seq_align_end                 112 
_struct_ref_seq.pdbx_seq_align_end_ins_code   ? 
_struct_ref_seq.pdbx_db_accession             O66523 
_struct_ref_seq.db_align_beg                  1 
_struct_ref_seq.pdbx_db_align_beg_ins_code    ? 
_struct_ref_seq.db_align_end                  112 
_struct_ref_seq.pdbx_db_align_end_ins_code    ? 
_struct_ref_seq.pdbx_auth_seq_align_beg       1 
_struct_ref_seq.pdbx_auth_seq_align_end       112 
# 
_pdbx_struct_assembly.id                   1 
_pdbx_struct_assembly.details              author_and_software_defined_assembly 
_pdbx_struct_assembly.method_details       PISA 
_pdbx_struct_assembly.oligomeric_details   monomeric 
_pdbx_struct_assembly.oligomeric_count     1 
# 
_pdbx_struct_assembly_gen.assembly_id       1 
_pdbx_struct_assembly_gen.oper_expression   1 
_pdbx_struct_assembly_gen.asym_id_list      A,B,C 
# 
_pdbx_struct_oper_list.id                   1 
_pdbx_struct_oper_list.type                 'identity operation' 
_pdbx_struct_oper_list.name                 1_555 
_pdbx_struct_oper_list.symmetry_operation   x,y,z 
_pdbx_struct_oper_list.matrix[1][1]         1.0000000000 
_pdbx_struct_oper_list.matrix[1][2]         0.0000000000 
_pdbx_struct_oper_list.matrix[1][3]         0.0000000000 
_pdbx_struct_oper_list.vector[1]            0.0000000000 
_pdbx_struct_oper_list.matrix[2][1]         0.0000000000 
_pdbx_struct_oper_list.matrix[2][2]         1.0000000000 
_pdbx_struct_oper_list.matrix[2][3]         0.0000000000 
_pdbx_struct_oper_list.vector[2]            0.0000000000 
_pdbx_struct_oper_list.matrix[3][1]         0.0000000000 
_pdbx_struct_oper_list.matrix[3][2]         0.0000000000 
_pdbx_struct_oper_list.matrix[3][3]         1.0000000000 
_pdbx_struct_oper_list.vector[3]            0.0000000000 
# 
_struct_biol.id        1 
_struct_biol.details   ? 
# 
loop_
_struct_conf.conf_type_id 
_struct_conf.id 
_struct_conf.pdbx_PDB_helix_id 
_struct_conf.beg_label_comp_id 
_struct_conf.beg_label_asym_id 
_struct_conf.beg_label_seq_id 
_struct_conf.pdbx_beg_PDB_ins_code 
_struct_conf.end_label_comp_id 
_struct_conf.end_label_asym_id 
_struct_conf.end_label_seq_id 
_struct_conf.pdbx_end_PDB_ins_code 
_struct_conf.beg_auth_comp_id 
_struct_conf.beg_auth_asym_id 
_struct_conf.beg_auth_seq_id 
_struct_conf.end_auth_comp_id 
_struct_conf.end_auth_asym_id 
_struct_conf.end_auth_seq_id 
_struct_conf.pdbx_PDB_helix_class 
_struct_conf.details 
_struct_conf.pdbx_PDB_helix_length 
HELX_P HELX_P1 1 TYR A 51 ? LYS A 61 ? TYR A 51 LYS A 61 1 ? 11 
HELX_P HELX_P2 2 HIS A 67 ? HIS A 76 ? HIS A 67 HIS A 76 1 ? 10 
HELX_P HELX_P3 3 GLY A 77 ? VAL A 83 ? GLY A 77 VAL A 83 1 ? 7  
# 
_struct_conf_type.id          HELX_P 
_struct_conf_type.criteria    ? 
_struct_conf_type.reference   ? 
# 
_struct_sheet.id               A 
_struct_sheet.type             ? 
_struct_sheet.number_strands   7 
_struct_sheet.details          ? 
# 
loop_
_struct_sheet_order.sheet_id 
_struct_sheet_order.range_id_1 
_struct_sheet_order.range_id_2 
_struct_sheet_order.offset 
_struct_sheet_order.sense 
A 1 2 ? anti-parallel 
A 2 3 ? anti-parallel 
A 3 4 ? anti-parallel 
A 4 5 ? parallel      
A 5 6 ? anti-parallel 
A 6 7 ? anti-parallel 
# 
loop_
_struct_sheet_range.sheet_id 
_struct_sheet_range.id 
_struct_sheet_range.beg_label_comp_id 
_struct_sheet_range.beg_label_asym_id 
_struct_sheet_range.beg_label_seq_id 
_struct_sheet_range.pdbx_beg_PDB_ins_code 
_struct_sheet_range.end_label_comp_id 
_struct_sheet_range.end_label_asym_id 
_struct_sheet_range.end_label_seq_id 
_struct_sheet_range.pdbx_end_PDB_ins_code 
_struct_sheet_range.beg_auth_comp_id 
_struct_sheet_range.beg_auth_asym_id 
_struct_sheet_range.beg_auth_seq_id 
_struct_sheet_range.end_auth_comp_id 
_struct_sheet_range.end_auth_asym_id 
_struct_sheet_range.end_auth_seq_id 
A 1 VAL A 46 ? VAL A 50  ? VAL A 46 VAL A 50  
A 2 ASP A 35 ? ASP A 41  ? ASP A 35 ASP A 41  
A 3 HIS A 15 ? ASP A 24  ? HIS A 15 ASP A 24  
A 4 VAL A 3  ? ARG A 12  ? VAL A 3  ARG A 12  
A 5 GLU A 64 ? SER A 66  ? GLU A 64 SER A 66  
A 6 TYR A 95 ? LYS A 100 ? TYR A 95 LYS A 100 
A 7 TYR A 87 ? VAL A 92  ? TYR A 87 VAL A 92  
# 
loop_
_pdbx_struct_sheet_hbond.sheet_id 
_pdbx_struct_sheet_hbond.range_id_1 
_pdbx_struct_sheet_hbond.range_id_2 
_pdbx_struct_sheet_hbond.range_1_label_atom_id 
_pdbx_struct_sheet_hbond.range_1_label_comp_id 
_pdbx_struct_sheet_hbond.range_1_label_asym_id 
_pdbx_struct_sheet_hbond.range_1_label_seq_id 
_pdbx_struct_sheet_hbond.range_1_PDB_ins_code 
_pdbx_struct_sheet_hbond.range_1_auth_atom_id 
_pdbx_struct_sheet_hbond.range_1_auth_comp_id 
_pdbx_struct_sheet_hbond.range_1_auth_asym_id 
_pdbx_struct_sheet_hbond.range_1_auth_seq_id 
_pdbx_struct_sheet_hbond.range_2_label_atom_id 
_pdbx_struct_sheet_hbond.range_2_label_comp_id 
_pdbx_struct_sheet_hbond.range_2_label_asym_id 
_pdbx_struct_sheet_hbond.range_2_label_seq_id 
_pdbx_struct_sheet_hbond.range_2_PDB_ins_code 
_pdbx_struct_sheet_hbond.range_2_auth_atom_id 
_pdbx_struct_sheet_hbond.range_2_auth_comp_id 
_pdbx_struct_sheet_hbond.range_2_auth_asym_id 
_pdbx_struct_sheet_hbond.range_2_auth_seq_id 
A 1 2 O ASN A 49 ? O ASN A 49 N THR A 39 ? N THR A 39 
A 2 3 O LEU A 37 ? O LEU A 37 N ILE A 20 ? N ILE A 20 
A 3 4 O MET A 23 ? O MET A 23 N ARG A 4  ? N ARG A 4  
A 4 5 N ILE A 5  ? N ILE A 5  O GLU A 64 ? O GLU A 64 
A 5 6 N LEU A 65 ? N LEU A 65 O TYR A 96 ? O TYR A 96 
A 6 7 O VAL A 97 ? O VAL A 97 N LYS A 90 ? N LYS A 90 
# 
_struct_site.id                   AC1 
_struct_site.pdbx_evidence_code   Software 
_struct_site.pdbx_auth_asym_id    A 
_struct_site.pdbx_auth_comp_id    GOL 
_struct_site.pdbx_auth_seq_id     200 
_struct_site.pdbx_auth_ins_code   ? 
_struct_site.pdbx_num_residues    4 
_struct_site.details              'BINDING SITE FOR RESIDUE GOL A 200' 
# 
loop_
_struct_site_gen.id 
_struct_site_gen.site_id 
_struct_site_gen.pdbx_num_res 
_struct_site_gen.label_comp_id 
_struct_site_gen.label_asym_id 
_struct_site_gen.label_seq_id 
_struct_site_gen.pdbx_auth_ins_code 
_struct_site_gen.auth_comp_id 
_struct_site_gen.auth_asym_id 
_struct_site_gen.auth_seq_id 
_struct_site_gen.label_atom_id 
_struct_site_gen.label_alt_id 
_struct_site_gen.symmetry 
_struct_site_gen.details 
1 AC1 4 PRO A 16 ? PRO A 16 . ? 1_555 ? 
2 AC1 4 TYR A 18 ? TYR A 18 . ? 1_555 ? 
3 AC1 4 ARG A 68 ? ARG A 68 . ? 1_555 ? 
4 AC1 4 ARG A 91 ? ARG A 91 . ? 4_556 ? 
# 
_pdbx_validate_torsion.id              1 
_pdbx_validate_torsion.PDB_model_num   1 
_pdbx_validate_torsion.auth_comp_id    HIS 
_pdbx_validate_torsion.auth_asym_id    A 
_pdbx_validate_torsion.auth_seq_id     14 
_pdbx_validate_torsion.PDB_ins_code    ? 
_pdbx_validate_torsion.label_alt_id    ? 
_pdbx_validate_torsion.phi             73.55 
_pdbx_validate_torsion.psi             -14.01 
# 
_pdbx_struct_special_symmetry.id              1 
_pdbx_struct_special_symmetry.PDB_model_num   1 
_pdbx_struct_special_symmetry.auth_asym_id    A 
_pdbx_struct_special_symmetry.auth_comp_id    HOH 
_pdbx_struct_special_symmetry.auth_seq_id     204 
_pdbx_struct_special_symmetry.PDB_ins_code    ? 
_pdbx_struct_special_symmetry.label_asym_id   C 
_pdbx_struct_special_symmetry.label_comp_id   HOH 
_pdbx_struct_special_symmetry.label_seq_id    . 
# 
loop_
_pdbx_unobs_or_zero_occ_residues.id 
_pdbx_unobs_or_zero_occ_residues.PDB_model_num 
_pdbx_unobs_or_zero_occ_residues.polymer_flag 
_pdbx_unobs_or_zero_occ_residues.occupancy_flag 
_pdbx_unobs_or_zero_occ_residues.auth_asym_id 
_pdbx_unobs_or_zero_occ_residues.auth_comp_id 
_pdbx_unobs_or_zero_occ_residues.auth_seq_id 
_pdbx_unobs_or_zero_occ_residues.PDB_ins_code 
_pdbx_unobs_or_zero_occ_residues.label_asym_id 
_pdbx_unobs_or_zero_occ_residues.label_comp_id 
_pdbx_unobs_or_zero_occ_residues.label_seq_id 
1  1 Y 1 A MET 1   ? A MET 1   
2  1 Y 1 A LYS 26  ? A LYS 26  
3  1 Y 1 A SER 27  ? A SER 27  
4  1 Y 1 A PRO 28  ? A PRO 28  
5  1 Y 1 A ARG 29  ? A ARG 29  
6  1 Y 1 A GLU 30  ? A GLU 30  
7  1 Y 1 A GLY 31  ? A GLY 31  
8  1 Y 1 A SER 103 ? A SER 103 
9  1 Y 1 A LYS 104 ? A LYS 104 
10 1 Y 1 A LYS 105 ? A LYS 105 
11 1 Y 1 A SER 106 ? A SER 106 
12 1 Y 1 A LYS 107 ? A LYS 107 
13 1 Y 1 A GLY 108 ? A GLY 108 
14 1 Y 1 A GLY 109 ? A GLY 109 
15 1 Y 1 A GLU 110 ? A GLU 110 
16 1 Y 1 A ALA 111 ? A ALA 111 
17 1 Y 1 A ALA 112 ? A ALA 112 
# 
loop_
_chem_comp_atom.comp_id 
_chem_comp_atom.atom_id 
_chem_comp_atom.type_symbol 
_chem_comp_atom.pdbx_aromatic_flag 
_chem_comp_atom.pdbx_stereo_config 
_chem_comp_atom.pdbx_ordinal 
ALA N    N N N 1   
ALA CA   C N S 2   
ALA C    C N N 3   
ALA O    O N N 4   
ALA CB   C N N 5   
ALA OXT  O N N 6   
ALA H    H N N 7   
ALA H2   H N N 8   
ALA HA   H N N 9   
ALA HB1  H N N 10  
ALA HB2  H N N 11  
ALA HB3  H N N 12  
ALA HXT  H N N 13  
ARG N    N N N 14  
ARG CA   C N S 15  
ARG C    C N N 16  
ARG O    O N N 17  
ARG CB   C N N 18  
ARG CG   C N N 19  
ARG CD   C N N 20  
ARG NE   N N N 21  
ARG CZ   C N N 22  
ARG NH1  N N N 23  
ARG NH2  N N N 24  
ARG OXT  O N N 25  
ARG H    H N N 26  
ARG H2   H N N 27  
ARG HA   H N N 28  
ARG HB2  H N N 29  
ARG HB3  H N N 30  
ARG HG2  H N N 31  
ARG HG3  H N N 32  
ARG HD2  H N N 33  
ARG HD3  H N N 34  
ARG HE   H N N 35  
ARG HH11 H N N 36  
ARG HH12 H N N 37  
ARG HH21 H N N 38  
ARG HH22 H N N 39  
ARG HXT  H N N 40  
ASN N    N N N 41  
ASN CA   C N S 42  
ASN C    C N N 43  
ASN O    O N N 44  
ASN CB   C N N 45  
ASN CG   C N N 46  
ASN OD1  O N N 47  
ASN ND2  N N N 48  
ASN OXT  O N N 49  
ASN H    H N N 50  
ASN H2   H N N 51  
ASN HA   H N N 52  
ASN HB2  H N N 53  
ASN HB3  H N N 54  
ASN HD21 H N N 55  
ASN HD22 H N N 56  
ASN HXT  H N N 57  
ASP N    N N N 58  
ASP CA   C N S 59  
ASP C    C N N 60  
ASP O    O N N 61  
ASP CB   C N N 62  
ASP CG   C N N 63  
ASP OD1  O N N 64  
ASP OD2  O N N 65  
ASP OXT  O N N 66  
ASP H    H N N 67  
ASP H2   H N N 68  
ASP HA   H N N 69  
ASP HB2  H N N 70  
ASP HB3  H N N 71  
ASP HD2  H N N 72  
ASP HXT  H N N 73  
GLU N    N N N 74  
GLU CA   C N S 75  
GLU C    C N N 76  
GLU O    O N N 77  
GLU CB   C N N 78  
GLU CG   C N N 79  
GLU CD   C N N 80  
GLU OE1  O N N 81  
GLU OE2  O N N 82  
GLU OXT  O N N 83  
GLU H    H N N 84  
GLU H2   H N N 85  
GLU HA   H N N 86  
GLU HB2  H N N 87  
GLU HB3  H N N 88  
GLU HG2  H N N 89  
GLU HG3  H N N 90  
GLU HE2  H N N 91  
GLU HXT  H N N 92  
GLY N    N N N 93  
GLY CA   C N N 94  
GLY C    C N N 95  
GLY O    O N N 96  
GLY OXT  O N N 97  
GLY H    H N N 98  
GLY H2   H N N 99  
GLY HA2  H N N 100 
GLY HA3  H N N 101 
GLY HXT  H N N 102 
GOL C1   C N N 103 
GOL O1   O N N 104 
GOL C2   C N N 105 
GOL O2   O N N 106 
GOL C3   C N N 107 
GOL O3   O N N 108 
GOL H11  H N N 109 
GOL H12  H N N 110 
GOL HO1  H N N 111 
GOL H2   H N N 112 
GOL HO2  H N N 113 
GOL H31  H N N 114 
GOL H32  H N N 115 
GOL HO3  H N N 116 
HIS N    N N N 117 
HIS CA   C N S 118 
HIS C    C N N 119 
HIS O    O N N 120 
HIS CB   C N N 121 
HIS CG   C Y N 122 
HIS ND1  N Y N 123 
HIS CD2  C Y N 124 
HIS CE1  C Y N 125 
HIS NE2  N Y N 126 
HIS OXT  O N N 127 
HIS H    H N N 128 
HIS H2   H N N 129 
HIS HA   H N N 130 
HIS HB2  H N N 131 
HIS HB3  H N N 132 
HIS HD1  H N N 133 
HIS HD2  H N N 134 
HIS HE1  H N N 135 
HIS HE2  H N N 136 
HIS HXT  H N N 137 
HOH O    O N N 138 
HOH H1   H N N 139 
HOH H2   H N N 140 
ILE N    N N N 141 
ILE CA   C N S 142 
ILE C    C N N 143 
ILE O    O N N 144 
ILE CB   C N S 145 
ILE CG1  C N N 146 
ILE CG2  C N N 147 
ILE CD1  C N N 148 
ILE OXT  O N N 149 
ILE H    H N N 150 
ILE H2   H N N 151 
ILE HA   H N N 152 
ILE HB   H N N 153 
ILE HG12 H N N 154 
ILE HG13 H N N 155 
ILE HG21 H N N 156 
ILE HG22 H N N 157 
ILE HG23 H N N 158 
ILE HD11 H N N 159 
ILE HD12 H N N 160 
ILE HD13 H N N 161 
ILE HXT  H N N 162 
LEU N    N N N 163 
LEU CA   C N S 164 
LEU C    C N N 165 
LEU O    O N N 166 
LEU CB   C N N 167 
LEU CG   C N N 168 
LEU CD1  C N N 169 
LEU CD2  C N N 170 
LEU OXT  O N N 171 
LEU H    H N N 172 
LEU H2   H N N 173 
LEU HA   H N N 174 
LEU HB2  H N N 175 
LEU HB3  H N N 176 
LEU HG   H N N 177 
LEU HD11 H N N 178 
LEU HD12 H N N 179 
LEU HD13 H N N 180 
LEU HD21 H N N 181 
LEU HD22 H N N 182 
LEU HD23 H N N 183 
LEU HXT  H N N 184 
LYS N    N N N 185 
LYS CA   C N S 186 
LYS C    C N N 187 
LYS O    O N N 188 
LYS CB   C N N 189 
LYS CG   C N N 190 
LYS CD   C N N 191 
LYS CE   C N N 192 
LYS NZ   N N N 193 
LYS OXT  O N N 194 
LYS H    H N N 195 
LYS H2   H N N 196 
LYS HA   H N N 197 
LYS HB2  H N N 198 
LYS HB3  H N N 199 
LYS HG2  H N N 200 
LYS HG3  H N N 201 
LYS HD2  H N N 202 
LYS HD3  H N N 203 
LYS HE2  H N N 204 
LYS HE3  H N N 205 
LYS HZ1  H N N 206 
LYS HZ2  H N N 207 
LYS HZ3  H N N 208 
LYS HXT  H N N 209 
MET N    N N N 210 
MET CA   C N S 211 
MET C    C N N 212 
MET O    O N N 213 
MET CB   C N N 214 
MET CG   C N N 215 
MET SD   S N N 216 
MET CE   C N N 217 
MET OXT  O N N 218 
MET H    H N N 219 
MET H2   H N N 220 
MET HA   H N N 221 
MET HB2  H N N 222 
MET HB3  H N N 223 
MET HG2  H N N 224 
MET HG3  H N N 225 
MET HE1  H N N 226 
MET HE2  H N N 227 
MET HE3  H N N 228 
MET HXT  H N N 229 
PHE N    N N N 230 
PHE CA   C N S 231 
PHE C    C N N 232 
PHE O    O N N 233 
PHE CB   C N N 234 
PHE CG   C Y N 235 
PHE CD1  C Y N 236 
PHE CD2  C Y N 237 
PHE CE1  C Y N 238 
PHE CE2  C Y N 239 
PHE CZ   C Y N 240 
PHE OXT  O N N 241 
PHE H    H N N 242 
PHE H2   H N N 243 
PHE HA   H N N 244 
PHE HB2  H N N 245 
PHE HB3  H N N 246 
PHE HD1  H N N 247 
PHE HD2  H N N 248 
PHE HE1  H N N 249 
PHE HE2  H N N 250 
PHE HZ   H N N 251 
PHE HXT  H N N 252 
PRO N    N N N 253 
PRO CA   C N S 254 
PRO C    C N N 255 
PRO O    O N N 256 
PRO CB   C N N 257 
PRO CG   C N N 258 
PRO CD   C N N 259 
PRO OXT  O N N 260 
PRO H    H N N 261 
PRO HA   H N N 262 
PRO HB2  H N N 263 
PRO HB3  H N N 264 
PRO HG2  H N N 265 
PRO HG3  H N N 266 
PRO HD2  H N N 267 
PRO HD3  H N N 268 
PRO HXT  H N N 269 
SER N    N N N 270 
SER CA   C N S 271 
SER C    C N N 272 
SER O    O N N 273 
SER CB   C N N 274 
SER OG   O N N 275 
SER OXT  O N N 276 
SER H    H N N 277 
SER H2   H N N 278 
SER HA   H N N 279 
SER HB2  H N N 280 
SER HB3  H N N 281 
SER HG   H N N 282 
SER HXT  H N N 283 
THR N    N N N 284 
THR CA   C N S 285 
THR C    C N N 286 
THR O    O N N 287 
THR CB   C N R 288 
THR OG1  O N N 289 
THR CG2  C N N 290 
THR OXT  O N N 291 
THR H    H N N 292 
THR H2   H N N 293 
THR HA   H N N 294 
THR HB   H N N 295 
THR HG1  H N N 296 
THR HG21 H N N 297 
THR HG22 H N N 298 
THR HG23 H N N 299 
THR HXT  H N N 300 
TRP N    N N N 301 
TRP CA   C N S 302 
TRP C    C N N 303 
TRP O    O N N 304 
TRP CB   C N N 305 
TRP CG   C Y N 306 
TRP CD1  C Y N 307 
TRP CD2  C Y N 308 
TRP NE1  N Y N 309 
TRP CE2  C Y N 310 
TRP CE3  C Y N 311 
TRP CZ2  C Y N 312 
TRP CZ3  C Y N 313 
TRP CH2  C Y N 314 
TRP OXT  O N N 315 
TRP H    H N N 316 
TRP H2   H N N 317 
TRP HA   H N N 318 
TRP HB2  H N N 319 
TRP HB3  H N N 320 
TRP HD1  H N N 321 
TRP HE1  H N N 322 
TRP HE3  H N N 323 
TRP HZ2  H N N 324 
TRP HZ3  H N N 325 
TRP HH2  H N N 326 
TRP HXT  H N N 327 
TYR N    N N N 328 
TYR CA   C N S 329 
TYR C    C N N 330 
TYR O    O N N 331 
TYR CB   C N N 332 
TYR CG   C Y N 333 
TYR CD1  C Y N 334 
TYR CD2  C Y N 335 
TYR CE1  C Y N 336 
TYR CE2  C Y N 337 
TYR CZ   C Y N 338 
TYR OH   O N N 339 
TYR OXT  O N N 340 
TYR H    H N N 341 
TYR H2   H N N 342 
TYR HA   H N N 343 
TYR HB2  H N N 344 
TYR HB3  H N N 345 
TYR HD1  H N N 346 
TYR HD2  H N N 347 
TYR HE1  H N N 348 
TYR HE2  H N N 349 
TYR HH   H N N 350 
TYR HXT  H N N 351 
VAL N    N N N 352 
VAL CA   C N S 353 
VAL C    C N N 354 
VAL O    O N N 355 
VAL CB   C N N 356 
VAL CG1  C N N 357 
VAL CG2  C N N 358 
VAL OXT  O N N 359 
VAL H    H N N 360 
VAL H2   H N N 361 
VAL HA   H N N 362 
VAL HB   H N N 363 
VAL HG11 H N N 364 
VAL HG12 H N N 365 
VAL HG13 H N N 366 
VAL HG21 H N N 367 
VAL HG22 H N N 368 
VAL HG23 H N N 369 
VAL HXT  H N N 370 
# 
loop_
_chem_comp_bond.comp_id 
_chem_comp_bond.atom_id_1 
_chem_comp_bond.atom_id_2 
_chem_comp_bond.value_order 
_chem_comp_bond.pdbx_aromatic_flag 
_chem_comp_bond.pdbx_stereo_config 
_chem_comp_bond.pdbx_ordinal 
ALA N   CA   sing N N 1   
ALA N   H    sing N N 2   
ALA N   H2   sing N N 3   
ALA CA  C    sing N N 4   
ALA CA  CB   sing N N 5   
ALA CA  HA   sing N N 6   
ALA C   O    doub N N 7   
ALA C   OXT  sing N N 8   
ALA CB  HB1  sing N N 9   
ALA CB  HB2  sing N N 10  
ALA CB  HB3  sing N N 11  
ALA OXT HXT  sing N N 12  
ARG N   CA   sing N N 13  
ARG N   H    sing N N 14  
ARG N   H2   sing N N 15  
ARG CA  C    sing N N 16  
ARG CA  CB   sing N N 17  
ARG CA  HA   sing N N 18  
ARG C   O    doub N N 19  
ARG C   OXT  sing N N 20  
ARG CB  CG   sing N N 21  
ARG CB  HB2  sing N N 22  
ARG CB  HB3  sing N N 23  
ARG CG  CD   sing N N 24  
ARG CG  HG2  sing N N 25  
ARG CG  HG3  sing N N 26  
ARG CD  NE   sing N N 27  
ARG CD  HD2  sing N N 28  
ARG CD  HD3  sing N N 29  
ARG NE  CZ   sing N N 30  
ARG NE  HE   sing N N 31  
ARG CZ  NH1  sing N N 32  
ARG CZ  NH2  doub N N 33  
ARG NH1 HH11 sing N N 34  
ARG NH1 HH12 sing N N 35  
ARG NH2 HH21 sing N N 36  
ARG NH2 HH22 sing N N 37  
ARG OXT HXT  sing N N 38  
ASN N   CA   sing N N 39  
ASN N   H    sing N N 40  
ASN N   H2   sing N N 41  
ASN CA  C    sing N N 42  
ASN CA  CB   sing N N 43  
ASN CA  HA   sing N N 44  
ASN C   O    doub N N 45  
ASN C   OXT  sing N N 46  
ASN CB  CG   sing N N 47  
ASN CB  HB2  sing N N 48  
ASN CB  HB3  sing N N 49  
ASN CG  OD1  doub N N 50  
ASN CG  ND2  sing N N 51  
ASN ND2 HD21 sing N N 52  
ASN ND2 HD22 sing N N 53  
ASN OXT HXT  sing N N 54  
ASP N   CA   sing N N 55  
ASP N   H    sing N N 56  
ASP N   H2   sing N N 57  
ASP CA  C    sing N N 58  
ASP CA  CB   sing N N 59  
ASP CA  HA   sing N N 60  
ASP C   O    doub N N 61  
ASP C   OXT  sing N N 62  
ASP CB  CG   sing N N 63  
ASP CB  HB2  sing N N 64  
ASP CB  HB3  sing N N 65  
ASP CG  OD1  doub N N 66  
ASP CG  OD2  sing N N 67  
ASP OD2 HD2  sing N N 68  
ASP OXT HXT  sing N N 69  
GLU N   CA   sing N N 70  
GLU N   H    sing N N 71  
GLU N   H2   sing N N 72  
GLU CA  C    sing N N 73  
GLU CA  CB   sing N N 74  
GLU CA  HA   sing N N 75  
GLU C   O    doub N N 76  
GLU C   OXT  sing N N 77  
GLU CB  CG   sing N N 78  
GLU CB  HB2  sing N N 79  
GLU CB  HB3  sing N N 80  
GLU CG  CD   sing N N 81  
GLU CG  HG2  sing N N 82  
GLU CG  HG3  sing N N 83  
GLU CD  OE1  doub N N 84  
GLU CD  OE2  sing N N 85  
GLU OE2 HE2  sing N N 86  
GLU OXT HXT  sing N N 87  
GLY N   CA   sing N N 88  
GLY N   H    sing N N 89  
GLY N   H2   sing N N 90  
GLY CA  C    sing N N 91  
GLY CA  HA2  sing N N 92  
GLY CA  HA3  sing N N 93  
GLY C   O    doub N N 94  
GLY C   OXT  sing N N 95  
GLY OXT HXT  sing N N 96  
GOL C1  O1   sing N N 97  
GOL C1  C2   sing N N 98  
GOL C1  H11  sing N N 99  
GOL C1  H12  sing N N 100 
GOL O1  HO1  sing N N 101 
GOL C2  O2   sing N N 102 
GOL C2  C3   sing N N 103 
GOL C2  H2   sing N N 104 
GOL O2  HO2  sing N N 105 
GOL C3  O3   sing N N 106 
GOL C3  H31  sing N N 107 
GOL C3  H32  sing N N 108 
GOL O3  HO3  sing N N 109 
HIS N   CA   sing N N 110 
HIS N   H    sing N N 111 
HIS N   H2   sing N N 112 
HIS CA  C    sing N N 113 
HIS CA  CB   sing N N 114 
HIS CA  HA   sing N N 115 
HIS C   O    doub N N 116 
HIS C   OXT  sing N N 117 
HIS CB  CG   sing N N 118 
HIS CB  HB2  sing N N 119 
HIS CB  HB3  sing N N 120 
HIS CG  ND1  sing Y N 121 
HIS CG  CD2  doub Y N 122 
HIS ND1 CE1  doub Y N 123 
HIS ND1 HD1  sing N N 124 
HIS CD2 NE2  sing Y N 125 
HIS CD2 HD2  sing N N 126 
HIS CE1 NE2  sing Y N 127 
HIS CE1 HE1  sing N N 128 
HIS NE2 HE2  sing N N 129 
HIS OXT HXT  sing N N 130 
HOH O   H1   sing N N 131 
HOH O   H2   sing N N 132 
ILE N   CA   sing N N 133 
ILE N   H    sing N N 134 
ILE N   H2   sing N N 135 
ILE CA  C    sing N N 136 
ILE CA  CB   sing N N 137 
ILE CA  HA   sing N N 138 
ILE C   O    doub N N 139 
ILE C   OXT  sing N N 140 
ILE CB  CG1  sing N N 141 
ILE CB  CG2  sing N N 142 
ILE CB  HB   sing N N 143 
ILE CG1 CD1  sing N N 144 
ILE CG1 HG12 sing N N 145 
ILE CG1 HG13 sing N N 146 
ILE CG2 HG21 sing N N 147 
ILE CG2 HG22 sing N N 148 
ILE CG2 HG23 sing N N 149 
ILE CD1 HD11 sing N N 150 
ILE CD1 HD12 sing N N 151 
ILE CD1 HD13 sing N N 152 
ILE OXT HXT  sing N N 153 
LEU N   CA   sing N N 154 
LEU N   H    sing N N 155 
LEU N   H2   sing N N 156 
LEU CA  C    sing N N 157 
LEU CA  CB   sing N N 158 
LEU CA  HA   sing N N 159 
LEU C   O    doub N N 160 
LEU C   OXT  sing N N 161 
LEU CB  CG   sing N N 162 
LEU CB  HB2  sing N N 163 
LEU CB  HB3  sing N N 164 
LEU CG  CD1  sing N N 165 
LEU CG  CD2  sing N N 166 
LEU CG  HG   sing N N 167 
LEU CD1 HD11 sing N N 168 
LEU CD1 HD12 sing N N 169 
LEU CD1 HD13 sing N N 170 
LEU CD2 HD21 sing N N 171 
LEU CD2 HD22 sing N N 172 
LEU CD2 HD23 sing N N 173 
LEU OXT HXT  sing N N 174 
LYS N   CA   sing N N 175 
LYS N   H    sing N N 176 
LYS N   H2   sing N N 177 
LYS CA  C    sing N N 178 
LYS CA  CB   sing N N 179 
LYS CA  HA   sing N N 180 
LYS C   O    doub N N 181 
LYS C   OXT  sing N N 182 
LYS CB  CG   sing N N 183 
LYS CB  HB2  sing N N 184 
LYS CB  HB3  sing N N 185 
LYS CG  CD   sing N N 186 
LYS CG  HG2  sing N N 187 
LYS CG  HG3  sing N N 188 
LYS CD  CE   sing N N 189 
LYS CD  HD2  sing N N 190 
LYS CD  HD3  sing N N 191 
LYS CE  NZ   sing N N 192 
LYS CE  HE2  sing N N 193 
LYS CE  HE3  sing N N 194 
LYS NZ  HZ1  sing N N 195 
LYS NZ  HZ2  sing N N 196 
LYS NZ  HZ3  sing N N 197 
LYS OXT HXT  sing N N 198 
MET N   CA   sing N N 199 
MET N   H    sing N N 200 
MET N   H2   sing N N 201 
MET CA  C    sing N N 202 
MET CA  CB   sing N N 203 
MET CA  HA   sing N N 204 
MET C   O    doub N N 205 
MET C   OXT  sing N N 206 
MET CB  CG   sing N N 207 
MET CB  HB2  sing N N 208 
MET CB  HB3  sing N N 209 
MET CG  SD   sing N N 210 
MET CG  HG2  sing N N 211 
MET CG  HG3  sing N N 212 
MET SD  CE   sing N N 213 
MET CE  HE1  sing N N 214 
MET CE  HE2  sing N N 215 
MET CE  HE3  sing N N 216 
MET OXT HXT  sing N N 217 
PHE N   CA   sing N N 218 
PHE N   H    sing N N 219 
PHE N   H2   sing N N 220 
PHE CA  C    sing N N 221 
PHE CA  CB   sing N N 222 
PHE CA  HA   sing N N 223 
PHE C   O    doub N N 224 
PHE C   OXT  sing N N 225 
PHE CB  CG   sing N N 226 
PHE CB  HB2  sing N N 227 
PHE CB  HB3  sing N N 228 
PHE CG  CD1  doub Y N 229 
PHE CG  CD2  sing Y N 230 
PHE CD1 CE1  sing Y N 231 
PHE CD1 HD1  sing N N 232 
PHE CD2 CE2  doub Y N 233 
PHE CD2 HD2  sing N N 234 
PHE CE1 CZ   doub Y N 235 
PHE CE1 HE1  sing N N 236 
PHE CE2 CZ   sing Y N 237 
PHE CE2 HE2  sing N N 238 
PHE CZ  HZ   sing N N 239 
PHE OXT HXT  sing N N 240 
PRO N   CA   sing N N 241 
PRO N   CD   sing N N 242 
PRO N   H    sing N N 243 
PRO CA  C    sing N N 244 
PRO CA  CB   sing N N 245 
PRO CA  HA   sing N N 246 
PRO C   O    doub N N 247 
PRO C   OXT  sing N N 248 
PRO CB  CG   sing N N 249 
PRO CB  HB2  sing N N 250 
PRO CB  HB3  sing N N 251 
PRO CG  CD   sing N N 252 
PRO CG  HG2  sing N N 253 
PRO CG  HG3  sing N N 254 
PRO CD  HD2  sing N N 255 
PRO CD  HD3  sing N N 256 
PRO OXT HXT  sing N N 257 
SER N   CA   sing N N 258 
SER N   H    sing N N 259 
SER N   H2   sing N N 260 
SER CA  C    sing N N 261 
SER CA  CB   sing N N 262 
SER CA  HA   sing N N 263 
SER C   O    doub N N 264 
SER C   OXT  sing N N 265 
SER CB  OG   sing N N 266 
SER CB  HB2  sing N N 267 
SER CB  HB3  sing N N 268 
SER OG  HG   sing N N 269 
SER OXT HXT  sing N N 270 
THR N   CA   sing N N 271 
THR N   H    sing N N 272 
THR N   H2   sing N N 273 
THR CA  C    sing N N 274 
THR CA  CB   sing N N 275 
THR CA  HA   sing N N 276 
THR C   O    doub N N 277 
THR C   OXT  sing N N 278 
THR CB  OG1  sing N N 279 
THR CB  CG2  sing N N 280 
THR CB  HB   sing N N 281 
THR OG1 HG1  sing N N 282 
THR CG2 HG21 sing N N 283 
THR CG2 HG22 sing N N 284 
THR CG2 HG23 sing N N 285 
THR OXT HXT  sing N N 286 
TRP N   CA   sing N N 287 
TRP N   H    sing N N 288 
TRP N   H2   sing N N 289 
TRP CA  C    sing N N 290 
TRP CA  CB   sing N N 291 
TRP CA  HA   sing N N 292 
TRP C   O    doub N N 293 
TRP C   OXT  sing N N 294 
TRP CB  CG   sing N N 295 
TRP CB  HB2  sing N N 296 
TRP CB  HB3  sing N N 297 
TRP CG  CD1  doub Y N 298 
TRP CG  CD2  sing Y N 299 
TRP CD1 NE1  sing Y N 300 
TRP CD1 HD1  sing N N 301 
TRP CD2 CE2  doub Y N 302 
TRP CD2 CE3  sing Y N 303 
TRP NE1 CE2  sing Y N 304 
TRP NE1 HE1  sing N N 305 
TRP CE2 CZ2  sing Y N 306 
TRP CE3 CZ3  doub Y N 307 
TRP CE3 HE3  sing N N 308 
TRP CZ2 CH2  doub Y N 309 
TRP CZ2 HZ2  sing N N 310 
TRP CZ3 CH2  sing Y N 311 
TRP CZ3 HZ3  sing N N 312 
TRP CH2 HH2  sing N N 313 
TRP OXT HXT  sing N N 314 
TYR N   CA   sing N N 315 
TYR N   H    sing N N 316 
TYR N   H2   sing N N 317 
TYR CA  C    sing N N 318 
TYR CA  CB   sing N N 319 
TYR CA  HA   sing N N 320 
TYR C   O    doub N N 321 
TYR C   OXT  sing N N 322 
TYR CB  CG   sing N N 323 
TYR CB  HB2  sing N N 324 
TYR CB  HB3  sing N N 325 
TYR CG  CD1  doub Y N 326 
TYR CG  CD2  sing Y N 327 
TYR CD1 CE1  sing Y N 328 
TYR CD1 HD1  sing N N 329 
TYR CD2 CE2  doub Y N 330 
TYR CD2 HD2  sing N N 331 
TYR CE1 CZ   doub Y N 332 
TYR CE1 HE1  sing N N 333 
TYR CE2 CZ   sing Y N 334 
TYR CE2 HE2  sing N N 335 
TYR CZ  OH   sing N N 336 
TYR OH  HH   sing N N 337 
TYR OXT HXT  sing N N 338 
VAL N   CA   sing N N 339 
VAL N   H    sing N N 340 
VAL N   H2   sing N N 341 
VAL CA  C    sing N N 342 
VAL CA  CB   sing N N 343 
VAL CA  HA   sing N N 344 
VAL C   O    doub N N 345 
VAL C   OXT  sing N N 346 
VAL CB  CG1  sing N N 347 
VAL CB  CG2  sing N N 348 
VAL CB  HB   sing N N 349 
VAL CG1 HG11 sing N N 350 
VAL CG1 HG12 sing N N 351 
VAL CG1 HG13 sing N N 352 
VAL CG2 HG21 sing N N 353 
VAL CG2 HG22 sing N N 354 
VAL CG2 HG23 sing N N 355 
VAL OXT HXT  sing N N 356 
# 
_atom_sites.entry_id                    3BN0 
_atom_sites.fract_transf_matrix[1][1]   0.00181312 
_atom_sites.fract_transf_matrix[1][2]   -0.01964097 
_atom_sites.fract_transf_matrix[1][3]   0.00773714 
_atom_sites.fract_transf_matrix[2][1]   0.01833922 
_atom_sites.fract_transf_matrix[2][2]   -0.01045215 
_atom_sites.fract_transf_matrix[2][3]   -0.00182063 
_atom_sites.fract_transf_matrix[3][1]   0.00400532 
_atom_sites.fract_transf_matrix[3][2]   0.00498633 
_atom_sites.fract_transf_matrix[3][3]   0.01171935 
_atom_sites.fract_transf_vector[1]      -0.317143 
_atom_sites.fract_transf_vector[2]      -0.395848 
_atom_sites.fract_transf_vector[3]      0.355454 
# 
loop_
_atom_type.symbol 
C 
N 
O 
S 
# 
loop_
_atom_site.group_PDB 
_atom_site.id 
_atom_site.type_symbol 
_atom_site.label_atom_id 
_atom_site.label_alt_id 
_atom_site.label_comp_id 
_atom_site.label_asym_id 
_atom_site.label_entity_id 
_atom_site.label_seq_id 
_atom_site.pdbx_PDB_ins_code 
_atom_site.Cartn_x 
_atom_site.Cartn_y 
_atom_site.Cartn_z 
_atom_site.occupancy 
_atom_site.B_iso_or_equiv 
_atom_site.pdbx_formal_charge 
_atom_site.auth_seq_id 
_atom_site.auth_comp_id 
_atom_site.auth_asym_id 
_atom_site.auth_atom_id 
_atom_site.pdbx_PDB_model_num 
ATOM   1   N N   . ALA A 1 2   ? 0.626   15.714  -0.826  1.00 30.39 ? 2   ALA A N   1 
ATOM   2   C CA  . ALA A 1 2   ? 0.646   14.923  -2.079  1.00 29.89 ? 2   ALA A CA  1 
ATOM   3   C C   . ALA A 1 2   ? -0.360  13.755  -1.946  1.00 29.47 ? 2   ALA A C   1 
ATOM   4   O O   . ALA A 1 2   ? -0.837  13.488  -0.832  1.00 30.22 ? 2   ALA A O   1 
ATOM   5   C CB  . ALA A 1 2   ? 2.046   14.401  -2.297  1.00 30.23 ? 2   ALA A CB  1 
ATOM   6   N N   . VAL A 1 3   ? -0.675  13.079  -3.054  1.00 28.13 ? 3   VAL A N   1 
ATOM   7   C CA  . VAL A 1 3   ? -1.428  11.798  -3.025  1.00 27.40 ? 3   VAL A CA  1 
ATOM   8   C C   . VAL A 1 3   ? -0.497  10.694  -2.539  1.00 26.11 ? 3   VAL A C   1 
ATOM   9   O O   . VAL A 1 3   ? 0.562   10.473  -3.126  1.00 25.89 ? 3   VAL A O   1 
ATOM   10  C CB  . VAL A 1 3   ? -1.991  11.426  -4.423  1.00 26.57 ? 3   VAL A CB  1 
ATOM   11  C CG1 . VAL A 1 3   ? -2.714  10.051  -4.414  1.00 28.55 ? 3   VAL A CG1 1 
ATOM   12  C CG2 . VAL A 1 3   ? -2.957  12.477  -4.903  1.00 29.28 ? 3   VAL A CG2 1 
ATOM   13  N N   . ARG A 1 4   ? -0.857  9.990   -1.464  1.00 25.77 ? 4   ARG A N   1 
ATOM   14  C CA  . ARG A 1 4   ? 0.015   8.902   -0.978  1.00 24.40 ? 4   ARG A CA  1 
ATOM   15  C C   . ARG A 1 4   ? -0.750  7.640   -0.588  1.00 24.75 ? 4   ARG A C   1 
ATOM   16  O O   . ARG A 1 4   ? -1.942  7.714   -0.307  1.00 23.98 ? 4   ARG A O   1 
ATOM   17  C CB  . ARG A 1 4   ? 0.828   9.363   0.221   1.00 25.20 ? 4   ARG A CB  1 
ATOM   18  C CG  . ARG A 1 4   ? 1.865   10.422  -0.170  1.00 27.37 ? 4   ARG A CG  1 
ATOM   19  C CD  . ARG A 1 4   ? 2.726   10.811  1.003   1.00 33.55 ? 4   ARG A CD  1 
ATOM   20  N NE  . ARG A 1 4   ? 3.685   11.860  0.637   1.00 35.59 ? 4   ARG A NE  1 
ATOM   21  C CZ  . ARG A 1 4   ? 3.752   13.044  1.238   1.00 37.68 ? 4   ARG A CZ  1 
ATOM   22  N NH1 . ARG A 1 4   ? 2.921   13.340  2.230   1.00 40.11 ? 4   ARG A NH1 1 
ATOM   23  N NH2 . ARG A 1 4   ? 4.659   13.927  0.859   1.00 39.28 ? 4   ARG A NH2 1 
ATOM   24  N N   . ILE A 1 5   ? -0.052  6.503   -0.568  1.00 23.79 ? 5   ILE A N   1 
ATOM   25  C CA  . ILE A 1 5   ? -0.691  5.262   -0.078  1.00 24.81 ? 5   ILE A CA  1 
ATOM   26  C C   . ILE A 1 5   ? -0.317  5.122   1.398   1.00 25.12 ? 5   ILE A C   1 
ATOM   27  O O   . ILE A 1 5   ? 0.863   5.137   1.723   1.00 23.37 ? 5   ILE A O   1 
ATOM   28  C CB  . ILE A 1 5   ? -0.238  4.058   -0.840  1.00 23.76 ? 5   ILE A CB  1 
ATOM   29  C CG1 . ILE A 1 5   ? -0.779  4.113   -2.277  1.00 23.85 ? 5   ILE A CG1 1 
ATOM   30  C CG2 . ILE A 1 5   ? -0.752  2.773   -0.148  1.00 24.52 ? 5   ILE A CG2 1 
ATOM   31  C CD1 . ILE A 1 5   ? -0.028  3.203   -3.210  1.00 25.71 ? 5   ILE A CD1 1 
ATOM   32  N N   . ARG A 1 6   ? -1.320  5.067   2.277   1.00 25.37 ? 6   ARG A N   1 
ATOM   33  C CA  . ARG A 1 6   ? -1.064  4.977   3.718   1.00 27.50 ? 6   ARG A CA  1 
ATOM   34  C C   . ARG A 1 6   ? -2.162  4.204   4.457   1.00 26.65 ? 6   ARG A C   1 
ATOM   35  O O   . ARG A 1 6   ? -3.096  3.702   3.841   1.00 26.60 ? 6   ARG A O   1 
ATOM   36  C CB  . ARG A 1 6   ? -0.815  6.372   4.348   1.00 27.60 ? 6   ARG A CB  1 
ATOM   37  C CG  . ARG A 1 6   ? -1.989  7.333   4.357   1.00 30.23 ? 6   ARG A CG  1 
ATOM   38  C CD  . ARG A 1 6   ? -1.549  8.810   4.660   1.00 31.55 ? 6   ARG A CD  1 
ATOM   39  N NE  . ARG A 1 6   ? -1.303  9.064   6.075   1.00 41.30 ? 6   ARG A NE  1 
ATOM   40  C CZ  . ARG A 1 6   ? -1.354  10.254  6.685   1.00 45.14 ? 6   ARG A CZ  1 
ATOM   41  N NH1 . ARG A 1 6   ? -1.647  11.368  6.007   1.00 46.74 ? 6   ARG A NH1 1 
ATOM   42  N NH2 . ARG A 1 6   ? -1.116  10.329  7.997   1.00 44.13 ? 6   ARG A NH2 1 
ATOM   43  N N   . LEU A 1 7   ? -2.020  4.097   5.767   1.00 26.85 ? 7   LEU A N   1 
ATOM   44  C CA  . LEU A 1 7   ? -2.978  3.336   6.583   1.00 27.60 ? 7   LEU A CA  1 
ATOM   45  C C   . LEU A 1 7   ? -3.954  4.275   7.238   1.00 28.54 ? 7   LEU A C   1 
ATOM   46  O O   . LEU A 1 7   ? -3.585  5.378   7.634   1.00 28.35 ? 7   LEU A O   1 
ATOM   47  C CB  . LEU A 1 7   ? -2.240  2.554   7.646   1.00 26.61 ? 7   LEU A CB  1 
ATOM   48  C CG  . LEU A 1 7   ? -1.233  1.493   7.206   1.00 26.54 ? 7   LEU A CG  1 
ATOM   49  C CD1 . LEU A 1 7   ? -0.973  0.610   8.413   1.00 26.86 ? 7   LEU A CD1 1 
ATOM   50  C CD2 . LEU A 1 7   ? -1.720  0.620   6.033   1.00 24.44 ? 7   LEU A CD2 1 
ATOM   51  N N   . ALA A 1 8   ? -5.212  3.844   7.331   1.00 30.04 ? 8   ALA A N   1 
ATOM   52  C CA  . ALA A 1 8   ? -6.237  4.577   8.022   1.00 31.00 ? 8   ALA A CA  1 
ATOM   53  C C   . ALA A 1 8   ? -6.947  3.657   9.046   1.00 32.66 ? 8   ALA A C   1 
ATOM   54  O O   . ALA A 1 8   ? -7.255  2.522   8.733   1.00 31.95 ? 8   ALA A O   1 
ATOM   55  C CB  . ALA A 1 8   ? -7.233  5.137   7.024   1.00 31.56 ? 8   ALA A CB  1 
ATOM   56  N N   . LYS A 1 9   ? -7.214  4.178   10.239  1.00 34.69 ? 9   LYS A N   1 
ATOM   57  C CA  . LYS A 1 9   ? -7.821  3.410   11.337  1.00 38.00 ? 9   LYS A CA  1 
ATOM   58  C C   . LYS A 1 9   ? -9.251  3.029   11.042  1.00 38.97 ? 9   LYS A C   1 
ATOM   59  O O   . LYS A 1 9   ? -9.980  3.799   10.437  1.00 39.50 ? 9   LYS A O   1 
ATOM   60  C CB  . LYS A 1 9   ? -7.803  4.235   12.617  1.00 38.89 ? 9   LYS A CB  1 
ATOM   61  C CG  . LYS A 1 9   ? -7.352  3.464   13.854  1.00 41.03 ? 9   LYS A CG  1 
ATOM   62  C CD  . LYS A 1 9   ? -6.449  4.350   14.728  1.00 44.60 ? 9   LYS A CD  1 
ATOM   63  C CE  . LYS A 1 9   ? -4.977  4.348   14.265  1.00 46.45 ? 9   LYS A CE  1 
ATOM   64  N NZ  . LYS A 1 9   ? -4.507  5.621   13.617  1.00 48.41 ? 9   LYS A NZ  1 
ATOM   65  N N   . PHE A 1 10  ? -9.646  1.856   11.533  1.00 41.18 ? 10  PHE A N   1 
ATOM   66  C CA  . PHE A 1 10  ? -10.904 1.174   11.224  1.00 42.75 ? 10  PHE A CA  1 
ATOM   67  C C   . PHE A 1 10  ? -11.050 0.116   12.362  1.00 43.76 ? 10  PHE A C   1 
ATOM   68  O O   . PHE A 1 10  ? -10.062 -0.347  12.911  1.00 44.03 ? 10  PHE A O   1 
ATOM   69  C CB  . PHE A 1 10  ? -10.715 0.511   9.853   1.00 43.65 ? 10  PHE A CB  1 
ATOM   70  C CG  . PHE A 1 10  ? -11.978 0.218   9.090   1.00 44.41 ? 10  PHE A CG  1 
ATOM   71  C CD1 . PHE A 1 10  ? -12.979 1.175   8.942   1.00 46.08 ? 10  PHE A CD1 1 
ATOM   72  C CD2 . PHE A 1 10  ? -12.122 -1.015  8.445   1.00 45.83 ? 10  PHE A CD2 1 
ATOM   73  C CE1 . PHE A 1 10  ? -14.143 0.884   8.201   1.00 46.88 ? 10  PHE A CE1 1 
ATOM   74  C CE2 . PHE A 1 10  ? -13.277 -1.319  7.705   1.00 45.99 ? 10  PHE A CE2 1 
ATOM   75  C CZ  . PHE A 1 10  ? -14.284 -0.364  7.577   1.00 45.81 ? 10  PHE A CZ  1 
ATOM   76  N N   . GLY A 1 11  ? -12.252 -0.261  12.766  1.00 45.03 ? 11  GLY A N   1 
ATOM   77  C CA  . GLY A 1 11  ? -12.340 -1.232  13.889  1.00 45.83 ? 11  GLY A CA  1 
ATOM   78  C C   . GLY A 1 11  ? -12.284 -0.695  15.326  1.00 46.61 ? 11  GLY A C   1 
ATOM   79  O O   . GLY A 1 11  ? -12.725 0.433   15.577  1.00 46.38 ? 11  GLY A O   1 
ATOM   80  N N   . ARG A 1 12  ? -11.747 -1.509  16.257  1.00 46.97 ? 12  ARG A N   1 
ATOM   81  C CA  . ARG A 1 12  ? -11.940 -1.332  17.723  1.00 47.83 ? 12  ARG A CA  1 
ATOM   82  C C   . ARG A 1 12  ? -10.707 -1.571  18.612  1.00 48.02 ? 12  ARG A C   1 
ATOM   83  O O   . ARG A 1 12  ? -9.790  -2.303  18.252  1.00 48.22 ? 12  ARG A O   1 
ATOM   84  C CB  . ARG A 1 12  ? -13.016 -2.296  18.278  1.00 47.53 ? 12  ARG A CB  1 
ATOM   85  C CG  . ARG A 1 12  ? -14.148 -2.742  17.376  1.00 48.02 ? 12  ARG A CG  1 
ATOM   86  C CD  . ARG A 1 12  ? -15.071 -3.691  18.142  1.00 48.37 ? 12  ARG A CD  1 
ATOM   87  N NE  . ARG A 1 12  ? -14.500 -5.029  18.283  1.00 49.96 ? 12  ARG A NE  1 
ATOM   88  C CZ  . ARG A 1 12  ? -14.692 -5.840  19.325  1.00 51.28 ? 12  ARG A CZ  1 
ATOM   89  N NH1 . ARG A 1 12  ? -15.436 -5.461  20.361  1.00 51.07 ? 12  ARG A NH1 1 
ATOM   90  N NH2 . ARG A 1 12  ? -14.131 -7.045  19.333  1.00 52.22 ? 12  ARG A NH2 1 
ATOM   91  N N   . LYS A 1 13  ? -10.748 -1.006  19.820  1.00 48.97 ? 13  LYS A N   1 
ATOM   92  C CA  . LYS A 1 13  ? -9.796  -1.337  20.901  1.00 49.27 ? 13  LYS A CA  1 
ATOM   93  C C   . LYS A 1 13  ? -9.606  -2.850  21.040  1.00 49.07 ? 13  LYS A C   1 
ATOM   94  O O   . LYS A 1 13  ? -10.587 -3.603  21.085  1.00 49.72 ? 13  LYS A O   1 
ATOM   95  C CB  . LYS A 1 13  ? -10.325 -0.788  22.226  1.00 49.53 ? 13  LYS A CB  1 
ATOM   96  C CG  . LYS A 1 13  ? -9.296  -0.635  23.326  1.00 50.27 ? 13  LYS A CG  1 
ATOM   97  C CD  . LYS A 1 13  ? -9.969  -0.041  24.549  1.00 51.92 ? 13  LYS A CD  1 
ATOM   98  C CE  . LYS A 1 13  ? -8.981  0.272   25.657  1.00 53.66 ? 13  LYS A CE  1 
ATOM   99  N NZ  . LYS A 1 13  ? -9.701  0.830   26.851  1.00 55.19 ? 13  LYS A NZ  1 
ATOM   100 N N   . HIS A 1 14  ? -8.347  -3.278  21.126  1.00 48.44 ? 14  HIS A N   1 
ATOM   101 C CA  . HIS A 1 14  ? -7.959  -4.707  21.229  1.00 47.63 ? 14  HIS A CA  1 
ATOM   102 C C   . HIS A 1 14  ? -8.120  -5.473  19.911  1.00 45.83 ? 14  HIS A C   1 
ATOM   103 O O   . HIS A 1 14  ? -7.596  -6.585  19.763  1.00 45.21 ? 14  HIS A O   1 
ATOM   104 C CB  . HIS A 1 14  ? -8.655  -5.448  22.398  1.00 48.55 ? 14  HIS A CB  1 
ATOM   105 C CG  . HIS A 1 14  ? -8.784  -4.630  23.651  1.00 50.80 ? 14  HIS A CG  1 
ATOM   106 N ND1 . HIS A 1 14  ? -7.704  -4.035  24.270  1.00 52.70 ? 14  HIS A ND1 1 
ATOM   107 C CD2 . HIS A 1 14  ? -9.868  -4.308  24.397  1.00 52.94 ? 14  HIS A CD2 1 
ATOM   108 C CE1 . HIS A 1 14  ? -8.117  -3.384  25.342  1.00 53.56 ? 14  HIS A CE1 1 
ATOM   109 N NE2 . HIS A 1 14  ? -9.426  -3.533  25.443  1.00 53.97 ? 14  HIS A NE2 1 
ATOM   110 N N   . HIS A 1 15  ? -8.836  -4.868  18.961  1.00 43.65 ? 15  HIS A N   1 
ATOM   111 C CA  . HIS A 1 15  ? -8.893  -5.374  17.591  1.00 41.51 ? 15  HIS A CA  1 
ATOM   112 C C   . HIS A 1 15  ? -8.812  -4.202  16.572  1.00 38.95 ? 15  HIS A C   1 
ATOM   113 O O   . HIS A 1 15  ? -9.795  -3.849  15.920  1.00 37.48 ? 15  HIS A O   1 
ATOM   114 C CB  . HIS A 1 15  ? -10.129 -6.275  17.379  1.00 41.76 ? 15  HIS A CB  1 
ATOM   115 C CG  . HIS A 1 15  ? -10.237 -7.401  18.373  1.00 43.61 ? 15  HIS A CG  1 
ATOM   116 N ND1 . HIS A 1 15  ? -9.627  -8.625  18.187  1.00 45.02 ? 15  HIS A ND1 1 
ATOM   117 C CD2 . HIS A 1 15  ? -10.859 -7.471  19.574  1.00 45.76 ? 15  HIS A CD2 1 
ATOM   118 C CE1 . HIS A 1 15  ? -9.896  -9.411  19.215  1.00 47.11 ? 15  HIS A CE1 1 
ATOM   119 N NE2 . HIS A 1 15  ? -10.639 -8.733  20.074  1.00 47.76 ? 15  HIS A NE2 1 
ATOM   120 N N   . PRO A 1 16  ? -7.617  -3.581  16.448  1.00 37.58 ? 16  PRO A N   1 
ATOM   121 C CA  . PRO A 1 16  ? -7.510  -2.494  15.468  1.00 35.10 ? 16  PRO A CA  1 
ATOM   122 C C   . PRO A 1 16  ? -7.549  -3.056  14.050  1.00 32.74 ? 16  PRO A C   1 
ATOM   123 O O   . PRO A 1 16  ? -7.096  -4.174  13.809  1.00 32.52 ? 16  PRO A O   1 
ATOM   124 C CB  . PRO A 1 16  ? -6.145  -1.862  15.771  1.00 35.20 ? 16  PRO A CB  1 
ATOM   125 C CG  . PRO A 1 16  ? -5.351  -2.937  16.436  1.00 37.09 ? 16  PRO A CG  1 
ATOM   126 C CD  . PRO A 1 16  ? -6.336  -3.846  17.140  1.00 37.07 ? 16  PRO A CD  1 
ATOM   127 N N   . ILE A 1 17  ? -8.115  -2.292  13.125  1.00 30.94 ? 17  ILE A N   1 
ATOM   128 C CA  . ILE A 1 17  ? -8.114  -2.669  11.715  1.00 29.30 ? 17  ILE A CA  1 
ATOM   129 C C   . ILE A 1 17  ? -7.665  -1.444  10.905  1.00 28.78 ? 17  ILE A C   1 
ATOM   130 O O   . ILE A 1 17  ? -8.058  -0.336  11.232  1.00 28.54 ? 17  ILE A O   1 
ATOM   131 C CB  . ILE A 1 17  ? -9.511  -3.131  11.247  1.00 28.94 ? 17  ILE A CB  1 
ATOM   132 C CG1 . ILE A 1 17  ? -9.934  -4.415  11.966  1.00 27.13 ? 17  ILE A CG1 1 
ATOM   133 C CG2 . ILE A 1 17  ? -9.518  -3.439  9.752   1.00 29.03 ? 17  ILE A CG2 1 
ATOM   134 C CD1 . ILE A 1 17  ? -9.091  -5.605  11.604  1.00 22.28 ? 17  ILE A CD1 1 
ATOM   135 N N   . TYR A 1 18  ? -6.830  -1.674  9.889   1.00 28.50 ? 18  TYR A N   1 
ATOM   136 C CA  . TYR A 1 18  ? -6.298  -0.593  9.025   1.00 29.01 ? 18  TYR A CA  1 
ATOM   137 C C   . TYR A 1 18  ? -6.665  -0.776  7.562   1.00 29.20 ? 18  TYR A C   1 
ATOM   138 O O   . TYR A 1 18  ? -6.292  -1.776  6.936   1.00 29.80 ? 18  TYR A O   1 
ATOM   139 C CB  . TYR A 1 18  ? -4.774  -0.507  9.160   1.00 28.19 ? 18  TYR A CB  1 
ATOM   140 C CG  . TYR A 1 18  ? -4.330  -0.186  10.562  1.00 29.21 ? 18  TYR A CG  1 
ATOM   141 C CD1 . TYR A 1 18  ? -3.556  -1.084  11.293  1.00 29.80 ? 18  TYR A CD1 1 
ATOM   142 C CD2 . TYR A 1 18  ? -4.735  0.990   11.179  1.00 30.99 ? 18  TYR A CD2 1 
ATOM   143 C CE1 . TYR A 1 18  ? -3.169  -0.793  12.613  1.00 31.15 ? 18  TYR A CE1 1 
ATOM   144 C CE2 . TYR A 1 18  ? -4.347  1.293   12.482  1.00 31.82 ? 18  TYR A CE2 1 
ATOM   145 C CZ  . TYR A 1 18  ? -3.577  0.403   13.185  1.00 30.77 ? 18  TYR A CZ  1 
ATOM   146 O OH  . TYR A 1 18  ? -3.208  0.744   14.467  1.00 32.37 ? 18  TYR A OH  1 
ATOM   147 N N   . ARG A 1 19  ? -7.371  0.198   7.005   1.00 29.33 ? 19  ARG A N   1 
ATOM   148 C CA  . ARG A 1 19  ? -7.555  0.217   5.552   1.00 29.48 ? 19  ARG A CA  1 
ATOM   149 C C   . ARG A 1 19  ? -6.281  0.761   4.887   1.00 29.25 ? 19  ARG A C   1 
ATOM   150 O O   . ARG A 1 19  ? -5.727  1.752   5.350   1.00 28.40 ? 19  ARG A O   1 
ATOM   151 C CB  A ARG A 1 19  ? -8.780  1.049   5.185   0.60 29.55 ? 19  ARG A CB  1 
ATOM   152 C CB  B ARG A 1 19  ? -8.773  1.077   5.176   0.40 29.52 ? 19  ARG A CB  1 
ATOM   153 C CG  A ARG A 1 19  ? -10.089 0.290   5.490   0.60 31.13 ? 19  ARG A CG  1 
ATOM   154 C CG  B ARG A 1 19  ? -10.155 0.401   5.419   0.40 30.83 ? 19  ARG A CG  1 
ATOM   155 C CD  A ARG A 1 19  ? -11.300 0.968   4.910   0.60 31.21 ? 19  ARG A CD  1 
ATOM   156 C CD  B ARG A 1 19  ? -10.590 -0.470  4.231   0.40 31.22 ? 19  ARG A CD  1 
ATOM   157 N NE  A ARG A 1 19  ? -11.810 2.017   5.780   0.60 34.24 ? 19  ARG A NE  1 
ATOM   158 N NE  B ARG A 1 19  ? -11.886 -1.143  4.434   0.40 33.43 ? 19  ARG A NE  1 
ATOM   159 C CZ  A ARG A 1 19  ? -12.938 2.684   5.557   0.60 34.75 ? 19  ARG A CZ  1 
ATOM   160 C CZ  B ARG A 1 19  ? -12.544 -1.807  3.481   0.40 34.45 ? 19  ARG A CZ  1 
ATOM   161 N NH1 A ARG A 1 19  ? -13.668 2.417   4.485   0.60 34.86 ? 19  ARG A NH1 1 
ATOM   162 N NH1 B ARG A 1 19  ? -12.039 -1.900  2.256   0.40 35.90 ? 19  ARG A NH1 1 
ATOM   163 N NH2 A ARG A 1 19  ? -13.332 3.623   6.408   0.60 35.76 ? 19  ARG A NH2 1 
ATOM   164 N NH2 B ARG A 1 19  ? -13.706 -2.387  3.743   0.40 35.48 ? 19  ARG A NH2 1 
ATOM   165 N N   . ILE A 1 20  ? -5.800  0.092   3.844   1.00 29.25 ? 20  ILE A N   1 
ATOM   166 C CA  . ILE A 1 20  ? -4.740  0.673   3.032   1.00 29.28 ? 20  ILE A CA  1 
ATOM   167 C C   . ILE A 1 20  ? -5.442  1.558   2.013   1.00 29.95 ? 20  ILE A C   1 
ATOM   168 O O   . ILE A 1 20  ? -6.244  1.078   1.202   1.00 29.68 ? 20  ILE A O   1 
ATOM   169 C CB  . ILE A 1 20  ? -3.896  -0.375  2.326   1.00 29.30 ? 20  ILE A CB  1 
ATOM   170 C CG1 . ILE A 1 20  ? -3.346  -1.378  3.358   1.00 30.27 ? 20  ILE A CG1 1 
ATOM   171 C CG2 . ILE A 1 20  ? -2.732  0.308   1.550   1.00 29.21 ? 20  ILE A CG2 1 
ATOM   172 C CD1 . ILE A 1 20  ? -2.585  -2.538  2.753   1.00 32.02 ? 20  ILE A CD1 1 
ATOM   173 N N   . VAL A 1 21  ? -5.172  2.854   2.081   1.00 29.15 ? 21  VAL A N   1 
ATOM   174 C CA  . VAL A 1 21  ? -5.927  3.812   1.273   1.00 28.97 ? 21  VAL A CA  1 
ATOM   175 C C   . VAL A 1 21  ? -5.012  4.618   0.376   1.00 30.17 ? 21  VAL A C   1 
ATOM   176 O O   . VAL A 1 21  ? -3.817  4.693   0.640   1.00 30.08 ? 21  VAL A O   1 
ATOM   177 C CB  . VAL A 1 21  ? -6.797  4.769   2.145   1.00 28.20 ? 21  VAL A CB  1 
ATOM   178 C CG1 . VAL A 1 21  ? -7.860  3.958   2.974   1.00 28.53 ? 21  VAL A CG1 1 
ATOM   179 C CG2 . VAL A 1 21  ? -5.946  5.640   3.052   1.00 26.46 ? 21  VAL A CG2 1 
ATOM   180 N N   . VAL A 1 22  ? -5.598  5.211   -0.673  1.00 31.28 ? 22  VAL A N   1 
ATOM   181 C CA  . VAL A 1 22  ? -4.978  6.296   -1.465  1.00 32.19 ? 22  VAL A CA  1 
ATOM   182 C C   . VAL A 1 22  ? -5.676  7.588   -1.035  1.00 33.17 ? 22  VAL A C   1 
ATOM   183 O O   . VAL A 1 22  ? -6.900  7.690   -1.088  1.00 32.16 ? 22  VAL A O   1 
ATOM   184 C CB  . VAL A 1 22  ? -5.124  6.059   -3.008  1.00 32.01 ? 22  VAL A CB  1 
ATOM   185 C CG1 . VAL A 1 22  ? -4.406  7.167   -3.819  1.00 31.23 ? 22  VAL A CG1 1 
ATOM   186 C CG2 . VAL A 1 22  ? -4.550  4.727   -3.397  1.00 31.28 ? 22  VAL A CG2 1 
ATOM   187 N N   . MET A 1 23  ? -4.899  8.557   -0.566  1.00 35.07 ? 23  MET A N   1 
ATOM   188 C CA  . MET A 1 23  ? -5.454  9.806   -0.044  1.00 38.42 ? 23  MET A CA  1 
ATOM   189 C C   . MET A 1 23  ? -4.537  11.001  -0.334  1.00 39.09 ? 23  MET A C   1 
ATOM   190 O O   . MET A 1 23  ? -3.354  10.812  -0.574  1.00 39.26 ? 23  MET A O   1 
ATOM   191 C CB  . MET A 1 23  ? -5.763  9.693   1.459   1.00 38.18 ? 23  MET A CB  1 
ATOM   192 C CG  A MET A 1 23  ? -4.554  9.512   2.363   0.60 39.47 ? 23  MET A CG  1 
ATOM   193 C CG  B MET A 1 23  ? -4.553  9.476   2.375   0.40 39.74 ? 23  MET A CG  1 
ATOM   194 S SD  A MET A 1 23  ? -4.953  8.978   4.053   0.60 40.83 ? 23  MET A SD  1 
ATOM   195 S SD  B MET A 1 23  ? -3.825  10.972  3.105   0.40 41.89 ? 23  MET A SD  1 
ATOM   196 C CE  A MET A 1 23  ? -5.692  10.456  4.752   0.60 40.22 ? 23  MET A CE  1 
ATOM   197 C CE  B MET A 1 23  ? -2.256  11.081  2.238   0.40 41.92 ? 23  MET A CE  1 
ATOM   198 N N   . ASP A 1 24  ? -5.094  12.209  -0.311  1.00 41.14 ? 24  ASP A N   1 
ATOM   199 C CA  . ASP A 1 24  ? -4.298  13.444  -0.422  1.00 43.10 ? 24  ASP A CA  1 
ATOM   200 C C   . ASP A 1 24  ? -4.248  14.127  0.930   1.00 44.41 ? 24  ASP A C   1 
ATOM   201 O O   . ASP A 1 24  ? -5.278  14.392  1.532   1.00 45.51 ? 24  ASP A O   1 
ATOM   202 C CB  . ASP A 1 24  ? -4.883  14.390  -1.476  1.00 43.14 ? 24  ASP A CB  1 
ATOM   203 C CG  . ASP A 1 24  ? -3.960  15.583  -1.796  1.00 43.09 ? 24  ASP A CG  1 
ATOM   204 O OD1 . ASP A 1 24  ? -3.318  16.132  -0.872  1.00 40.83 ? 24  ASP A OD1 1 
ATOM   205 O OD2 . ASP A 1 24  ? -3.891  15.977  -2.988  1.00 44.84 ? 24  ASP A OD2 1 
ATOM   206 N N   . ALA A 1 25  ? -3.033  14.448  1.365   1.00 46.10 ? 25  ALA A N   1 
ATOM   207 C CA  . ALA A 1 25  ? -2.713  14.830  2.745   1.00 47.10 ? 25  ALA A CA  1 
ATOM   208 C C   . ALA A 1 25  ? -3.333  16.121  3.304   1.00 47.59 ? 25  ALA A C   1 
ATOM   209 O O   . ALA A 1 25  ? -3.869  16.954  2.571   1.00 48.91 ? 25  ALA A O   1 
ATOM   210 C CB  . ALA A 1 25  ? -1.173  14.845  2.931   1.00 47.17 ? 25  ALA A CB  1 
ATOM   211 N N   . LYS A 1 32  ? -13.665 11.397  2.409   1.00 50.99 ? 32  LYS A N   1 
ATOM   212 C CA  . LYS A 1 32  ? -13.197 10.012  2.347   1.00 50.51 ? 32  LYS A CA  1 
ATOM   213 C C   . LYS A 1 32  ? -11.766 9.907   1.793   1.00 49.94 ? 32  LYS A C   1 
ATOM   214 O O   . LYS A 1 32  ? -10.838 10.559  2.305   1.00 50.18 ? 32  LYS A O   1 
ATOM   215 C CB  . LYS A 1 32  ? -14.172 9.155   1.516   1.00 50.76 ? 32  LYS A CB  1 
ATOM   216 C CG  . LYS A 1 32  ? -13.931 7.636   1.603   1.00 51.65 ? 32  LYS A CG  1 
ATOM   217 C CD  . LYS A 1 32  ? -14.777 6.864   0.594   1.00 50.89 ? 32  LYS A CD  1 
ATOM   218 C CE  . LYS A 1 32  ? -14.106 5.548   0.205   1.00 52.27 ? 32  LYS A CE  1 
ATOM   219 N NZ  . LYS A 1 32  ? -13.126 5.706   -0.918  1.00 50.78 ? 32  LYS A NZ  1 
ATOM   220 N N   . TYR A 1 33  ? -11.627 9.088   0.744   1.00 48.44 ? 33  TYR A N   1 
ATOM   221 C CA  . TYR A 1 33  ? -10.371 8.612   0.198   1.00 46.90 ? 33  TYR A CA  1 
ATOM   222 C C   . TYR A 1 33  ? -10.523 8.502   -1.321  1.00 45.78 ? 33  TYR A C   1 
ATOM   223 O O   . TYR A 1 33  ? -11.633 8.333   -1.821  1.00 45.91 ? 33  TYR A O   1 
ATOM   224 C CB  . TYR A 1 33  ? -10.049 7.221   0.759   1.00 46.81 ? 33  TYR A CB  1 
ATOM   225 C CG  . TYR A 1 33  ? -10.077 7.093   2.272   1.00 47.31 ? 33  TYR A CG  1 
ATOM   226 C CD1 . TYR A 1 33  ? -10.942 6.190   2.895   1.00 48.28 ? 33  TYR A CD1 1 
ATOM   227 C CD2 . TYR A 1 33  ? -9.228  7.858   3.085   1.00 47.51 ? 33  TYR A CD2 1 
ATOM   228 C CE1 . TYR A 1 33  ? -10.976 6.064   4.287   1.00 47.86 ? 33  TYR A CE1 1 
ATOM   229 C CE2 . TYR A 1 33  ? -9.254  7.736   4.479   1.00 47.27 ? 33  TYR A CE2 1 
ATOM   230 C CZ  . TYR A 1 33  ? -10.132 6.834   5.069   1.00 47.32 ? 33  TYR A CZ  1 
ATOM   231 O OH  . TYR A 1 33  ? -10.171 6.701   6.446   1.00 48.11 ? 33  TYR A OH  1 
ATOM   232 N N   . ILE A 1 34  ? -9.412  8.582   -2.051  1.00 44.06 ? 34  ILE A N   1 
ATOM   233 C CA  . ILE A 1 34  ? -9.420  8.433   -3.515  1.00 42.47 ? 34  ILE A CA  1 
ATOM   234 C C   . ILE A 1 34  ? -9.692  6.983   -3.921  1.00 41.67 ? 34  ILE A C   1 
ATOM   235 O O   . ILE A 1 34  ? -10.393 6.726   -4.908  1.00 41.68 ? 34  ILE A O   1 
ATOM   236 C CB  . ILE A 1 34  ? -8.099  8.988   -4.160  1.00 42.54 ? 34  ILE A CB  1 
ATOM   237 C CG1 . ILE A 1 34  ? -7.941  10.483  -3.855  1.00 42.31 ? 34  ILE A CG1 1 
ATOM   238 C CG2 . ILE A 1 34  ? -8.061  8.777   -5.678  1.00 42.44 ? 34  ILE A CG2 1 
ATOM   239 C CD1 . ILE A 1 34  ? -6.540  11.064  -4.152  1.00 42.33 ? 34  ILE A CD1 1 
ATOM   240 N N   . ASP A 1 35  ? -9.142  6.038   -3.160  1.00 39.88 ? 35  ASP A N   1 
ATOM   241 C CA  . ASP A 1 35  ? -9.271  4.621   -3.452  1.00 38.73 ? 35  ASP A CA  1 
ATOM   242 C C   . ASP A 1 35  ? -8.935  3.786   -2.209  1.00 37.70 ? 35  ASP A C   1 
ATOM   243 O O   . ASP A 1 35  ? -8.235  4.253   -1.327  1.00 37.35 ? 35  ASP A O   1 
ATOM   244 C CB  . ASP A 1 35  ? -8.344  4.228   -4.601  1.00 39.55 ? 35  ASP A CB  1 
ATOM   245 C CG  . ASP A 1 35  ? -9.055  3.424   -5.672  1.00 41.50 ? 35  ASP A CG  1 
ATOM   246 O OD1 . ASP A 1 35  ? -8.504  3.266   -6.784  1.00 39.95 ? 35  ASP A OD1 1 
ATOM   247 O OD2 . ASP A 1 35  ? -10.192 2.972   -5.396  1.00 45.73 ? 35  ASP A OD2 1 
ATOM   248 N N   . ILE A 1 36  ? -9.462  2.566   -2.133  1.00 36.53 ? 36  ILE A N   1 
ATOM   249 C CA  . ILE A 1 36  ? -9.095  1.629   -1.052  1.00 34.64 ? 36  ILE A CA  1 
ATOM   250 C C   . ILE A 1 36  ? -8.362  0.497   -1.724  1.00 32.47 ? 36  ILE A C   1 
ATOM   251 O O   . ILE A 1 36  ? -8.813  -0.028  -2.741  1.00 33.06 ? 36  ILE A O   1 
ATOM   252 C CB  . ILE A 1 36  ? -10.325 1.122   -0.207  1.00 34.96 ? 36  ILE A CB  1 
ATOM   253 C CG1 . ILE A 1 36  ? -11.051 2.283   0.447   1.00 35.62 ? 36  ILE A CG1 1 
ATOM   254 C CG2 . ILE A 1 36  ? -9.855  0.230   0.908   1.00 34.16 ? 36  ILE A CG2 1 
ATOM   255 C CD1 . ILE A 1 36  ? -12.522 1.966   0.858   1.00 35.76 ? 36  ILE A CD1 1 
ATOM   256 N N   . LEU A 1 37  ? -7.190  0.157   -1.214  1.00 30.22 ? 37  LEU A N   1 
ATOM   257 C CA  . LEU A 1 37  ? -6.392  -0.885  -1.825  1.00 28.56 ? 37  LEU A CA  1 
ATOM   258 C C   . LEU A 1 37  ? -6.567  -2.225  -1.087  1.00 28.61 ? 37  LEU A C   1 
ATOM   259 O O   . LEU A 1 37  ? -6.093  -3.258  -1.562  1.00 26.82 ? 37  LEU A O   1 
ATOM   260 C CB  . LEU A 1 37  ? -4.901  -0.487  -1.833  1.00 28.56 ? 37  LEU A CB  1 
ATOM   261 C CG  . LEU A 1 37  ? -4.522  0.827   -2.555  1.00 27.57 ? 37  LEU A CG  1 
ATOM   262 C CD1 . LEU A 1 37  ? -3.021  0.911   -2.777  1.00 28.72 ? 37  LEU A CD1 1 
ATOM   263 C CD2 . LEU A 1 37  ? -5.289  0.916   -3.881  1.00 25.81 ? 37  LEU A CD2 1 
ATOM   264 N N   . GLY A 1 38  ? -7.200  -2.171  0.086   1.00 29.37 ? 38  GLY A N   1 
ATOM   265 C CA  . GLY A 1 38  ? -7.407  -3.390  0.925   1.00 30.18 ? 38  GLY A CA  1 
ATOM   266 C C   . GLY A 1 38  ? -7.542  -3.133  2.414   1.00 30.64 ? 38  GLY A C   1 
ATOM   267 O O   . GLY A 1 38  ? -7.504  -1.987  2.850   1.00 30.67 ? 38  GLY A O   1 
ATOM   268 N N   . THR A 1 39  ? -7.700  -4.217  3.190   1.00 31.72 ? 39  THR A N   1 
ATOM   269 C CA  . THR A 1 39  ? -7.975  -4.150  4.627   1.00 32.01 ? 39  THR A CA  1 
ATOM   270 C C   . THR A 1 39  ? -7.089  -5.144  5.366   1.00 31.89 ? 39  THR A C   1 
ATOM   271 O O   . THR A 1 39  ? -6.916  -6.312  4.949   1.00 30.91 ? 39  THR A O   1 
ATOM   272 C CB  . THR A 1 39  ? -9.495  -4.337  4.939   1.00 33.74 ? 39  THR A CB  1 
ATOM   273 O OG1 . THR A 1 39  ? -10.242 -3.356  4.221   1.00 33.70 ? 39  THR A OG1 1 
ATOM   274 C CG2 . THR A 1 39  ? -9.800  -4.129  6.423   1.00 33.60 ? 39  THR A CG2 1 
ATOM   275 N N   . TYR A 1 40  ? -6.460  -4.647  6.427   1.00 30.70 ? 40  TYR A N   1 
ATOM   276 C CA  . TYR A 1 40  ? -5.393  -5.380  7.051   1.00 30.05 ? 40  TYR A CA  1 
ATOM   277 C C   . TYR A 1 40  ? -5.597  -5.485  8.559   1.00 29.61 ? 40  TYR A C   1 
ATOM   278 O O   . TYR A 1 40  ? -5.978  -4.523  9.238   1.00 28.80 ? 40  TYR A O   1 
ATOM   279 C CB  . TYR A 1 40  ? -4.033  -4.733  6.746   1.00 29.91 ? 40  TYR A CB  1 
ATOM   280 C CG  . TYR A 1 40  ? -2.888  -5.378  7.465   1.00 29.43 ? 40  TYR A CG  1 
ATOM   281 C CD1 . TYR A 1 40  ? -2.322  -4.774  8.593   1.00 30.36 ? 40  TYR A CD1 1 
ATOM   282 C CD2 . TYR A 1 40  ? -2.373  -6.603  7.047   1.00 29.45 ? 40  TYR A CD2 1 
ATOM   283 C CE1 . TYR A 1 40  ? -1.268  -5.367  9.262   1.00 27.36 ? 40  TYR A CE1 1 
ATOM   284 C CE2 . TYR A 1 40  ? -1.326  -7.201  7.718   1.00 26.21 ? 40  TYR A CE2 1 
ATOM   285 C CZ  . TYR A 1 40  ? -0.777  -6.567  8.829   1.00 29.10 ? 40  TYR A CZ  1 
ATOM   286 O OH  . TYR A 1 40  ? 0.282   -7.144  9.507   1.00 29.55 ? 40  TYR A OH  1 
ATOM   287 N N   . ASP A 1 41  ? -5.305  -6.669  9.064   1.00 29.64 ? 41  ASP A N   1 
ATOM   288 C CA  . ASP A 1 41  ? -5.499  -6.960  10.470  1.00 30.03 ? 41  ASP A CA  1 
ATOM   289 C C   . ASP A 1 41  ? -4.100  -7.191  11.043  1.00 30.75 ? 41  ASP A C   1 
ATOM   290 O O   . ASP A 1 41  ? -3.441  -8.138  10.693  1.00 31.12 ? 41  ASP A O   1 
ATOM   291 C CB  . ASP A 1 41  ? -6.428  -8.181  10.609  1.00 29.97 ? 41  ASP A CB  1 
ATOM   292 C CG  . ASP A 1 41  ? -6.355  -8.844  11.997  1.00 29.97 ? 41  ASP A CG  1 
ATOM   293 O OD1 . ASP A 1 41  ? -5.687  -8.315  12.893  1.00 31.23 ? 41  ASP A OD1 1 
ATOM   294 O OD2 . ASP A 1 41  ? -7.013  -9.877  12.196  1.00 30.91 ? 41  ASP A OD2 1 
ATOM   295 N N   . PRO A 1 42  ? -3.626  -6.275  11.888  1.00 32.28 ? 42  PRO A N   1 
ATOM   296 C CA  . PRO A 1 42  ? -2.249  -6.295  12.379  1.00 33.30 ? 42  PRO A CA  1 
ATOM   297 C C   . PRO A 1 42  ? -1.955  -7.355  13.455  1.00 34.88 ? 42  PRO A C   1 
ATOM   298 O O   . PRO A 1 42  ? -0.793  -7.787  13.606  1.00 35.77 ? 42  PRO A O   1 
ATOM   299 C CB  . PRO A 1 42  ? -2.076  -4.891  12.959  1.00 33.02 ? 42  PRO A CB  1 
ATOM   300 C CG  . PRO A 1 42  ? -3.416  -4.485  13.364  1.00 31.82 ? 42  PRO A CG  1 
ATOM   301 C CD  . PRO A 1 42  ? -4.391  -5.140  12.430  1.00 31.80 ? 42  PRO A CD  1 
ATOM   302 N N   . LYS A 1 43  ? -2.985  -7.769  14.179  1.00 35.22 ? 43  LYS A N   1 
ATOM   303 C CA  . LYS A 1 43  ? -2.851  -8.804  15.211  1.00 36.07 ? 43  LYS A CA  1 
ATOM   304 C C   . LYS A 1 43  ? -2.711  -10.174 14.576  1.00 36.03 ? 43  LYS A C   1 
ATOM   305 O O   . LYS A 1 43  ? -1.751  -10.899 14.846  1.00 36.13 ? 43  LYS A O   1 
ATOM   306 C CB  . LYS A 1 43  ? -4.054  -8.776  16.153  1.00 36.04 ? 43  LYS A CB  1 
ATOM   307 C CG  . LYS A 1 43  ? -4.221  -7.467  16.905  1.00 39.03 ? 43  LYS A CG  1 
ATOM   308 C CD  . LYS A 1 43  ? -3.517  -7.436  18.253  1.00 42.48 ? 43  LYS A CD  1 
ATOM   309 C CE  . LYS A 1 43  ? -3.988  -6.258  19.096  1.00 45.39 ? 43  LYS A CE  1 
ATOM   310 N NZ  . LYS A 1 43  ? -3.105  -6.022  20.291  1.00 48.20 ? 43  LYS A NZ  1 
ATOM   311 N N   . ARG A 1 44  ? -3.645  -10.519 13.693  1.00 35.86 ? 44  ARG A N   1 
ATOM   312 C CA  . ARG A 1 44  ? -3.585  -11.816 13.038  1.00 35.42 ? 44  ARG A CA  1 
ATOM   313 C C   . ARG A 1 44  ? -2.669  -11.787 11.838  1.00 35.61 ? 44  ARG A C   1 
ATOM   314 O O   . ARG A 1 44  ? -2.326  -12.844 11.299  1.00 35.43 ? 44  ARG A O   1 
ATOM   315 C CB  . ARG A 1 44  ? -4.976  -12.301 12.642  1.00 35.44 ? 44  ARG A CB  1 
ATOM   316 C CG  . ARG A 1 44  ? -5.897  -12.474 13.822  1.00 37.41 ? 44  ARG A CG  1 
ATOM   317 C CD  . ARG A 1 44  ? -5.395  -13.590 14.755  1.00 40.28 ? 44  ARG A CD  1 
ATOM   318 N NE  . ARG A 1 44  ? -6.508  -14.190 15.490  1.00 41.89 ? 44  ARG A NE  1 
ATOM   319 C CZ  . ARG A 1 44  ? -6.889  -15.461 15.394  1.00 40.10 ? 44  ARG A CZ  1 
ATOM   320 N NH1 . ARG A 1 44  ? -6.248  -16.312 14.600  1.00 37.86 ? 44  ARG A NH1 1 
ATOM   321 N NH2 . ARG A 1 44  ? -7.923  -15.878 16.112  1.00 43.12 ? 44  ARG A NH2 1 
ATOM   322 N N   . LYS A 1 45  ? -2.283  -10.576 11.420  1.00 34.22 ? 45  LYS A N   1 
ATOM   323 C CA  . LYS A 1 45  ? -1.412  -10.394 10.281  1.00 34.16 ? 45  LYS A CA  1 
ATOM   324 C C   . LYS A 1 45  ? -1.992  -10.957 8.993   1.00 33.26 ? 45  LYS A C   1 
ATOM   325 O O   . LYS A 1 45  ? -1.332  -11.670 8.260   1.00 33.33 ? 45  LYS A O   1 
ATOM   326 C CB  . LYS A 1 45  ? -0.021  -10.957 10.574  1.00 34.42 ? 45  LYS A CB  1 
ATOM   327 C CG  . LYS A 1 45  ? 0.647   -10.240 11.754  1.00 35.50 ? 45  LYS A CG  1 
ATOM   328 C CD  . LYS A 1 45  ? 2.094   -10.626 11.908  1.00 40.38 ? 45  LYS A CD  1 
ATOM   329 C CE  . LYS A 1 45  ? 2.735   -9.770  12.969  1.00 43.00 ? 45  LYS A CE  1 
ATOM   330 N NZ  . LYS A 1 45  ? 4.188   -9.586  12.707  1.00 46.77 ? 45  LYS A NZ  1 
ATOM   331 N N   . VAL A 1 46  ? -3.249  -10.649 8.728   1.00 32.51 ? 46  VAL A N   1 
ATOM   332 C CA  . VAL A 1 46  ? -3.856  -11.129 7.497   1.00 32.31 ? 46  VAL A CA  1 
ATOM   333 C C   . VAL A 1 46  ? -4.468  -9.985  6.734   1.00 30.94 ? 46  VAL A C   1 
ATOM   334 O O   . VAL A 1 46  ? -4.912  -9.016  7.320   1.00 31.69 ? 46  VAL A O   1 
ATOM   335 C CB  . VAL A 1 46  ? -4.939  -12.194 7.783   1.00 31.76 ? 46  VAL A CB  1 
ATOM   336 C CG1 . VAL A 1 46  ? -4.297  -13.415 8.431   1.00 33.04 ? 46  VAL A CG1 1 
ATOM   337 C CG2 . VAL A 1 46  ? -6.031  -11.615 8.662   1.00 31.32 ? 46  VAL A CG2 1 
ATOM   338 N N   . LEU A 1 47  ? -4.533  -10.118 5.424   1.00 32.39 ? 47  LEU A N   1 
ATOM   339 C CA  . LEU A 1 47  ? -5.305  -9.179  4.632   1.00 32.68 ? 47  LEU A CA  1 
ATOM   340 C C   . LEU A 1 47  ? -6.696  -9.727  4.476   1.00 33.23 ? 47  LEU A C   1 
ATOM   341 O O   . LEU A 1 47  ? -6.892  -10.766 3.839   1.00 33.96 ? 47  LEU A O   1 
ATOM   342 C CB  . LEU A 1 47  ? -4.678  -8.977  3.253   1.00 33.63 ? 47  LEU A CB  1 
ATOM   343 C CG  . LEU A 1 47  ? -3.500  -8.018  3.119   1.00 32.38 ? 47  LEU A CG  1 
ATOM   344 C CD1 . LEU A 1 47  ? -2.757  -8.408  1.864   1.00 32.19 ? 47  LEU A CD1 1 
ATOM   345 C CD2 . LEU A 1 47  ? -4.024  -6.569  3.086   1.00 30.96 ? 47  LEU A CD2 1 
ATOM   346 N N   . ILE A 1 48  ? -7.637  -9.037  5.104   1.00 33.36 ? 48  ILE A N   1 
ATOM   347 C CA  . ILE A 1 48  ? -9.047  -9.307  5.014   1.00 34.09 ? 48  ILE A CA  1 
ATOM   348 C C   . ILE A 1 48  ? -9.509  -9.123  3.573   1.00 35.08 ? 48  ILE A C   1 
ATOM   349 O O   . ILE A 1 48  ? -10.072 -10.049 3.000   1.00 34.75 ? 48  ILE A O   1 
ATOM   350 C CB  . ILE A 1 48  ? -9.831  -8.392  5.952   1.00 34.04 ? 48  ILE A CB  1 
ATOM   351 C CG1 . ILE A 1 48  ? -9.352  -8.607  7.406   1.00 34.62 ? 48  ILE A CG1 1 
ATOM   352 C CG2 . ILE A 1 48  ? -11.340 -8.658  5.824   1.00 35.07 ? 48  ILE A CG2 1 
ATOM   353 C CD1 . ILE A 1 48  ? -10.134 -7.860  8.413   1.00 33.84 ? 48  ILE A CD1 1 
ATOM   354 N N   . ASN A 1 49  ? -9.264  -7.933  2.997   1.00 35.13 ? 49  ASN A N   1 
ATOM   355 C CA  . ASN A 1 49  ? -9.525  -7.663  1.571   1.00 35.48 ? 49  ASN A CA  1 
ATOM   356 C C   . ASN A 1 49  ? -8.255  -7.099  0.945   1.00 35.38 ? 49  ASN A C   1 
ATOM   357 O O   . ASN A 1 49  ? -7.515  -6.381  1.610   1.00 33.81 ? 49  ASN A O   1 
ATOM   358 C CB  . ASN A 1 49  ? -10.549 -6.541  1.404   1.00 36.09 ? 49  ASN A CB  1 
ATOM   359 C CG  . ASN A 1 49  ? -11.831 -6.796  2.104   1.00 38.00 ? 49  ASN A CG  1 
ATOM   360 O OD1 . ASN A 1 49  ? -12.230 -6.017  2.982   1.00 41.20 ? 49  ASN A OD1 1 
ATOM   361 N ND2 . ASN A 1 49  ? -12.531 -7.866  1.710   1.00 43.91 ? 49  ASN A ND2 1 
ATOM   362 N N   . VAL A 1 50  ? -8.016  -7.420  -0.322  1.00 35.39 ? 50  VAL A N   1 
ATOM   363 C CA  . VAL A 1 50  ? -7.019  -6.721  -1.134  1.00 36.16 ? 50  VAL A CA  1 
ATOM   364 C C   . VAL A 1 50  ? -7.533  -6.574  -2.580  1.00 36.56 ? 50  VAL A C   1 
ATOM   365 O O   . VAL A 1 50  ? -8.216  -7.455  -3.098  1.00 36.25 ? 50  VAL A O   1 
ATOM   366 C CB  . VAL A 1 50  ? -5.621  -7.400  -1.039  1.00 35.97 ? 50  VAL A CB  1 
ATOM   367 C CG1 . VAL A 1 50  ? -5.595  -8.749  -1.740  1.00 34.83 ? 50  VAL A CG1 1 
ATOM   368 C CG2 . VAL A 1 50  ? -4.524  -6.476  -1.550  1.00 36.94 ? 50  VAL A CG2 1 
ATOM   369 N N   . TYR A 1 51  ? -7.230  -5.446  -3.220  1.00 36.86 ? 51  TYR A N   1 
ATOM   370 C CA  . TYR A 1 51  ? -7.677  -5.214  -4.579  1.00 36.88 ? 51  TYR A CA  1 
ATOM   371 C C   . TYR A 1 51  ? -6.454  -4.961  -5.456  1.00 37.07 ? 51  TYR A C   1 
ATOM   372 O O   . TYR A 1 51  ? -6.054  -3.813  -5.641  1.00 36.94 ? 51  TYR A O   1 
ATOM   373 C CB  . TYR A 1 51  ? -8.650  -4.049  -4.579  1.00 38.03 ? 51  TYR A CB  1 
ATOM   374 C CG  . TYR A 1 51  ? -9.758  -4.228  -3.571  1.00 39.24 ? 51  TYR A CG  1 
ATOM   375 C CD1 . TYR A 1 51  ? -10.719 -5.233  -3.730  1.00 40.26 ? 51  TYR A CD1 1 
ATOM   376 C CD2 . TYR A 1 51  ? -9.841  -3.418  -2.451  1.00 40.94 ? 51  TYR A CD2 1 
ATOM   377 C CE1 . TYR A 1 51  ? -11.742 -5.414  -2.788  1.00 41.10 ? 51  TYR A CE1 1 
ATOM   378 C CE2 . TYR A 1 51  ? -10.855 -3.593  -1.504  1.00 41.61 ? 51  TYR A CE2 1 
ATOM   379 C CZ  . TYR A 1 51  ? -11.805 -4.592  -1.683  1.00 41.87 ? 51  TYR A CZ  1 
ATOM   380 O OH  . TYR A 1 51  ? -12.814 -4.753  -0.740  1.00 42.10 ? 51  TYR A OH  1 
ATOM   381 N N   . PRO A 1 52  ? -5.834  -6.044  -5.980  1.00 36.71 ? 52  PRO A N   1 
ATOM   382 C CA  . PRO A 1 52  ? -4.547  -5.959  -6.644  1.00 36.49 ? 52  PRO A CA  1 
ATOM   383 C C   . PRO A 1 52  ? -4.525  -5.095  -7.911  1.00 36.77 ? 52  PRO A C   1 
ATOM   384 O O   . PRO A 1 52  ? -3.465  -4.576  -8.261  1.00 36.41 ? 52  PRO A O   1 
ATOM   385 C CB  . PRO A 1 52  ? -4.233  -7.419  -7.008  1.00 36.99 ? 52  PRO A CB  1 
ATOM   386 C CG  . PRO A 1 52  ? -5.097  -8.245  -6.155  1.00 36.74 ? 52  PRO A CG  1 
ATOM   387 C CD  . PRO A 1 52  ? -6.343  -7.429  -5.969  1.00 37.12 ? 52  PRO A CD  1 
ATOM   388 N N   . GLU A 1 53  ? -5.667  -4.952  -8.589  1.00 36.66 ? 53  GLU A N   1 
ATOM   389 C CA  . GLU A 1 53  ? -5.742  -4.093  -9.783  1.00 36.74 ? 53  GLU A CA  1 
ATOM   390 C C   . GLU A 1 53  ? -5.586  -2.643  -9.390  1.00 36.64 ? 53  GLU A C   1 
ATOM   391 O O   . GLU A 1 53  ? -4.932  -1.864  -10.096 1.00 36.69 ? 53  GLU A O   1 
ATOM   392 C CB  A GLU A 1 53  ? -7.075  -4.312  -10.525 0.50 36.33 ? 53  GLU A CB  1 
ATOM   393 C CB  B GLU A 1 53  ? -7.004  -4.314  -10.619 0.50 36.75 ? 53  GLU A CB  1 
ATOM   394 C CG  A GLU A 1 53  ? -8.351  -3.665  -9.895  0.50 35.94 ? 53  GLU A CG  1 
ATOM   395 C CG  B GLU A 1 53  ? -6.936  -5.538  -11.536 0.50 38.02 ? 53  GLU A CG  1 
ATOM   396 C CD  A GLU A 1 53  ? -8.939  -4.398  -8.673  0.50 34.09 ? 53  GLU A CD  1 
ATOM   397 C CD  B GLU A 1 53  ? -5.650  -5.616  -12.354 0.50 39.62 ? 53  GLU A CD  1 
ATOM   398 O OE1 A GLU A 1 53  ? -8.361  -5.393  -8.184  0.50 29.48 ? 53  GLU A OE1 1 
ATOM   399 O OE1 B GLU A 1 53  ? -5.294  -4.620  -13.044 0.50 38.76 ? 53  GLU A OE1 1 
ATOM   400 O OE2 A GLU A 1 53  ? -10.010 -3.953  -8.199  0.50 34.32 ? 53  GLU A OE2 1 
ATOM   401 O OE2 B GLU A 1 53  ? -4.992  -6.683  -12.299 0.50 40.34 ? 53  GLU A OE2 1 
ATOM   402 N N   . LYS A 1 54  ? -6.170  -2.302  -8.248  1.00 36.28 ? 54  LYS A N   1 
ATOM   403 C CA  . LYS A 1 54  ? -6.000  -0.984  -7.665  1.00 35.95 ? 54  LYS A CA  1 
ATOM   404 C C   . LYS A 1 54  ? -4.552  -0.703  -7.195  1.00 34.97 ? 54  LYS A C   1 
ATOM   405 O O   . LYS A 1 54  ? -4.062  0.417   -7.361  1.00 34.32 ? 54  LYS A O   1 
ATOM   406 C CB  . LYS A 1 54  ? -7.017  -0.765  -6.552  1.00 35.66 ? 54  LYS A CB  1 
ATOM   407 C CG  . LYS A 1 54  ? -8.430  -0.550  -7.064  1.00 36.97 ? 54  LYS A CG  1 
ATOM   408 C CD  . LYS A 1 54  ? -9.384  -0.230  -5.931  1.00 39.15 ? 54  LYS A CD  1 
ATOM   409 C CE  . LYS A 1 54  ? -10.835 -0.204  -6.393  1.00 40.09 ? 54  LYS A CE  1 
ATOM   410 N NZ  . LYS A 1 54  ? -11.102 1.002   -7.253  1.00 42.68 ? 54  LYS A NZ  1 
ATOM   411 N N   . VAL A 1 55  ? -3.868  -1.697  -6.621  1.00 33.85 ? 55  VAL A N   1 
ATOM   412 C CA  . VAL A 1 55  ? -2.489  -1.464  -6.177  1.00 32.46 ? 55  VAL A CA  1 
ATOM   413 C C   . VAL A 1 55  ? -1.476  -1.396  -7.334  1.00 32.29 ? 55  VAL A C   1 
ATOM   414 O O   . VAL A 1 55  ? -0.477  -0.665  -7.236  1.00 30.05 ? 55  VAL A O   1 
ATOM   415 C CB  . VAL A 1 55  ? -1.981  -2.323  -4.921  1.00 32.84 ? 55  VAL A CB  1 
ATOM   416 C CG1 . VAL A 1 55  ? -3.127  -3.023  -4.146  1.00 30.57 ? 55  VAL A CG1 1 
ATOM   417 C CG2 . VAL A 1 55  ? -0.825  -3.247  -5.257  1.00 32.41 ? 55  VAL A CG2 1 
ATOM   418 N N   . LYS A 1 56  ? -1.727  -2.130  -8.420  1.00 31.15 ? 56  LYS A N   1 
ATOM   419 C CA  . LYS A 1 56  ? -0.870  -2.012  -9.600  1.00 32.40 ? 56  LYS A CA  1 
ATOM   420 C C   . LYS A 1 56  ? -0.985  -0.589  -10.144 1.00 31.91 ? 56  LYS A C   1 
ATOM   421 O O   . LYS A 1 56  ? 0.018   0.088   -10.349 1.00 32.71 ? 56  LYS A O   1 
ATOM   422 C CB  . LYS A 1 56  ? -1.251  -3.031  -10.698 1.00 32.71 ? 56  LYS A CB  1 
ATOM   423 C CG  . LYS A 1 56  ? -0.190  -3.182  -11.809 1.00 32.80 ? 56  LYS A CG  1 
ATOM   424 C CD  . LYS A 1 56  ? -0.685  -3.996  -13.027 1.00 32.44 ? 56  LYS A CD  1 
ATOM   425 C CE  . LYS A 1 56  ? 0.503   -4.375  -13.934 1.00 32.96 ? 56  LYS A CE  1 
ATOM   426 N NZ  . LYS A 1 56  ? 0.118   -5.001  -15.241 1.00 35.37 ? 56  LYS A NZ  1 
ATOM   427 N N   . GLU A 1 57  ? -2.218  -0.141  -10.326 1.00 32.18 ? 57  GLU A N   1 
ATOM   428 C CA  . GLU A 1 57  ? -2.493  1.168   -10.875 1.00 32.22 ? 57  GLU A CA  1 
ATOM   429 C C   . GLU A 1 57  ? -1.720  2.234   -10.104 1.00 32.14 ? 57  GLU A C   1 
ATOM   430 O O   . GLU A 1 57  ? -0.905  2.956   -10.692 1.00 30.36 ? 57  GLU A O   1 
ATOM   431 C CB  . GLU A 1 57  ? -3.988  1.461   -10.827 1.00 32.81 ? 57  GLU A CB  1 
ATOM   432 C CG  . GLU A 1 57  ? -4.351  2.848   -11.376 1.00 34.02 ? 57  GLU A CG  1 
ATOM   433 C CD  . GLU A 1 57  ? -5.798  3.215   -11.172 1.00 35.92 ? 57  GLU A CD  1 
ATOM   434 O OE1 . GLU A 1 57  ? -6.623  2.301   -11.047 1.00 36.68 ? 57  GLU A OE1 1 
ATOM   435 O OE2 . GLU A 1 57  ? -6.137  4.421   -11.156 1.00 36.45 ? 57  GLU A OE2 1 
ATOM   436 N N   . TRP A 1 58  ? -1.969  2.326   -8.796  1.00 30.99 ? 58  TRP A N   1 
ATOM   437 C CA  . TRP A 1 58  ? -1.442  3.437   -8.020  1.00 31.08 ? 58  TRP A CA  1 
ATOM   438 C C   . TRP A 1 58  ? 0.058   3.415   -7.792  1.00 30.63 ? 58  TRP A C   1 
ATOM   439 O O   . TRP A 1 58  ? 0.718   4.442   -7.920  1.00 30.62 ? 58  TRP A O   1 
ATOM   440 C CB  . TRP A 1 58  ? -2.221  3.629   -6.735  1.00 31.81 ? 58  TRP A CB  1 
ATOM   441 C CG  . TRP A 1 58  ? -3.607  4.155   -6.975  1.00 32.17 ? 58  TRP A CG  1 
ATOM   442 C CD1 . TRP A 1 58  ? -4.769  3.442   -6.929  1.00 32.38 ? 58  TRP A CD1 1 
ATOM   443 C CD2 . TRP A 1 58  ? -3.976  5.497   -7.330  1.00 33.74 ? 58  TRP A CD2 1 
ATOM   444 N NE1 . TRP A 1 58  ? -5.836  4.245   -7.197  1.00 32.92 ? 58  TRP A NE1 1 
ATOM   445 C CE2 . TRP A 1 58  ? -5.386  5.513   -7.466  1.00 34.68 ? 58  TRP A CE2 1 
ATOM   446 C CE3 . TRP A 1 58  ? -3.258  6.685   -7.535  1.00 34.74 ? 58  TRP A CE3 1 
ATOM   447 C CZ2 . TRP A 1 58  ? -6.098  6.672   -7.782  1.00 32.28 ? 58  TRP A CZ2 1 
ATOM   448 C CZ3 . TRP A 1 58  ? -3.961  7.838   -7.867  1.00 33.64 ? 58  TRP A CZ3 1 
ATOM   449 C CH2 . TRP A 1 58  ? -5.373  7.823   -7.981  1.00 33.78 ? 58  TRP A CH2 1 
ATOM   450 N N   . VAL A 1 59  ? 0.598   2.246   -7.461  1.00 30.13 ? 59  VAL A N   1 
ATOM   451 C CA  . VAL A 1 59  ? 2.028   2.068   -7.260  1.00 29.57 ? 59  VAL A CA  1 
ATOM   452 C C   . VAL A 1 59  ? 2.840   2.384   -8.532  1.00 30.44 ? 59  VAL A C   1 
ATOM   453 O O   . VAL A 1 59  ? 3.945   2.954   -8.458  1.00 29.55 ? 59  VAL A O   1 
ATOM   454 C CB  . VAL A 1 59  ? 2.301   0.625   -6.783  1.00 29.42 ? 59  VAL A CB  1 
ATOM   455 C CG1 . VAL A 1 59  ? 3.767   0.245   -6.882  1.00 27.95 ? 59  VAL A CG1 1 
ATOM   456 C CG2 . VAL A 1 59  ? 1.778   0.440   -5.378  1.00 26.90 ? 59  VAL A CG2 1 
ATOM   457 N N   . LEU A 1 60  ? 2.320   1.966   -9.691  1.00 30.82 ? 60  LEU A N   1 
ATOM   458 C CA  . LEU A 1 60  ? 3.031   2.206   -10.955 1.00 31.67 ? 60  LEU A CA  1 
ATOM   459 C C   . LEU A 1 60  ? 2.893   3.667   -11.411 1.00 31.47 ? 60  LEU A C   1 
ATOM   460 O O   . LEU A 1 60  ? 3.703   4.146   -12.210 1.00 32.14 ? 60  LEU A O   1 
ATOM   461 C CB  . LEU A 1 60  ? 2.621   1.210   -12.047 1.00 32.11 ? 60  LEU A CB  1 
ATOM   462 C CG  . LEU A 1 60  ? 2.931   -0.288  -11.850 1.00 30.81 ? 60  LEU A CG  1 
ATOM   463 C CD1 . LEU A 1 60  ? 2.625   -1.066  -13.124 1.00 30.96 ? 60  LEU A CD1 1 
ATOM   464 C CD2 . LEU A 1 60  ? 4.354   -0.555  -11.427 1.00 33.32 ? 60  LEU A CD2 1 
ATOM   465 N N   . LYS A 1 61  ? 1.909   4.368   -10.848 1.00 31.09 ? 61  LYS A N   1 
ATOM   466 C CA  . LYS A 1 61  ? 1.802   5.827   -10.966 1.00 31.46 ? 61  LYS A CA  1 
ATOM   467 C C   . LYS A 1 61  ? 2.871   6.626   -10.208 1.00 31.38 ? 61  LYS A C   1 
ATOM   468 O O   . LYS A 1 61  ? 2.919   7.837   -10.326 1.00 32.89 ? 61  LYS A O   1 
ATOM   469 C CB  . LYS A 1 61  ? 0.397   6.316   -10.561 1.00 30.93 ? 61  LYS A CB  1 
ATOM   470 C CG  . LYS A 1 61  ? -0.643  6.136   -11.673 1.00 30.83 ? 61  LYS A CG  1 
ATOM   471 C CD  . LYS A 1 61  ? -2.025  6.573   -11.242 1.00 31.49 ? 61  LYS A CD  1 
ATOM   472 C CE  . LYS A 1 61  ? -3.075  6.029   -12.234 1.00 35.13 ? 61  LYS A CE  1 
ATOM   473 N NZ  . LYS A 1 61  ? -4.475  6.463   -11.897 1.00 35.02 ? 61  LYS A NZ  1 
ATOM   474 N N   . GLY A 1 62  ? 3.732   5.965   -9.442  1.00 31.13 ? 62  GLY A N   1 
ATOM   475 C CA  . GLY A 1 62  ? 4.784   6.673   -8.716  1.00 28.89 ? 62  GLY A CA  1 
ATOM   476 C C   . GLY A 1 62  ? 4.319   7.275   -7.409  1.00 29.11 ? 62  GLY A C   1 
ATOM   477 O O   . GLY A 1 62  ? 5.044   8.040   -6.791  1.00 28.72 ? 62  GLY A O   1 
ATOM   478 N N   . VAL A 1 63  ? 3.104   6.924   -6.961  1.00 26.60 ? 63  VAL A N   1 
ATOM   479 C CA  . VAL A 1 63  ? 2.582   7.461   -5.714  1.00 25.37 ? 63  VAL A CA  1 
ATOM   480 C C   . VAL A 1 63  ? 3.424   6.935   -4.560  1.00 24.69 ? 63  VAL A C   1 
ATOM   481 O O   . VAL A 1 63  ? 3.947   5.816   -4.630  1.00 24.87 ? 63  VAL A O   1 
ATOM   482 C CB  A VAL A 1 63  ? 1.052   7.124   -5.628  0.60 25.45 ? 63  VAL A CB  1 
ATOM   483 C CB  B VAL A 1 63  ? 1.091   7.141   -5.498  0.40 25.55 ? 63  VAL A CB  1 
ATOM   484 C CG1 A VAL A 1 63  ? 0.494   7.223   -4.229  0.60 23.69 ? 63  VAL A CG1 1 
ATOM   485 C CG1 B VAL A 1 63  ? 0.294   7.509   -6.746  0.40 25.58 ? 63  VAL A CG1 1 
ATOM   486 C CG2 A VAL A 1 63  ? 0.275   8.034   -6.597  0.60 25.20 ? 63  VAL A CG2 1 
ATOM   487 C CG2 B VAL A 1 63  ? 0.916   5.691   -5.156  0.40 25.33 ? 63  VAL A CG2 1 
ATOM   488 N N   . GLU A 1 64  ? 3.639   7.765   -3.542  1.00 23.71 ? 64  GLU A N   1 
ATOM   489 C CA  . GLU A 1 64  ? 4.495   7.378   -2.424  1.00 23.31 ? 64  GLU A CA  1 
ATOM   490 C C   . GLU A 1 64  ? 3.734   6.450   -1.470  1.00 22.16 ? 64  GLU A C   1 
ATOM   491 O O   . GLU A 1 64  ? 2.605   6.717   -1.147  1.00 21.49 ? 64  GLU A O   1 
ATOM   492 C CB  . GLU A 1 64  ? 4.952   8.599   -1.613  1.00 23.34 ? 64  GLU A CB  1 
ATOM   493 C CG  . GLU A 1 64  ? 6.041   9.418   -2.275  1.00 27.33 ? 64  GLU A CG  1 
ATOM   494 C CD  . GLU A 1 64  ? 6.222   10.771  -1.635  1.00 31.78 ? 64  GLU A CD  1 
ATOM   495 O OE1 . GLU A 1 64  ? 7.385   11.160  -1.406  1.00 35.54 ? 64  GLU A OE1 1 
ATOM   496 O OE2 . GLU A 1 64  ? 5.207   11.452  -1.366  1.00 32.54 ? 64  GLU A OE2 1 
ATOM   497 N N   . LEU A 1 65  ? 4.388   5.383   -1.032  1.00 22.48 ? 65  LEU A N   1 
ATOM   498 C CA  . LEU A 1 65  ? 3.864   4.457   -0.025  1.00 22.26 ? 65  LEU A CA  1 
ATOM   499 C C   . LEU A 1 65  ? 4.524   4.695   1.347   1.00 23.12 ? 65  LEU A C   1 
ATOM   500 O O   . LEU A 1 65  ? 5.765   4.806   1.444   1.00 22.46 ? 65  LEU A O   1 
ATOM   501 C CB  . LEU A 1 65  ? 4.232   3.022   -0.419  1.00 23.06 ? 65  LEU A CB  1 
ATOM   502 C CG  . LEU A 1 65  ? 3.508   2.297   -1.571  1.00 21.40 ? 65  LEU A CG  1 
ATOM   503 C CD1 . LEU A 1 65  ? 4.072   2.757   -2.865  1.00 22.44 ? 65  LEU A CD1 1 
ATOM   504 C CD2 . LEU A 1 65  ? 3.778   0.791   -1.433  1.00 23.25 ? 65  LEU A CD2 1 
ATOM   505 N N   . SER A 1 66  ? 3.715   4.712   2.414   1.00 21.76 ? 66  SER A N   1 
ATOM   506 C CA  . SER A 1 66  ? 4.246   4.718   3.774   1.00 21.76 ? 66  SER A CA  1 
ATOM   507 C C   . SER A 1 66  ? 5.034   3.422   4.008   1.00 22.44 ? 66  SER A C   1 
ATOM   508 O O   . SER A 1 66  ? 4.883   2.442   3.268   1.00 22.90 ? 66  SER A O   1 
ATOM   509 C CB  . SER A 1 66  ? 3.110   4.835   4.811   1.00 22.27 ? 66  SER A CB  1 
ATOM   510 O OG  . SER A 1 66  ? 2.326   3.639   4.799   1.00 20.56 ? 66  SER A OG  1 
ATOM   511 N N   . HIS A 1 67  ? 5.902   3.422   5.011   1.00 22.76 ? 67  HIS A N   1 
ATOM   512 C CA  . HIS A 1 67  ? 6.706   2.238   5.293   1.00 23.35 ? 67  HIS A CA  1 
ATOM   513 C C   . HIS A 1 67  ? 5.834   0.982   5.536   1.00 23.18 ? 67  HIS A C   1 
ATOM   514 O O   . HIS A 1 67  ? 6.118   -0.099  4.997   1.00 23.41 ? 67  HIS A O   1 
ATOM   515 C CB  . HIS A 1 67  ? 7.645   2.449   6.466   1.00 22.87 ? 67  HIS A CB  1 
ATOM   516 C CG  . HIS A 1 67  ? 8.363   1.198   6.865   1.00 27.92 ? 67  HIS A CG  1 
ATOM   517 N ND1 . HIS A 1 67  ? 9.585   0.843   6.334   1.00 32.09 ? 67  HIS A ND1 1 
ATOM   518 C CD2 . HIS A 1 67  ? 7.991   0.178   7.672   1.00 30.94 ? 67  HIS A CD2 1 
ATOM   519 C CE1 . HIS A 1 67  ? 9.951   -0.329  6.828   1.00 34.56 ? 67  HIS A CE1 1 
ATOM   520 N NE2 . HIS A 1 67  ? 9.001   -0.752  7.644   1.00 34.14 ? 67  HIS A NE2 1 
ATOM   521 N N   . ARG A 1 68  ? 4.807   1.129   6.353   1.00 22.77 ? 68  ARG A N   1 
ATOM   522 C CA  . ARG A 1 68  ? 4.024   -0.051  6.732   1.00 24.17 ? 68  ARG A CA  1 
ATOM   523 C C   . ARG A 1 68  ? 3.087   -0.505  5.607   1.00 23.68 ? 68  ARG A C   1 
ATOM   524 O O   . ARG A 1 68  ? 2.821   -1.677  5.492   1.00 24.00 ? 68  ARG A O   1 
ATOM   525 C CB  . ARG A 1 68  ? 3.243   0.188   8.008   1.00 23.71 ? 68  ARG A CB  1 
ATOM   526 C CG  . ARG A 1 68  ? 2.623   -1.100  8.601   1.00 26.54 ? 68  ARG A CG  1 
ATOM   527 C CD  . ARG A 1 68  ? 1.944   -0.794  9.903   1.00 27.68 ? 68  ARG A CD  1 
ATOM   528 N NE  . ARG A 1 68  ? 1.773   -2.006  10.696  1.00 28.22 ? 68  ARG A NE  1 
ATOM   529 C CZ  . ARG A 1 68  ? 1.199   -2.037  11.897  1.00 29.03 ? 68  ARG A CZ  1 
ATOM   530 N NH1 . ARG A 1 68  ? 0.727   -0.916  12.452  1.00 27.76 ? 68  ARG A NH1 1 
ATOM   531 N NH2 . ARG A 1 68  ? 1.100   -3.200  12.544  1.00 26.97 ? 68  ARG A NH2 1 
ATOM   532 N N   . ALA A 1 69  ? 2.546   0.419   4.815   1.00 23.69 ? 69  ALA A N   1 
ATOM   533 C CA  . ALA A 1 69  ? 1.755   0.019   3.632   1.00 23.83 ? 69  ALA A CA  1 
ATOM   534 C C   . ALA A 1 69  ? 2.627   -0.776  2.662   1.00 24.50 ? 69  ALA A C   1 
ATOM   535 O O   . ALA A 1 69  ? 2.197   -1.795  2.110   1.00 24.48 ? 69  ALA A O   1 
ATOM   536 C CB  . ALA A 1 69  ? 1.121   1.238   2.953   1.00 23.08 ? 69  ALA A CB  1 
ATOM   537 N N   . LYS A 1 70  ? 3.862   -0.307  2.444   1.00 24.88 ? 70  LYS A N   1 
ATOM   538 C CA  . LYS A 1 70  ? 4.828   -1.032  1.648   1.00 26.26 ? 70  LYS A CA  1 
ATOM   539 C C   . LYS A 1 70  ? 5.067   -2.427  2.245   1.00 26.62 ? 70  LYS A C   1 
ATOM   540 O O   . LYS A 1 70  ? 5.029   -3.409  1.506   1.00 26.99 ? 70  LYS A O   1 
ATOM   541 C CB  . LYS A 1 70  ? 6.155   -0.279  1.555   1.00 25.79 ? 70  LYS A CB  1 
ATOM   542 C CG  . LYS A 1 70  ? 7.188   -0.862  0.547   1.00 29.13 ? 70  LYS A CG  1 
ATOM   543 C CD  . LYS A 1 70  ? 8.047   -2.006  1.135   1.00 31.09 ? 70  LYS A CD  1 
ATOM   544 C CE  . LYS A 1 70  ? 8.941   -1.548  2.277   1.00 33.10 ? 70  LYS A CE  1 
ATOM   545 N NZ  . LYS A 1 70  ? 10.132  -2.453  2.434   1.00 32.89 ? 70  LYS A NZ  1 
ATOM   546 N N   . ALA A 1 71  ? 5.327   -2.496  3.550   1.00 26.20 ? 71  ALA A N   1 
ATOM   547 C CA  . ALA A 1 71  ? 5.642   -3.792  4.231   1.00 27.04 ? 71  ALA A CA  1 
ATOM   548 C C   . ALA A 1 71  ? 4.548   -4.841  4.061   1.00 27.34 ? 71  ALA A C   1 
ATOM   549 O O   . ALA A 1 71  ? 4.825   -5.997  3.722   1.00 29.02 ? 71  ALA A O   1 
ATOM   550 C CB  . ALA A 1 71  ? 5.949   -3.552  5.741   1.00 27.04 ? 71  ALA A CB  1 
ATOM   551 N N   . ILE A 1 72  ? 3.302   -4.439  4.298   1.00 27.66 ? 72  ILE A N   1 
ATOM   552 C CA  . ILE A 1 72  ? 2.127   -5.294  4.112   1.00 27.72 ? 72  ILE A CA  1 
ATOM   553 C C   . ILE A 1 72  ? 2.035   -5.815  2.666   1.00 29.67 ? 72  ILE A C   1 
ATOM   554 O O   . ILE A 1 72  ? 1.923   -7.041  2.427   1.00 30.07 ? 72  ILE A O   1 
ATOM   555 C CB  . ILE A 1 72  ? 0.845   -4.518  4.543   1.00 27.78 ? 72  ILE A CB  1 
ATOM   556 C CG1 . ILE A 1 72  ? 0.907   -4.220  6.046   1.00 25.81 ? 72  ILE A CG1 1 
ATOM   557 C CG2 . ILE A 1 72  ? -0.478  -5.222  4.124   1.00 25.35 ? 72  ILE A CG2 1 
ATOM   558 C CD1 . ILE A 1 72  ? 0.000   -3.109  6.472   1.00 24.53 ? 72  ILE A CD1 1 
ATOM   559 N N   . LEU A 1 73  ? 2.123   -4.904  1.698   1.00 29.20 ? 73  LEU A N   1 
ATOM   560 C CA  . LEU A 1 73  ? 1.916   -5.283  0.309   1.00 30.04 ? 73  LEU A CA  1 
ATOM   561 C C   . LEU A 1 73  ? 3.088   -6.087  -0.230  1.00 31.85 ? 73  LEU A C   1 
ATOM   562 O O   . LEU A 1 73  ? 2.894   -6.953  -1.065  1.00 32.21 ? 73  LEU A O   1 
ATOM   563 C CB  . LEU A 1 73  ? 1.623   -4.049  -0.567  1.00 28.81 ? 73  LEU A CB  1 
ATOM   564 C CG  . LEU A 1 73  ? 0.363   -3.251  -0.229  1.00 27.76 ? 73  LEU A CG  1 
ATOM   565 C CD1 . LEU A 1 73  ? 0.398   -1.872  -0.945  1.00 28.68 ? 73  LEU A CD1 1 
ATOM   566 C CD2 . LEU A 1 73  ? -0.961  -4.027  -0.570  1.00 26.35 ? 73  LEU A CD2 1 
ATOM   567 N N   . TRP A 1 74  ? 4.295   -5.816  0.265   1.00 34.00 ? 74  TRP A N   1 
ATOM   568 C CA  . TRP A 1 74  ? 5.495   -6.564  -0.134  1.00 36.17 ? 74  TRP A CA  1 
ATOM   569 C C   . TRP A 1 74  ? 5.495   -7.978  0.477   1.00 36.69 ? 74  TRP A C   1 
ATOM   570 O O   . TRP A 1 74  ? 5.619   -8.963  -0.236  1.00 37.19 ? 74  TRP A O   1 
ATOM   571 C CB  . TRP A 1 74  ? 6.760   -5.805  0.289   1.00 36.79 ? 74  TRP A CB  1 
ATOM   572 C CG  . TRP A 1 74  ? 8.061   -6.400  -0.180  1.00 38.29 ? 74  TRP A CG  1 
ATOM   573 C CD1 . TRP A 1 74  ? 8.712   -7.484  0.346   1.00 40.61 ? 74  TRP A CD1 1 
ATOM   574 C CD2 . TRP A 1 74  ? 8.890   -5.918  -1.249  1.00 39.58 ? 74  TRP A CD2 1 
ATOM   575 N NE1 . TRP A 1 74  ? 9.882   -7.719  -0.347  1.00 41.11 ? 74  TRP A NE1 1 
ATOM   576 C CE2 . TRP A 1 74  ? 10.013  -6.776  -1.332  1.00 39.88 ? 74  TRP A CE2 1 
ATOM   577 C CE3 . TRP A 1 74  ? 8.784   -4.848  -2.158  1.00 40.06 ? 74  TRP A CE3 1 
ATOM   578 C CZ2 . TRP A 1 74  ? 11.035  -6.590  -2.278  1.00 40.04 ? 74  TRP A CZ2 1 
ATOM   579 C CZ3 . TRP A 1 74  ? 9.790   -4.663  -3.102  1.00 39.21 ? 74  TRP A CZ3 1 
ATOM   580 C CH2 . TRP A 1 74  ? 10.900  -5.529  -3.161  1.00 39.93 ? 74  TRP A CH2 1 
ATOM   581 N N   . ASN A 1 75  ? 5.359   -8.056  1.799   1.00 37.38 ? 75  ASN A N   1 
ATOM   582 C CA  . ASN A 1 75  ? 5.370   -9.330  2.528   1.00 37.53 ? 75  ASN A CA  1 
ATOM   583 C C   . ASN A 1 75  ? 4.252   -10.283 2.167   1.00 37.83 ? 75  ASN A C   1 
ATOM   584 O O   . ASN A 1 75  ? 4.432   -11.502 2.217   1.00 38.28 ? 75  ASN A O   1 
ATOM   585 C CB  . ASN A 1 75  ? 5.336   -9.076  4.036   1.00 37.69 ? 75  ASN A CB  1 
ATOM   586 C CG  . ASN A 1 75  ? 6.620   -8.511  4.542   1.00 36.99 ? 75  ASN A CG  1 
ATOM   587 O OD1 . ASN A 1 75  ? 7.627   -8.548  3.856   1.00 37.28 ? 75  ASN A OD1 1 
ATOM   588 N ND2 . ASN A 1 75  ? 6.601   -7.994  5.754   1.00 38.76 ? 75  ASN A ND2 1 
ATOM   589 N N   . HIS A 1 76  ? 3.090   -9.736  1.832   1.00 37.61 ? 76  HIS A N   1 
ATOM   590 C CA  . HIS A 1 76  ? 1.970   -10.560 1.417   1.00 37.57 ? 76  HIS A CA  1 
ATOM   591 C C   . HIS A 1 76  ? 2.012   -10.883 -0.082  1.00 38.03 ? 76  HIS A C   1 
ATOM   592 O O   . HIS A 1 76  ? 1.034   -11.359 -0.643  1.00 38.71 ? 76  HIS A O   1 
ATOM   593 C CB  . HIS A 1 76  ? 0.650   -9.929  1.880   1.00 36.69 ? 76  HIS A CB  1 
ATOM   594 C CG  . HIS A 1 76  ? 0.463   -10.001 3.367   1.00 37.15 ? 76  HIS A CG  1 
ATOM   595 N ND1 . HIS A 1 76  ? -0.449  -10.844 3.968   1.00 38.00 ? 76  HIS A ND1 1 
ATOM   596 C CD2 . HIS A 1 76  ? 1.127   -9.386  4.376   1.00 35.79 ? 76  HIS A CD2 1 
ATOM   597 C CE1 . HIS A 1 76  ? -0.369  -10.711 5.282   1.00 38.26 ? 76  HIS A CE1 1 
ATOM   598 N NE2 . HIS A 1 76  ? 0.586   -9.837  5.555   1.00 37.44 ? 76  HIS A NE2 1 
ATOM   599 N N   . GLY A 1 77  ? 3.160   -10.617 -0.707  1.00 38.99 ? 77  GLY A N   1 
ATOM   600 C CA  . GLY A 1 77  ? 3.390   -10.884 -2.128  1.00 39.49 ? 77  GLY A CA  1 
ATOM   601 C C   . GLY A 1 77  ? 2.519   -10.147 -3.131  1.00 39.61 ? 77  GLY A C   1 
ATOM   602 O O   . GLY A 1 77  ? 2.462   -10.537 -4.306  1.00 40.22 ? 77  GLY A O   1 
ATOM   603 N N   . ILE A 1 78  ? 1.836   -9.093  -2.695  1.00 39.50 ? 78  ILE A N   1 
ATOM   604 C CA  . ILE A 1 78  ? 0.985   -8.316  -3.607  1.00 39.76 ? 78  ILE A CA  1 
ATOM   605 C C   . ILE A 1 78  ? 1.838   -7.519  -4.601  1.00 40.15 ? 78  ILE A C   1 
ATOM   606 O O   . ILE A 1 78  ? 1.496   -7.442  -5.776  1.00 40.07 ? 78  ILE A O   1 
ATOM   607 C CB  . ILE A 1 78  ? -0.018  -7.386  -2.872  1.00 39.59 ? 78  ILE A CB  1 
ATOM   608 C CG1 . ILE A 1 78  ? -0.742  -8.121  -1.731  1.00 38.53 ? 78  ILE A CG1 1 
ATOM   609 C CG2 . ILE A 1 78  ? -1.009  -6.739  -3.868  1.00 38.90 ? 78  ILE A CG2 1 
ATOM   610 C CD1 . ILE A 1 78  ? -1.658  -9.294  -2.156  1.00 34.60 ? 78  ILE A CD1 1 
ATOM   611 N N   . LEU A 1 79  ? 2.952   -6.954  -4.138  1.00 40.44 ? 79  LEU A N   1 
ATOM   612 C CA  . LEU A 1 79  ? 3.826   -6.181  -5.017  1.00 41.31 ? 79  LEU A CA  1 
ATOM   613 C C   . LEU A 1 79  ? 4.466   -7.080  -6.068  1.00 42.86 ? 79  LEU A C   1 
ATOM   614 O O   . LEU A 1 79  ? 4.533   -6.723  -7.246  1.00 42.58 ? 79  LEU A O   1 
ATOM   615 C CB  . LEU A 1 79  ? 4.884   -5.395  -4.220  1.00 40.70 ? 79  LEU A CB  1 
ATOM   616 C CG  . LEU A 1 79  ? 4.270   -4.323  -3.311  1.00 39.71 ? 79  LEU A CG  1 
ATOM   617 C CD1 . LEU A 1 79  ? 5.293   -3.653  -2.412  1.00 37.67 ? 79  LEU A CD1 1 
ATOM   618 C CD2 . LEU A 1 79  ? 3.528   -3.283  -4.147  1.00 37.43 ? 79  LEU A CD2 1 
ATOM   619 N N   . LYS A 1 80  ? 4.912   -8.254  -5.626  1.00 44.35 ? 80  LYS A N   1 
ATOM   620 C CA  . LYS A 1 80  ? 5.548   -9.255  -6.493  1.00 45.93 ? 80  LYS A CA  1 
ATOM   621 C C   . LYS A 1 80  ? 4.634   -9.658  -7.650  1.00 45.93 ? 80  LYS A C   1 
ATOM   622 O O   . LYS A 1 80  ? 5.105   -9.791  -8.779  1.00 46.17 ? 80  LYS A O   1 
ATOM   623 C CB  . LYS A 1 80  ? 5.991   -10.482 -5.665  1.00 45.94 ? 80  LYS A CB  1 
ATOM   624 C CG  . LYS A 1 80  ? 6.540   -11.659 -6.480  1.00 47.74 ? 80  LYS A CG  1 
ATOM   625 C CD  . LYS A 1 80  ? 7.169   -12.771 -5.598  1.00 47.63 ? 80  LYS A CD  1 
ATOM   626 C CE  . LYS A 1 80  ? 8.684   -12.907 -5.806  1.00 50.28 ? 80  LYS A CE  1 
ATOM   627 N NZ  . LYS A 1 80  ? 9.241   -14.247 -5.350  1.00 48.66 ? 80  LYS A NZ  1 
ATOM   628 N N   . GLU A 1 81  ? 3.332   -9.812  -7.388  1.00 46.13 ? 81  GLU A N   1 
ATOM   629 C CA  . GLU A 1 81  ? 2.401   -10.193 -8.457  1.00 46.93 ? 81  GLU A CA  1 
ATOM   630 C C   . GLU A 1 81  ? 2.087   -9.070  -9.441  1.00 46.48 ? 81  GLU A C   1 
ATOM   631 O O   . GLU A 1 81  ? 1.730   -9.339  -10.588 1.00 46.71 ? 81  GLU A O   1 
ATOM   632 C CB  . GLU A 1 81  ? 1.122   -10.892 -7.928  1.00 47.12 ? 81  GLU A CB  1 
ATOM   633 C CG  . GLU A 1 81  ? 0.038   -9.997  -7.326  1.00 47.73 ? 81  GLU A CG  1 
ATOM   634 C CD  . GLU A 1 81  ? -1.309  -10.718 -7.143  1.00 48.80 ? 81  GLU A CD  1 
ATOM   635 O OE1 . GLU A 1 81  ? -1.846  -11.265 -8.137  1.00 51.36 ? 81  GLU A OE1 1 
ATOM   636 O OE2 . GLU A 1 81  ? -1.845  -10.720 -6.004  1.00 51.33 ? 81  GLU A OE2 1 
ATOM   637 N N   . VAL A 1 82  ? 2.222   -7.815  -9.013  1.00 46.07 ? 82  VAL A N   1 
ATOM   638 C CA  . VAL A 1 82  ? 1.761   -6.692  -9.855  1.00 45.53 ? 82  VAL A CA  1 
ATOM   639 C C   . VAL A 1 82  ? 2.836   -5.762  -10.450 1.00 45.83 ? 82  VAL A C   1 
ATOM   640 O O   . VAL A 1 82  ? 2.599   -5.158  -11.482 1.00 46.08 ? 82  VAL A O   1 
ATOM   641 C CB  . VAL A 1 82  ? 0.615   -5.855  -9.196  1.00 45.27 ? 82  VAL A CB  1 
ATOM   642 C CG1 . VAL A 1 82  ? -0.577  -6.722  -8.891  1.00 44.93 ? 82  VAL A CG1 1 
ATOM   643 C CG2 . VAL A 1 82  ? 1.090   -5.106  -7.954  1.00 43.33 ? 82  VAL A CG2 1 
ATOM   644 N N   . VAL A 1 83  ? 3.992   -5.645  -9.808  1.00 46.07 ? 83  VAL A N   1 
ATOM   645 C CA  . VAL A 1 83  ? 5.051   -4.754  -10.288 1.00 46.39 ? 83  VAL A CA  1 
ATOM   646 C C   . VAL A 1 83  ? 5.982   -5.473  -11.280 1.00 47.94 ? 83  VAL A C   1 
ATOM   647 O O   . VAL A 1 83  ? 6.700   -6.415  -10.892 1.00 47.77 ? 83  VAL A O   1 
ATOM   648 C CB  . VAL A 1 83  ? 5.883   -4.152  -9.118  1.00 46.36 ? 83  VAL A CB  1 
ATOM   649 C CG1 . VAL A 1 83  ? 7.037   -3.287  -9.654  1.00 45.10 ? 83  VAL A CG1 1 
ATOM   650 C CG2 . VAL A 1 83  ? 4.979   -3.346  -8.149  1.00 43.99 ? 83  VAL A CG2 1 
ATOM   651 N N   . PRO A 1 84  ? 5.952   -5.052  -12.565 1.00 48.78 ? 84  PRO A N   1 
ATOM   652 C CA  . PRO A 1 84  ? 6.842   -5.568  -13.611 1.00 49.70 ? 84  PRO A CA  1 
ATOM   653 C C   . PRO A 1 84  ? 8.316   -5.271  -13.362 1.00 50.60 ? 84  PRO A C   1 
ATOM   654 O O   . PRO A 1 84  ? 8.652   -4.277  -12.709 1.00 50.90 ? 84  PRO A O   1 
ATOM   655 C CB  . PRO A 1 84  ? 6.386   -4.804  -14.862 1.00 49.61 ? 84  PRO A CB  1 
ATOM   656 C CG  . PRO A 1 84  ? 4.985   -4.407  -14.584 1.00 49.49 ? 84  PRO A CG  1 
ATOM   657 C CD  . PRO A 1 84  ? 5.000   -4.071  -13.116 1.00 48.93 ? 84  PRO A CD  1 
ATOM   658 N N   . GLU A 1 85  ? 9.187   -6.132  -13.889 1.00 51.58 ? 85  GLU A N   1 
ATOM   659 C CA  . GLU A 1 85  ? 10.614  -5.818  -13.977 1.00 51.68 ? 85  GLU A CA  1 
ATOM   660 C C   . GLU A 1 85  ? 10.777  -4.602  -14.888 1.00 51.67 ? 85  GLU A C   1 
ATOM   661 O O   . GLU A 1 85  ? 10.014  -4.415  -15.844 1.00 52.17 ? 85  GLU A O   1 
ATOM   662 C CB  . GLU A 1 85  ? 11.402  -7.010  -14.504 1.00 52.21 ? 85  GLU A CB  1 
ATOM   663 N N   . GLY A 1 86  ? 11.753  -3.760  -14.569 1.00 51.47 ? 86  GLY A N   1 
ATOM   664 C CA  . GLY A 1 86  ? 11.901  -2.466  -15.237 1.00 50.57 ? 86  GLY A CA  1 
ATOM   665 C C   . GLY A 1 86  ? 11.377  -1.343  -14.361 1.00 50.15 ? 86  GLY A C   1 
ATOM   666 O O   . GLY A 1 86  ? 11.595  -0.161  -14.647 1.00 49.88 ? 86  GLY A O   1 
ATOM   667 N N   . TYR A 1 87  ? 10.652  -1.727  -13.310 1.00 49.53 ? 87  TYR A N   1 
ATOM   668 C CA  . TYR A 1 87  ? 10.251  -0.818  -12.242 1.00 48.67 ? 87  TYR A CA  1 
ATOM   669 C C   . TYR A 1 87  ? 11.065  -1.168  -11.018 1.00 48.24 ? 87  TYR A C   1 
ATOM   670 O O   . TYR A 1 87  ? 11.181  -2.336  -10.670 1.00 48.60 ? 87  TYR A O   1 
ATOM   671 C CB  . TYR A 1 87  ? 8.757   -0.930  -11.934 1.00 48.41 ? 87  TYR A CB  1 
ATOM   672 C CG  . TYR A 1 87  ? 7.891   -0.111  -12.847 1.00 47.87 ? 87  TYR A CG  1 
ATOM   673 C CD1 . TYR A 1 87  ? 7.417   -0.642  -14.043 1.00 47.80 ? 87  TYR A CD1 1 
ATOM   674 C CD2 . TYR A 1 87  ? 7.545   1.197   -12.522 1.00 46.52 ? 87  TYR A CD2 1 
ATOM   675 C CE1 . TYR A 1 87  ? 6.623   0.108   -14.895 1.00 46.86 ? 87  TYR A CE1 1 
ATOM   676 C CE2 . TYR A 1 87  ? 6.757   1.955   -13.364 1.00 47.29 ? 87  TYR A CE2 1 
ATOM   677 C CZ  . TYR A 1 87  ? 6.303   1.402   -14.553 1.00 48.29 ? 87  TYR A CZ  1 
ATOM   678 O OH  . TYR A 1 87  ? 5.517   2.144   -15.394 1.00 49.19 ? 87  TYR A OH  1 
ATOM   679 N N   . GLU A 1 88  ? 11.637  -0.151  -10.381 1.00 47.64 ? 88  GLU A N   1 
ATOM   680 C CA  . GLU A 1 88  ? 12.471  -0.344  -9.201  1.00 47.22 ? 88  GLU A CA  1 
ATOM   681 C C   . GLU A 1 88  ? 11.828  0.374   -8.019  1.00 45.74 ? 88  GLU A C   1 
ATOM   682 O O   . GLU A 1 88  ? 11.201  1.413   -8.195  1.00 45.49 ? 88  GLU A O   1 
ATOM   683 C CB  . GLU A 1 88  ? 13.893  0.184   -9.445  1.00 47.07 ? 88  GLU A CB  1 
ATOM   684 C CG  . GLU A 1 88  ? 13.962  1.679   -9.789  1.00 49.44 ? 88  GLU A CG  1 
ATOM   685 C CD  . GLU A 1 88  ? 15.360  2.179   -10.176 1.00 49.52 ? 88  GLU A CD  1 
ATOM   686 O OE1 . GLU A 1 88  ? 16.335  1.920   -9.432  1.00 52.43 ? 88  GLU A OE1 1 
ATOM   687 O OE2 . GLU A 1 88  ? 15.468  2.872   -11.219 1.00 52.96 ? 88  GLU A OE2 1 
ATOM   688 N N   . MET A 1 89  ? 11.979  -0.187  -6.824  1.00 44.16 ? 89  MET A N   1 
ATOM   689 C CA  . MET A 1 89  ? 11.529  0.489   -5.612  1.00 42.71 ? 89  MET A CA  1 
ATOM   690 C C   . MET A 1 89  ? 12.640  1.382   -5.099  1.00 42.04 ? 89  MET A C   1 
ATOM   691 O O   . MET A 1 89  ? 13.771  0.935   -4.939  1.00 41.55 ? 89  MET A O   1 
ATOM   692 C CB  . MET A 1 89  ? 11.154  -0.515  -4.538  1.00 42.80 ? 89  MET A CB  1 
ATOM   693 C CG  . MET A 1 89  ? 10.393  0.100   -3.369  1.00 43.07 ? 89  MET A CG  1 
ATOM   694 S SD  . MET A 1 89  ? 10.140  -1.069  -2.034  1.00 41.59 ? 89  MET A SD  1 
ATOM   695 C CE  . MET A 1 89  ? 11.821  -1.292  -1.461  1.00 41.78 ? 89  MET A CE  1 
ATOM   696 N N   . LYS A 1 90  ? 12.313  2.643   -4.842  1.00 40.80 ? 90  LYS A N   1 
ATOM   697 C CA  . LYS A 1 90  ? 13.261  3.550   -4.222  1.00 40.23 ? 90  LYS A CA  1 
ATOM   698 C C   . LYS A 1 90  ? 12.790  4.020   -2.836  1.00 38.82 ? 90  LYS A C   1 
ATOM   699 O O   . LYS A 1 90  ? 11.597  4.219   -2.597  1.00 38.21 ? 90  LYS A O   1 
ATOM   700 C CB  . LYS A 1 90  ? 13.589  4.727   -5.157  1.00 40.31 ? 90  LYS A CB  1 
ATOM   701 C CG  . LYS A 1 90  ? 14.392  4.310   -6.419  1.00 41.33 ? 90  LYS A CG  1 
ATOM   702 C CD  . LYS A 1 90  ? 15.018  5.535   -7.108  1.00 41.99 ? 90  LYS A CD  1 
ATOM   703 C CE  . LYS A 1 90  ? 16.283  5.175   -7.930  1.00 45.30 ? 90  LYS A CE  1 
ATOM   704 N NZ  . LYS A 1 90  ? 16.908  6.370   -8.612  1.00 44.62 ? 90  LYS A NZ  1 
ATOM   705 N N   . ARG A 1 91  ? 13.740  4.153   -1.918  1.00 37.31 ? 91  ARG A N   1 
ATOM   706 C CA  . ARG A 1 91  ? 13.447  4.695   -0.610  1.00 36.13 ? 91  ARG A CA  1 
ATOM   707 C C   . ARG A 1 91  ? 13.668  6.201   -0.629  1.00 35.28 ? 91  ARG A C   1 
ATOM   708 O O   . ARG A 1 91  ? 14.771  6.663   -0.907  1.00 35.94 ? 91  ARG A O   1 
ATOM   709 C CB  . ARG A 1 91  ? 14.287  4.007   0.456   1.00 36.08 ? 91  ARG A CB  1 
ATOM   710 C CG  . ARG A 1 91  ? 13.867  4.359   1.851   1.00 35.47 ? 91  ARG A CG  1 
ATOM   711 C CD  . ARG A 1 91  ? 14.628  3.601   2.891   1.00 35.27 ? 91  ARG A CD  1 
ATOM   712 N NE  . ARG A 1 91  ? 13.887  3.662   4.144   1.00 36.46 ? 91  ARG A NE  1 
ATOM   713 C CZ  . ARG A 1 91  ? 14.245  3.061   5.273   1.00 36.39 ? 91  ARG A CZ  1 
ATOM   714 N NH1 . ARG A 1 91  ? 15.367  2.356   5.336   1.00 37.63 ? 91  ARG A NH1 1 
ATOM   715 N NH2 . ARG A 1 91  ? 13.474  3.173   6.346   1.00 37.12 ? 91  ARG A NH2 1 
ATOM   716 N N   . VAL A 1 92  ? 12.607  6.965   -0.351  1.00 33.94 ? 92  VAL A N   1 
ATOM   717 C CA  . VAL A 1 92  ? 12.638  8.435   -0.400  1.00 32.47 ? 92  VAL A CA  1 
ATOM   718 C C   . VAL A 1 92  ? 12.078  9.055   0.907   1.00 31.93 ? 92  VAL A C   1 
ATOM   719 O O   . VAL A 1 92  ? 10.851  9.178   1.103   1.00 30.49 ? 92  VAL A O   1 
ATOM   720 C CB  A VAL A 1 92  ? 11.885  8.979   -1.656  0.60 32.83 ? 92  VAL A CB  1 
ATOM   721 C CB  B VAL A 1 92  ? 11.915  9.034   -1.641  0.40 32.63 ? 92  VAL A CB  1 
ATOM   722 C CG1 A VAL A 1 92  ? 11.900  10.517  -1.715  0.60 33.51 ? 92  VAL A CG1 1 
ATOM   723 C CG1 B VAL A 1 92  ? 12.811  8.989   -2.873  0.40 32.40 ? 92  VAL A CG1 1 
ATOM   724 C CG2 A VAL A 1 92  ? 12.481  8.413   -2.937  0.60 33.36 ? 92  VAL A CG2 1 
ATOM   725 C CG2 B VAL A 1 92  ? 10.556  8.366   -1.896  0.40 32.18 ? 92  VAL A CG2 1 
ATOM   726 N N   . GLY A 1 93  ? 12.998  9.450   1.795   1.00 29.87 ? 93  GLY A N   1 
ATOM   727 C CA  . GLY A 1 93  ? 12.631  9.919   3.123   1.00 28.02 ? 93  GLY A CA  1 
ATOM   728 C C   . GLY A 1 93  ? 11.817  8.906   3.928   1.00 26.00 ? 93  GLY A C   1 
ATOM   729 O O   . GLY A 1 93  ? 12.278  7.793   4.204   1.00 25.28 ? 93  GLY A O   1 
ATOM   730 N N   . ASP A 1 94  ? 10.605  9.323   4.290   1.00 25.06 ? 94  ASP A N   1 
ATOM   731 C CA  . ASP A 1 94  ? 9.667   8.504   5.041   1.00 24.14 ? 94  ASP A CA  1 
ATOM   732 C C   . ASP A 1 94  ? 8.897   7.527   4.139   1.00 24.75 ? 94  ASP A C   1 
ATOM   733 O O   . ASP A 1 94  ? 8.175   6.664   4.633   1.00 23.21 ? 94  ASP A O   1 
ATOM   734 C CB  . ASP A 1 94  ? 8.651   9.417   5.737   1.00 24.07 ? 94  ASP A CB  1 
ATOM   735 C CG  . ASP A 1 94  ? 9.124   9.889   7.081   1.00 21.06 ? 94  ASP A CG  1 
ATOM   736 O OD1 . ASP A 1 94  ? 9.708   9.097   7.851   1.00 21.93 ? 94  ASP A OD1 1 
ATOM   737 O OD2 . ASP A 1 94  ? 8.844   11.045  7.396   1.00 20.70 ? 94  ASP A OD2 1 
ATOM   738 N N   . TYR A 1 95  ? 9.069   7.658   2.828   1.00 24.98 ? 95  TYR A N   1 
ATOM   739 C CA  . TYR A 1 95  ? 8.256   6.894   1.865   1.00 26.26 ? 95  TYR A CA  1 
ATOM   740 C C   . TYR A 1 95  ? 9.026   5.963   0.945   1.00 26.97 ? 95  TYR A C   1 
ATOM   741 O O   . TYR A 1 95  ? 10.253  5.913   0.976   1.00 27.02 ? 95  TYR A O   1 
ATOM   742 C CB  . TYR A 1 95  ? 7.405   7.852   1.054   1.00 26.40 ? 95  TYR A CB  1 
ATOM   743 C CG  . TYR A 1 95  ? 6.564   8.711   1.966   1.00 28.46 ? 95  TYR A CG  1 
ATOM   744 C CD1 . TYR A 1 95  ? 6.917   10.035  2.225   1.00 29.10 ? 95  TYR A CD1 1 
ATOM   745 C CD2 . TYR A 1 95  ? 5.473   8.174   2.641   1.00 29.06 ? 95  TYR A CD2 1 
ATOM   746 C CE1 . TYR A 1 95  ? 6.177   10.808  3.083   1.00 31.55 ? 95  TYR A CE1 1 
ATOM   747 C CE2 . TYR A 1 95  ? 4.730   8.942   3.504   1.00 30.88 ? 95  TYR A CE2 1 
ATOM   748 C CZ  . TYR A 1 95  ? 5.089   10.257  3.716   1.00 30.75 ? 95  TYR A CZ  1 
ATOM   749 O OH  . TYR A 1 95  ? 4.353   11.029  4.567   1.00 33.67 ? 95  TYR A OH  1 
ATOM   750 N N   . TYR A 1 96  ? 8.267   5.195   0.160   1.00 27.45 ? 96  TYR A N   1 
ATOM   751 C CA  . TYR A 1 96  ? 8.811   4.334   -0.887  1.00 28.45 ? 96  TYR A CA  1 
ATOM   752 C C   . TYR A 1 96  ? 8.054   4.635   -2.174  1.00 28.13 ? 96  TYR A C   1 
ATOM   753 O O   . TYR A 1 96  ? 6.854   4.936   -2.141  1.00 27.11 ? 96  TYR A O   1 
ATOM   754 C CB  . TYR A 1 96  ? 8.660   2.846   -0.512  1.00 28.16 ? 96  TYR A CB  1 
ATOM   755 C CG  . TYR A 1 96  ? 9.410   2.451   0.744   1.00 30.00 ? 96  TYR A CG  1 
ATOM   756 C CD1 . TYR A 1 96  ? 8.834   2.624   2.007   1.00 32.06 ? 96  TYR A CD1 1 
ATOM   757 C CD2 . TYR A 1 96  ? 10.707  1.915   0.672   1.00 30.80 ? 96  TYR A CD2 1 
ATOM   758 C CE1 . TYR A 1 96  ? 9.514   2.261   3.159   1.00 33.41 ? 96  TYR A CE1 1 
ATOM   759 C CE2 . TYR A 1 96  ? 11.402  1.556   1.827   1.00 32.72 ? 96  TYR A CE2 1 
ATOM   760 C CZ  . TYR A 1 96  ? 10.797  1.733   3.067   1.00 34.01 ? 96  TYR A CZ  1 
ATOM   761 O OH  . TYR A 1 96  ? 11.470  1.394   4.226   1.00 35.41 ? 96  TYR A OH  1 
ATOM   762 N N   . VAL A 1 97  ? 8.769   4.566   -3.294  1.00 29.63 ? 97  VAL A N   1 
ATOM   763 C CA  . VAL A 1 97  ? 8.215   4.808   -4.635  1.00 30.68 ? 97  VAL A CA  1 
ATOM   764 C C   . VAL A 1 97  ? 8.740   3.760   -5.619  1.00 32.35 ? 97  VAL A C   1 
ATOM   765 O O   . VAL A 1 97  ? 9.884   3.316   -5.517  1.00 31.11 ? 97  VAL A O   1 
ATOM   766 C CB  A VAL A 1 97  ? 8.578   6.237   -5.129  0.50 30.95 ? 97  VAL A CB  1 
ATOM   767 C CB  B VAL A 1 97  ? 8.573   6.197   -5.234  0.50 30.97 ? 97  VAL A CB  1 
ATOM   768 C CG1 A VAL A 1 97  ? 7.747   6.623   -6.332  0.50 29.89 ? 97  VAL A CG1 1 
ATOM   769 C CG1 B VAL A 1 97  ? 7.754   7.301   -4.598  0.50 29.65 ? 97  VAL A CG1 1 
ATOM   770 C CG2 A VAL A 1 97  ? 8.376   7.260   -4.020  0.50 29.69 ? 97  VAL A CG2 1 
ATOM   771 C CG2 B VAL A 1 97  ? 10.078  6.464   -5.167  0.50 29.98 ? 97  VAL A CG2 1 
ATOM   772 N N   . PHE A 1 98  ? 7.886   3.376   -6.562  1.00 34.54 ? 98  PHE A N   1 
ATOM   773 C CA  . PHE A 1 98  ? 8.292   2.514   -7.675  1.00 37.41 ? 98  PHE A CA  1 
ATOM   774 C C   . PHE A 1 98  ? 8.365   3.386   -8.914  1.00 39.50 ? 98  PHE A C   1 
ATOM   775 O O   . PHE A 1 98  ? 7.466   4.195   -9.161  1.00 40.28 ? 98  PHE A O   1 
ATOM   776 C CB  . PHE A 1 98  ? 7.296   1.366   -7.858  1.00 36.58 ? 98  PHE A CB  1 
ATOM   777 C CG  . PHE A 1 98  ? 7.432   0.284   -6.823  1.00 37.15 ? 98  PHE A CG  1 
ATOM   778 C CD1 . PHE A 1 98  ? 6.940   0.465   -5.527  1.00 37.30 ? 98  PHE A CD1 1 
ATOM   779 C CD2 . PHE A 1 98  ? 8.082   -0.900  -7.125  1.00 37.08 ? 98  PHE A CD2 1 
ATOM   780 C CE1 . PHE A 1 98  ? 7.066   -0.530  -4.563  1.00 37.66 ? 98  PHE A CE1 1 
ATOM   781 C CE2 . PHE A 1 98  ? 8.216   -1.898  -6.166  1.00 38.06 ? 98  PHE A CE2 1 
ATOM   782 C CZ  . PHE A 1 98  ? 7.705   -1.708  -4.883  1.00 36.54 ? 98  PHE A CZ  1 
ATOM   783 N N   . GLU A 1 99  ? 9.462   3.265   -9.656  1.00 42.70 ? 99  GLU A N   1 
ATOM   784 C CA  . GLU A 1 99  ? 9.640   4.007   -10.912 1.00 45.93 ? 99  GLU A CA  1 
ATOM   785 C C   . GLU A 1 99  ? 10.454  3.219   -11.933 1.00 47.33 ? 99  GLU A C   1 
ATOM   786 O O   . GLU A 1 99  ? 11.187  2.303   -11.563 1.00 47.68 ? 99  GLU A O   1 
ATOM   787 C CB  . GLU A 1 99  ? 10.249  5.393   -10.664 1.00 45.55 ? 99  GLU A CB  1 
ATOM   788 C CG  . GLU A 1 99  ? 11.640  5.404   -10.033 1.00 46.60 ? 99  GLU A CG  1 
ATOM   789 C CD  . GLU A 1 99  ? 12.046  6.796   -9.543  1.00 47.42 ? 99  GLU A CD  1 
ATOM   790 O OE1 . GLU A 1 99  ? 11.143  7.638   -9.291  1.00 48.72 ? 99  GLU A OE1 1 
ATOM   791 O OE2 . GLU A 1 99  ? 13.267  7.046   -9.407  1.00 49.63 ? 99  GLU A OE2 1 
ATOM   792 N N   . LYS A 1 100 ? 10.323  3.580   -13.210 1.00 49.68 ? 100 LYS A N   1 
ATOM   793 C CA  . LYS A 1 100 ? 11.034  2.886   -14.304 1.00 52.13 ? 100 LYS A CA  1 
ATOM   794 C C   . LYS A 1 100 ? 12.563  2.942   -14.185 1.00 53.51 ? 100 LYS A C   1 
ATOM   795 O O   . LYS A 1 100 ? 13.133  4.000   -13.896 1.00 54.11 ? 100 LYS A O   1 
ATOM   796 C CB  . LYS A 1 100 ? 10.569  3.396   -15.680 1.00 52.68 ? 100 LYS A CB  1 
ATOM   797 C CG  . LYS A 1 100 ? 10.398  4.933   -15.804 1.00 53.74 ? 100 LYS A CG  1 
ATOM   798 C CD  . LYS A 1 100 ? 11.655  5.662   -16.323 1.00 55.87 ? 100 LYS A CD  1 
ATOM   799 C CE  . LYS A 1 100 ? 11.682  7.135   -15.911 1.00 55.34 ? 100 LYS A CE  1 
ATOM   800 N NZ  . LYS A 1 100 ? 11.642  7.342   -14.418 1.00 56.07 ? 100 LYS A NZ  1 
ATOM   801 N N   . ARG A 1 101 ? 13.217  1.796   -14.385 1.00 55.15 ? 101 ARG A N   1 
ATOM   802 C CA  . ARG A 1 101 ? 14.689  1.708   -14.371 1.00 56.88 ? 101 ARG A CA  1 
ATOM   803 C C   . ARG A 1 101 ? 15.268  2.770   -15.296 1.00 57.55 ? 101 ARG A C   1 
ATOM   804 O O   . ARG A 1 101 ? 15.899  3.721   -14.841 1.00 58.15 ? 101 ARG A O   1 
ATOM   805 C CB  . ARG A 1 101 ? 15.167  0.321   -14.818 1.00 57.10 ? 101 ARG A CB  1 
ATOM   806 C CG  . ARG A 1 101 ? 14.909  -0.806  -13.830 1.00 58.08 ? 101 ARG A CG  1 
ATOM   807 C CD  . ARG A 1 101 ? 15.986  -0.863  -12.771 1.00 60.74 ? 101 ARG A CD  1 
ATOM   808 N NE  . ARG A 1 101 ? 15.953  -2.114  -12.016 1.00 62.93 ? 101 ARG A NE  1 
ATOM   809 C CZ  . ARG A 1 101 ? 16.620  -2.321  -10.882 1.00 64.52 ? 101 ARG A CZ  1 
ATOM   810 N NH1 . ARG A 1 101 ? 17.378  -1.361  -10.360 1.00 65.24 ? 101 ARG A NH1 1 
ATOM   811 N NH2 . ARG A 1 101 ? 16.530  -3.493  -10.264 1.00 65.58 ? 101 ARG A NH2 1 
ATOM   812 N N   . GLU A 1 102 ? 15.032  2.586   -16.595 1.00 58.34 ? 102 GLU A N   1 
ATOM   813 C CA  . GLU A 1 102 ? 15.290  3.590   -17.623 1.00 58.96 ? 102 GLU A CA  1 
ATOM   814 C C   . GLU A 1 102 ? 14.691  3.107   -18.946 1.00 59.15 ? 102 GLU A C   1 
ATOM   815 O O   . GLU A 1 102 ? 13.771  2.278   -18.959 1.00 59.21 ? 102 GLU A O   1 
ATOM   816 C CB  . GLU A 1 102 ? 16.801  3.870   -17.770 1.00 59.19 ? 102 GLU A CB  1 
HETATM 817 C C1  . GOL B 2 .   ? -0.099  -3.538  16.090  1.00 44.72 ? 200 GOL A C1  1 
HETATM 818 O O1  . GOL B 2 .   ? 1.055   -3.582  15.286  1.00 43.70 ? 200 GOL A O1  1 
HETATM 819 C C2  . GOL B 2 .   ? -0.613  -2.102  16.130  1.00 44.06 ? 200 GOL A C2  1 
HETATM 820 O O2  . GOL B 2 .   ? -0.780  -1.538  14.847  1.00 41.86 ? 200 GOL A O2  1 
HETATM 821 C C3  . GOL B 2 .   ? -1.909  -1.955  16.914  1.00 45.70 ? 200 GOL A C3  1 
HETATM 822 O O3  . GOL B 2 .   ? -2.650  -0.883  16.350  1.00 43.90 ? 200 GOL A O3  1 
HETATM 823 O O   . HOH C 3 .   ? 4.964   4.030   -6.341  1.00 25.23 ? 201 HOH A O   1 
HETATM 824 O O   . HOH C 3 .   ? -6.942  -6.584  15.270  1.00 39.44 ? 202 HOH A O   1 
HETATM 825 O O   . HOH C 3 .   ? 3.156   10.479  -3.899  1.00 28.90 ? 203 HOH A O   1 
HETATM 826 O O   . HOH C 3 .   ? 4.731   7.722   7.387   0.50 26.70 ? 204 HOH A O   1 
HETATM 827 O O   . HOH C 3 .   ? 6.385   5.996   6.149   1.00 25.25 ? 205 HOH A O   1 
HETATM 828 O O   . HOH C 3 .   ? 10.614  4.453   6.027   1.00 31.71 ? 206 HOH A O   1 
HETATM 829 O O   . HOH C 3 .   ? 9.946   11.908  3.842   1.00 36.57 ? 207 HOH A O   1 
HETATM 830 O O   . HOH C 3 .   ? -3.527  -12.567 4.381   1.00 40.09 ? 208 HOH A O   1 
HETATM 831 O O   . HOH C 3 .   ? 4.463   3.244   8.145   1.00 25.87 ? 209 HOH A O   1 
HETATM 832 O O   . HOH C 3 .   ? 1.852   -8.750  7.788   1.00 39.39 ? 210 HOH A O   1 
HETATM 833 O O   . HOH C 3 .   ? 6.138   -8.658  -2.984  1.00 37.23 ? 211 HOH A O   1 
HETATM 834 O O   . HOH C 3 .   ? -0.309  2.940   -13.353 1.00 34.55 ? 212 HOH A O   1 
HETATM 835 O O   . HOH C 3 .   ? -5.889  6.747   10.948  1.00 38.66 ? 213 HOH A O   1 
HETATM 836 O O   . HOH C 3 .   ? -14.332 -7.947  3.647   1.00 32.90 ? 214 HOH A O   1 
HETATM 837 O O   . HOH C 3 .   ? 6.842   9.579   -7.746  1.00 51.31 ? 215 HOH A O   1 
HETATM 838 O O   . HOH C 3 .   ? -4.220  -10.950 -4.158  1.00 57.64 ? 216 HOH A O   1 
HETATM 839 O O   . HOH C 3 .   ? -13.176 -3.105  10.512  1.00 37.24 ? 217 HOH A O   1 
HETATM 840 O O   . HOH C 3 .   ? -5.663  4.044   17.915  1.00 49.04 ? 218 HOH A O   1 
HETATM 841 O O   . HOH C 3 .   ? -14.031 -3.393  12.971  1.00 39.61 ? 219 HOH A O   1 
HETATM 842 O O   . HOH C 3 .   ? -7.228  -8.921  16.698  1.00 48.81 ? 220 HOH A O   1 
HETATM 843 O O   . HOH C 3 .   ? -6.436  -10.945 18.321  1.00 51.51 ? 221 HOH A O   1 
HETATM 844 O O   . HOH C 3 .   ? 14.681  9.010   -5.612  1.00 51.89 ? 222 HOH A O   1 
HETATM 845 O O   . HOH C 3 .   ? -3.720  -12.010 18.510  1.00 42.74 ? 223 HOH A O   1 
HETATM 846 O O   . HOH C 3 .   ? 14.228  2.403   8.909   1.00 40.90 ? 224 HOH A O   1 
HETATM 847 O O   . HOH C 3 .   ? -16.212 -2.784  9.508   1.00 43.19 ? 225 HOH A O   1 
HETATM 848 O O   . HOH C 3 .   ? 9.683   -3.089  9.081   1.00 47.39 ? 226 HOH A O   1 
HETATM 849 O O   . HOH C 3 .   ? -15.789 -3.662  6.860   1.00 48.04 ? 227 HOH A O   1 
HETATM 850 O O   . HOH C 3 .   ? -12.179 -5.144  15.036  1.00 37.54 ? 228 HOH A O   1 
HETATM 851 O O   . HOH C 3 .   ? -8.396  8.170   7.620   1.00 60.37 ? 229 HOH A O   1 
HETATM 852 O O   . HOH C 3 .   ? -12.717 5.287   -5.828  1.00 47.80 ? 230 HOH A O   1 
HETATM 853 O O   . HOH C 3 .   ? -4.121  -15.371 10.963  1.00 49.86 ? 231 HOH A O   1 
HETATM 854 O O   . HOH C 3 .   ? 5.992   -10.244 8.618   1.00 57.88 ? 232 HOH A O   1 
HETATM 855 O O   . HOH C 3 .   ? -13.774 -4.638  6.153   1.00 50.06 ? 233 HOH A O   1 
HETATM 856 O O   . HOH C 3 .   ? 11.339  5.317   3.766   1.00 32.52 ? 234 HOH A O   1 
HETATM 857 O O   . HOH C 3 .   ? 3.181   -4.406  9.828   1.00 37.92 ? 235 HOH A O   1 
HETATM 858 O O   . HOH C 3 .   ? 1.617   -4.502  -17.354 1.00 55.62 ? 236 HOH A O   1 
HETATM 859 O O   . HOH C 3 .   ? -6.573  -11.586 1.297   1.00 43.49 ? 237 HOH A O   1 
HETATM 860 O O   . HOH C 3 .   ? 6.600   -12.566 -0.784  1.00 50.83 ? 238 HOH A O   1 
HETATM 861 O O   . HOH C 3 .   ? -5.982  15.356  -4.400  1.00 52.16 ? 239 HOH A O   1 
HETATM 862 O O   . HOH C 3 .   ? -8.466  11.606  -0.082  1.00 47.31 ? 240 HOH A O   1 
HETATM 863 O O   . HOH C 3 .   ? 5.382   10.416  7.503   1.00 45.25 ? 241 HOH A O   1 
HETATM 864 O O   . HOH C 3 .   ? -9.709  -9.725  -1.577  1.00 45.00 ? 242 HOH A O   1 
HETATM 865 O O   . HOH C 3 .   ? 17.340  5.965   -3.537  1.00 47.56 ? 243 HOH A O   1 
HETATM 866 O O   . HOH C 3 .   ? 8.889   10.678  -6.691  1.00 41.11 ? 244 HOH A O   1 
HETATM 867 O O   . HOH C 3 .   ? -1.384  -10.401 17.904  1.00 52.36 ? 245 HOH A O   1 
HETATM 868 O O   . HOH C 3 .   ? -10.666 3.980   7.185   1.00 55.86 ? 246 HOH A O   1 
HETATM 869 O O   . HOH C 3 .   ? 18.960  -3.154  -8.907  1.00 54.16 ? 247 HOH A O   1 
HETATM 870 O O   . HOH C 3 .   ? 9.536   -7.455  -7.936  1.00 59.35 ? 248 HOH A O   1 
HETATM 871 O O   . HOH C 3 .   ? -2.753  -16.192 8.748   1.00 52.28 ? 249 HOH A O   1 
HETATM 872 O O   . HOH C 3 .   ? -0.081  -13.656 14.183  1.00 48.04 ? 250 HOH A O   1 
HETATM 873 O O   . HOH C 3 .   ? 16.601  3.616   -2.671  1.00 42.43 ? 251 HOH A O   1 
HETATM 874 O O   . HOH C 3 .   ? -12.898 -8.885  -2.079  1.00 44.15 ? 252 HOH A O   1 
HETATM 875 O O   . HOH C 3 .   ? -10.980 -8.507  -4.126  1.00 54.10 ? 253 HOH A O   1 
HETATM 876 O O   . HOH C 3 .   ? -15.102 -6.384  -0.404  1.00 48.68 ? 254 HOH A O   1 
HETATM 877 O O   . HOH C 3 .   ? 6.486   4.765   -11.485 1.00 39.60 ? 255 HOH A O   1 
HETATM 878 O O   . HOH C 3 .   ? 8.868   6.424   -13.762 1.00 37.87 ? 256 HOH A O   1 
HETATM 879 O O   . HOH C 3 .   ? 1.736   -5.941  11.252  1.00 48.88 ? 257 HOH A O   1 
HETATM 880 O O   . HOH C 3 .   ? 4.278   -7.973  7.084   1.00 62.80 ? 258 HOH A O   1 
HETATM 881 O O   . HOH C 3 .   ? 7.853   -6.120  -6.486  1.00 55.85 ? 259 HOH A O   1 
HETATM 882 O O   . HOH C 3 .   ? -0.470  -14.177 0.655   1.00 53.72 ? 260 HOH A O   1 
HETATM 883 O O   . HOH C 3 .   ? -3.915  -11.705 0.297   1.00 49.54 ? 261 HOH A O   1 
HETATM 884 O O   . HOH C 3 .   ? 7.249   -5.412  8.419   1.00 43.77 ? 262 HOH A O   1 
HETATM 885 O O   . HOH C 3 .   ? 8.707   -11.410 -1.509  1.00 50.41 ? 263 HOH A O   1 
HETATM 886 O O   . HOH C 3 .   ? 10.605  -10.083 1.242   1.00 61.33 ? 264 HOH A O   1 
HETATM 887 O O   . HOH C 3 .   ? -4.416  -17.082 12.767  1.00 62.75 ? 265 HOH A O   1 
HETATM 888 O O   . HOH C 3 .   ? 2.227   9.843   5.034   1.00 51.46 ? 266 HOH A O   1 
HETATM 889 O O   . HOH C 3 .   ? 0.393   11.409  3.795   1.00 48.32 ? 267 HOH A O   1 
HETATM 890 O O   . HOH C 3 .   ? 12.454  -0.974  3.637   1.00 62.51 ? 268 HOH A O   1 
HETATM 891 O O   . HOH C 3 .   ? 14.584  -0.731  1.791   1.00 51.71 ? 269 HOH A O   1 
HETATM 892 O O   . HOH C 3 .   ? 17.026  1.159   0.101   1.00 72.62 ? 270 HOH A O   1 
HETATM 893 O O   . HOH C 3 .   ? 15.211  7.139   -14.516 1.00 58.89 ? 271 HOH A O   1 
# 
